data_6S8J
#
_entry.id   6S8J
#
_cell.length_a   1.00
_cell.length_b   1.00
_cell.length_c   1.00
_cell.angle_alpha   90.00
_cell.angle_beta   90.00
_cell.angle_gamma   90.00
#
_symmetry.space_group_name_H-M   'P 1'
#
loop_
_entity.id
_entity.type
_entity.pdbx_description
1 polymer 'Light Chain'
2 polymer 'Heavy Chain'
3 polymer 'Envelope Glycoprotein 1'
4 polymer 'Envelope glycoprotein'
5 branched 2-acetamido-2-deoxy-beta-D-glucopyranose-(1-4)-2-acetamido-2-deoxy-beta-D-glucopyranose
6 water water
#
loop_
_entity_poly.entity_id
_entity_poly.type
_entity_poly.pdbx_seq_one_letter_code
_entity_poly.pdbx_strand_id
1 'polypeptide(L)'
;QSVLTQPPSVSGAPGQRVTISCTGSSSNIGAGYDVQWYQQLPGTAPKVLIYGNNNRPSGVPDRFSGSKSGSSASLAITGL
QAEDEADYYCQTYDSRLRDQWVFGGGTKLTVLGQPKAAPSVTLFPPSSEELQANKATLVCLISDFYPGAVTVAWKADSSP
VKAGVETTTPSKQSNNKYAASSYLSLTPEQWKSHRSYSCQVTHEGSTVEKTVAPTECS
;
L,O,U
2 'polypeptide(L)'
;EVQLVESGGGLVKPGGSLRLSCAASGFSFGNAWMNWVRQAPGKGLEWVGRIKSKSDGGTTDYAAPVKDRFIISRDDSKKT
LYLQMNSLRREDTAVYYCVRGPFYCDTCGPNDYWGQGTLVTVSSGSTKGPSVFPLAPSSKSTSGGTAALGCLVKDYFPEP
VTVSWNSGALTSGVHTFPAVLQSSGLYSLSSVVTVPSSSLGTQTYICNVNHKPSNTKVDKRVEPKSCDKTH
;
H,P,Y
3 'polypeptide(L)'
;ETGRSIPLGVIHNSALQVSDVDKLVCRDKLSSTNQLRSVGLNLEGNGVATDVPSATKRWGFRSGVPPKVVNYEAGEWAEN
CYNLEIKKPDGSECLPAAPDGIRGFPRCRYVHKVSGTGPCAGDFAFHKEGAFFLYDRLASTVIYRGTTFAEGVVAFLILP
QAKKDFFSSHPLREPVNATEDPSSGYYSTTIRYQATGFGTNETEYLFEVDNLTYVQLESRFTPQFLLQLNETIYTSGKRS
NTTGKLIWKVNPEIDTTIGEWAFWETKKNLTRKIRSEELSFTVVSTHHQDTGEESASSGKLGLITNTIAGVAGLITGGRR
TRR
;
A,C,E
4 'polypeptide(L)'
;EAIVNAQPKCNPNLHYWTTQDEGAAIGLAWIPYFGPAAEGIYIEGLMHNQDGLICGLRQLANETTQALQLFLRATTELRT
FSILNRKAIDFLLQRWGGTCHILGPDCCIEPHDWTKNITDKIDQIIHDFVDGSGYIPEAPRDGQAYVRKDGEWVLLSTFL
GTHHHHHH
;
B,D,F
#
loop_
_chem_comp.id
_chem_comp.type
_chem_comp.name
_chem_comp.formula
NAG D-saccharide, beta linking 2-acetamido-2-deoxy-beta-D-glucopyranose 'C8 H15 N O6'
#
# COMPACT_ATOMS: atom_id res chain seq x y z
N SER A 2 -18.77 -27.96 -28.96
CA SER A 2 -19.12 -26.61 -28.52
C SER A 2 -18.22 -25.55 -29.16
N VAL A 3 -18.64 -25.08 -30.33
CA VAL A 3 -17.92 -24.06 -31.08
C VAL A 3 -18.84 -22.87 -31.28
N LEU A 4 -18.29 -21.66 -31.09
CA LEU A 4 -19.05 -20.42 -31.24
C LEU A 4 -19.53 -20.21 -32.67
N THR A 5 -20.72 -19.66 -32.82
CA THR A 5 -21.28 -19.34 -34.12
C THR A 5 -21.35 -17.83 -34.32
N GLN A 6 -21.49 -17.42 -35.58
CA GLN A 6 -21.48 -16.03 -35.99
C GLN A 6 -22.20 -15.92 -37.34
N PRO A 7 -22.82 -14.77 -37.63
CA PRO A 7 -23.47 -14.61 -38.93
C PRO A 7 -22.43 -14.49 -40.02
N PRO A 8 -22.71 -14.98 -41.22
CA PRO A 8 -21.77 -14.80 -42.35
C PRO A 8 -21.33 -13.36 -42.59
N SER A 9 -22.28 -12.42 -42.66
CA SER A 9 -21.92 -11.03 -42.94
C SER A 9 -23.01 -10.12 -42.38
N VAL A 10 -22.62 -8.88 -42.08
CA VAL A 10 -23.54 -7.83 -41.68
C VAL A 10 -23.22 -6.58 -42.48
N SER A 11 -24.19 -5.68 -42.55
CA SER A 11 -24.10 -4.47 -43.36
C SER A 11 -24.81 -3.34 -42.63
N GLY A 12 -24.48 -2.11 -43.01
CA GLY A 12 -25.21 -0.97 -42.48
C GLY A 12 -24.74 0.33 -43.10
N ALA A 13 -25.64 1.31 -43.07
CA ALA A 13 -25.38 2.62 -43.66
C ALA A 13 -24.39 3.41 -42.80
N PRO A 14 -23.62 4.31 -43.42
CA PRO A 14 -22.74 5.18 -42.64
C PRO A 14 -23.49 5.99 -41.59
N GLY A 15 -22.91 6.10 -40.40
CA GLY A 15 -23.44 6.90 -39.33
C GLY A 15 -24.37 6.20 -38.38
N GLN A 16 -24.86 5.01 -38.73
CA GLN A 16 -25.78 4.27 -37.89
C GLN A 16 -25.01 3.32 -36.96
N ARG A 17 -25.76 2.58 -36.14
CA ARG A 17 -25.22 1.61 -35.20
C ARG A 17 -25.47 0.20 -35.71
N VAL A 18 -24.47 -0.68 -35.59
CA VAL A 18 -24.69 -2.10 -35.87
C VAL A 18 -24.19 -2.93 -34.70
N THR A 19 -24.75 -4.14 -34.59
CA THR A 19 -24.36 -5.10 -33.58
C THR A 19 -24.05 -6.44 -34.23
N ILE A 20 -22.97 -7.06 -33.78
CA ILE A 20 -22.55 -8.39 -34.22
C ILE A 20 -22.78 -9.37 -33.07
N SER A 21 -23.47 -10.47 -33.35
CA SER A 21 -23.82 -11.46 -32.35
C SER A 21 -22.81 -12.61 -32.35
N CYS A 22 -22.53 -13.13 -31.16
CA CYS A 22 -21.73 -14.34 -30.99
C CYS A 22 -22.45 -15.25 -30.00
N THR A 23 -22.87 -16.43 -30.47
CA THR A 23 -23.68 -17.35 -29.69
C THR A 23 -22.88 -18.59 -29.33
N GLY A 24 -22.87 -18.95 -28.05
CA GLY A 24 -22.10 -20.10 -27.62
C GLY A 24 -22.93 -21.20 -27.00
N SER A 25 -22.46 -21.76 -25.87
CA SER A 25 -23.16 -22.83 -25.18
C SER A 25 -23.04 -22.62 -23.68
N SER A 26 -23.65 -23.52 -22.91
CA SER A 26 -23.64 -23.41 -21.45
C SER A 26 -22.28 -23.71 -20.85
N SER A 27 -21.34 -24.22 -21.62
CA SER A 27 -19.98 -24.48 -21.17
C SER A 27 -18.98 -23.45 -21.65
N ASN A 28 -19.40 -22.50 -22.49
CA ASN A 28 -18.48 -21.58 -23.15
C ASN A 28 -18.60 -20.17 -22.61
N ILE A 29 -19.77 -19.55 -22.74
CA ILE A 29 -19.99 -18.18 -22.31
C ILE A 29 -20.76 -18.14 -21.01
N GLY A 30 -21.83 -18.92 -20.91
CA GLY A 30 -22.61 -18.93 -19.70
C GLY A 30 -21.97 -19.61 -18.53
N ALA A 31 -20.80 -20.21 -18.71
CA ALA A 31 -20.04 -20.75 -17.59
C ALA A 31 -19.21 -19.68 -16.89
N GLY A 32 -19.10 -18.48 -17.45
CA GLY A 32 -18.37 -17.43 -16.79
C GLY A 32 -16.99 -17.11 -17.35
N TYR A 33 -16.83 -17.16 -18.66
CA TYR A 33 -15.54 -16.90 -19.29
C TYR A 33 -15.62 -15.61 -20.10
N ASP A 34 -14.49 -14.94 -20.26
CA ASP A 34 -14.50 -13.68 -20.97
C ASP A 34 -14.61 -13.92 -22.47
N VAL A 35 -15.15 -12.94 -23.17
CA VAL A 35 -15.30 -12.98 -24.62
C VAL A 35 -14.49 -11.83 -25.19
N GLN A 36 -13.62 -12.14 -26.13
CA GLN A 36 -12.81 -11.13 -26.78
C GLN A 36 -13.22 -10.94 -28.24
N TRP A 37 -13.01 -9.74 -28.75
CA TRP A 37 -13.30 -9.40 -30.13
C TRP A 37 -12.06 -8.87 -30.82
N TYR A 38 -11.80 -9.39 -32.04
CA TYR A 38 -10.66 -9.00 -32.84
C TYR A 38 -11.13 -8.49 -34.20
N GLN A 39 -10.44 -7.48 -34.72
CA GLN A 39 -10.72 -6.88 -36.02
C GLN A 39 -9.53 -7.11 -36.95
N GLN A 40 -9.74 -7.90 -37.99
CA GLN A 40 -8.74 -8.20 -39.01
C GLN A 40 -9.08 -7.47 -40.31
N LEU A 41 -8.36 -6.39 -40.58
CA LEU A 41 -8.51 -5.71 -41.86
C LEU A 41 -7.86 -6.56 -42.95
N PRO A 42 -8.46 -6.61 -44.14
CA PRO A 42 -7.88 -7.42 -45.22
C PRO A 42 -6.41 -7.06 -45.45
N GLY A 43 -5.57 -8.08 -45.51
CA GLY A 43 -4.17 -7.89 -45.81
C GLY A 43 -3.26 -7.79 -44.60
N THR A 44 -3.82 -7.77 -43.39
CA THR A 44 -3.01 -7.56 -42.18
C THR A 44 -3.36 -8.56 -41.09
N ALA A 45 -2.83 -8.35 -39.89
CA ALA A 45 -2.97 -9.27 -38.78
C ALA A 45 -4.04 -8.79 -37.82
N PRO A 46 -4.65 -9.71 -37.06
CA PRO A 46 -5.66 -9.29 -36.07
C PRO A 46 -5.07 -8.33 -35.05
N LYS A 47 -5.90 -7.37 -34.63
CA LYS A 47 -5.53 -6.52 -33.51
C LYS A 47 -6.64 -6.62 -32.47
N VAL A 48 -6.23 -6.52 -31.20
CA VAL A 48 -7.19 -6.62 -30.10
C VAL A 48 -8.09 -5.41 -30.12
N LEU A 49 -9.40 -5.66 -30.10
CA LEU A 49 -10.42 -4.63 -30.07
C LEU A 49 -11.15 -4.61 -28.73
N ILE A 50 -11.66 -5.75 -28.28
CA ILE A 50 -12.33 -5.86 -26.99
C ILE A 50 -11.74 -7.05 -26.24
N TYR A 51 -11.35 -6.83 -24.98
CA TYR A 51 -10.79 -7.89 -24.15
C TYR A 51 -11.51 -7.91 -22.81
N GLY A 52 -11.53 -9.08 -22.19
CA GLY A 52 -12.19 -9.25 -20.90
C GLY A 52 -13.64 -8.82 -20.88
N ASN A 53 -14.37 -9.13 -21.93
CA ASN A 53 -15.80 -8.89 -22.11
C ASN A 53 -16.19 -7.43 -22.29
N ASN A 54 -15.55 -6.52 -21.55
CA ASN A 54 -15.91 -5.11 -21.62
C ASN A 54 -14.75 -4.16 -21.86
N ASN A 55 -13.53 -4.53 -21.49
CA ASN A 55 -12.41 -3.61 -21.51
C ASN A 55 -11.93 -3.27 -22.91
N ARG A 56 -11.39 -2.07 -23.05
CA ARG A 56 -10.79 -1.55 -24.27
C ARG A 56 -9.35 -1.16 -23.97
N PRO A 57 -8.39 -1.60 -24.77
CA PRO A 57 -7.02 -1.14 -24.57
C PRO A 57 -6.88 0.30 -25.05
N SER A 58 -5.88 0.99 -24.50
CA SER A 58 -5.66 2.39 -24.83
C SER A 58 -5.48 2.58 -26.33
N GLY A 59 -6.22 3.54 -26.89
CA GLY A 59 -6.15 3.84 -28.30
C GLY A 59 -7.36 3.44 -29.11
N VAL A 60 -8.24 2.61 -28.57
CA VAL A 60 -9.42 2.15 -29.30
C VAL A 60 -10.55 3.16 -29.09
N PRO A 61 -11.15 3.68 -30.17
CA PRO A 61 -12.24 4.64 -30.02
C PRO A 61 -13.39 4.05 -29.21
N ASP A 62 -14.13 4.93 -28.53
CA ASP A 62 -15.26 4.51 -27.72
C ASP A 62 -16.46 4.13 -28.59
N ARG A 63 -16.29 4.08 -29.92
CA ARG A 63 -17.39 3.62 -30.75
C ARG A 63 -17.60 2.13 -30.60
N PHE A 64 -16.60 1.42 -30.09
CA PHE A 64 -16.62 -0.02 -29.99
C PHE A 64 -16.97 -0.38 -28.55
N SER A 65 -18.03 -1.18 -28.37
CA SER A 65 -18.31 -1.71 -27.05
C SER A 65 -18.91 -3.10 -27.23
N GLY A 66 -19.40 -3.67 -26.14
CA GLY A 66 -19.99 -4.99 -26.23
C GLY A 66 -20.56 -5.40 -24.89
N SER A 67 -21.15 -6.58 -24.89
CA SER A 67 -21.83 -7.07 -23.70
C SER A 67 -21.98 -8.57 -23.77
N LYS A 68 -22.37 -9.15 -22.64
CA LYS A 68 -22.58 -10.58 -22.48
C LYS A 68 -23.89 -10.82 -21.74
N SER A 69 -24.66 -11.79 -22.20
CA SER A 69 -25.90 -12.14 -21.53
C SER A 69 -26.25 -13.58 -21.84
N GLY A 70 -26.65 -14.32 -20.80
CA GLY A 70 -26.99 -15.72 -20.99
C GLY A 70 -25.80 -16.47 -21.55
N SER A 71 -25.95 -16.99 -22.75
CA SER A 71 -24.90 -17.72 -23.46
C SER A 71 -24.51 -17.02 -24.75
N SER A 72 -24.66 -15.69 -24.80
CA SER A 72 -24.38 -14.94 -26.01
C SER A 72 -23.64 -13.66 -25.66
N ALA A 73 -23.06 -13.04 -26.68
CA ALA A 73 -22.37 -11.77 -26.54
C ALA A 73 -22.61 -10.91 -27.78
N SER A 74 -22.46 -9.61 -27.61
CA SER A 74 -22.67 -8.67 -28.70
C SER A 74 -21.52 -7.68 -28.76
N LEU A 75 -21.19 -7.26 -29.98
CA LEU A 75 -20.29 -6.14 -30.22
C LEU A 75 -21.08 -5.03 -30.91
N ALA A 76 -21.10 -3.85 -30.31
CA ALA A 76 -21.84 -2.70 -30.83
C ALA A 76 -20.86 -1.66 -31.34
N ILE A 77 -21.00 -1.26 -32.60
CA ILE A 77 -20.19 -0.21 -33.20
C ILE A 77 -21.12 0.81 -33.84
N THR A 78 -21.07 2.05 -33.35
CA THR A 78 -21.97 3.11 -33.76
C THR A 78 -21.20 4.18 -34.51
N GLY A 79 -21.69 4.56 -35.70
CA GLY A 79 -21.02 5.56 -36.49
C GLY A 79 -20.04 5.02 -37.50
N LEU A 80 -20.52 4.09 -38.34
CA LEU A 80 -19.67 3.40 -39.30
C LEU A 80 -18.87 4.39 -40.14
N GLN A 81 -17.57 4.17 -40.19
CA GLN A 81 -16.71 4.91 -41.09
C GLN A 81 -16.20 3.98 -42.18
N ALA A 82 -15.67 4.58 -43.25
CA ALA A 82 -15.16 3.80 -44.38
C ALA A 82 -14.10 2.78 -43.95
N GLU A 83 -13.35 3.07 -42.90
CA GLU A 83 -12.24 2.21 -42.50
C GLU A 83 -12.68 1.00 -41.70
N ASP A 84 -13.98 0.83 -41.43
CA ASP A 84 -14.42 -0.26 -40.58
C ASP A 84 -14.58 -1.59 -41.29
N GLU A 85 -14.49 -1.62 -42.62
CA GLU A 85 -14.56 -2.90 -43.34
C GLU A 85 -13.46 -3.83 -42.85
N ALA A 86 -13.85 -4.98 -42.31
CA ALA A 86 -12.92 -5.91 -41.70
C ALA A 86 -13.67 -7.19 -41.35
N ASP A 87 -12.92 -8.23 -41.01
CA ASP A 87 -13.47 -9.46 -40.44
C ASP A 87 -13.33 -9.44 -38.92
N TYR A 88 -14.45 -9.64 -38.23
CA TYR A 88 -14.50 -9.62 -36.78
C TYR A 88 -14.62 -11.05 -36.25
N TYR A 89 -13.83 -11.38 -35.23
CA TYR A 89 -13.86 -12.71 -34.62
C TYR A 89 -14.08 -12.60 -33.12
N CYS A 90 -15.04 -13.40 -32.62
CA CYS A 90 -15.27 -13.57 -31.19
C CYS A 90 -14.55 -14.81 -30.69
N GLN A 91 -13.98 -14.72 -29.48
CA GLN A 91 -13.21 -15.79 -28.89
C GLN A 91 -13.59 -15.98 -27.42
N THR A 92 -13.60 -17.25 -26.98
CA THR A 92 -13.83 -17.56 -25.57
C THR A 92 -13.14 -18.89 -25.24
N TYR A 93 -13.20 -19.29 -23.97
CA TYR A 93 -12.52 -20.48 -23.46
C TYR A 93 -13.54 -21.57 -23.20
N ASP A 94 -13.41 -22.72 -23.87
CA ASP A 94 -14.35 -23.80 -23.58
C ASP A 94 -13.96 -24.51 -22.29
N SER A 95 -14.96 -24.82 -21.46
CA SER A 95 -14.72 -25.47 -20.18
C SER A 95 -14.81 -26.99 -20.23
N ARG A 96 -15.36 -27.54 -21.30
CA ARG A 96 -15.47 -28.98 -21.46
C ARG A 96 -14.43 -29.49 -22.45
N LEU A 97 -13.63 -28.59 -23.00
CA LEU A 97 -12.56 -28.88 -23.94
C LEU A 97 -11.20 -28.63 -23.31
N ARG A 98 -11.10 -28.82 -21.99
CA ARG A 98 -9.88 -28.60 -21.21
C ARG A 98 -9.37 -27.17 -21.32
N ASP A 99 -10.27 -26.19 -21.17
CA ASP A 99 -9.92 -24.76 -21.18
C ASP A 99 -9.05 -24.39 -22.38
N GLN A 100 -9.52 -24.75 -23.57
CA GLN A 100 -8.86 -24.38 -24.81
C GLN A 100 -9.64 -23.29 -25.53
N TRP A 101 -8.89 -22.45 -26.24
CA TRP A 101 -9.47 -21.37 -27.04
C TRP A 101 -10.47 -21.91 -28.05
N VAL A 102 -11.59 -21.21 -28.19
CA VAL A 102 -12.55 -21.46 -29.25
C VAL A 102 -12.85 -20.14 -29.95
N PHE A 103 -12.89 -20.18 -31.27
CA PHE A 103 -13.08 -19.03 -32.14
C PHE A 103 -14.44 -19.10 -32.82
N GLY A 104 -15.00 -17.92 -33.08
CA GLY A 104 -16.17 -17.82 -33.91
C GLY A 104 -15.85 -17.88 -35.39
N GLY A 105 -16.86 -18.20 -36.19
CA GLY A 105 -16.67 -18.30 -37.64
C GLY A 105 -16.24 -17.02 -38.32
N GLY A 106 -16.48 -15.86 -37.71
CA GLY A 106 -16.15 -14.59 -38.32
C GLY A 106 -17.25 -13.96 -39.14
N THR A 107 -17.40 -12.63 -39.06
CA THR A 107 -18.43 -11.90 -39.80
C THR A 107 -17.76 -10.77 -40.57
N LYS A 108 -18.06 -10.68 -41.87
CA LYS A 108 -17.55 -9.59 -42.70
C LYS A 108 -18.48 -8.39 -42.63
N LEU A 109 -17.88 -7.21 -42.48
CA LEU A 109 -18.59 -5.95 -42.41
C LEU A 109 -18.39 -5.18 -43.71
N THR A 110 -19.47 -4.58 -44.21
CA THR A 110 -19.41 -3.79 -45.43
C THR A 110 -20.14 -2.47 -45.22
N VAL A 111 -19.63 -1.43 -45.86
CA VAL A 111 -20.23 -0.11 -45.76
C VAL A 111 -20.59 0.42 -47.15
N VAL B 2 7.63 -2.86 -28.12
CA VAL B 2 7.25 -4.26 -28.11
C VAL B 2 7.28 -4.81 -29.53
N GLN B 3 8.01 -5.91 -29.74
CA GLN B 3 8.07 -6.53 -31.05
C GLN B 3 8.01 -8.05 -30.93
N LEU B 4 7.23 -8.67 -31.81
CA LEU B 4 7.23 -10.11 -31.99
C LEU B 4 7.63 -10.37 -33.45
N VAL B 5 8.74 -11.06 -33.65
CA VAL B 5 9.26 -11.33 -34.99
C VAL B 5 9.26 -12.83 -35.20
N GLU B 6 8.39 -13.31 -36.08
CA GLU B 6 8.27 -14.74 -36.37
C GLU B 6 8.82 -15.06 -37.75
N SER B 7 9.59 -16.13 -37.83
CA SER B 7 10.31 -16.49 -39.05
C SER B 7 10.44 -18.01 -39.12
N GLY B 8 10.98 -18.46 -40.26
CA GLY B 8 11.17 -19.87 -40.54
C GLY B 8 10.08 -20.53 -41.36
N GLY B 9 9.13 -19.78 -41.90
CA GLY B 9 8.15 -20.35 -42.80
C GLY B 9 8.63 -20.51 -44.23
N GLY B 10 8.59 -21.73 -44.74
CA GLY B 10 9.02 -21.99 -46.10
C GLY B 10 8.24 -23.12 -46.73
N LEU B 11 8.26 -23.16 -48.06
CA LEU B 11 7.60 -24.23 -48.80
C LEU B 11 8.19 -25.57 -48.39
N VAL B 12 7.31 -26.55 -48.16
CA VAL B 12 7.73 -27.84 -47.64
C VAL B 12 7.00 -28.94 -48.40
N LYS B 13 7.70 -30.06 -48.64
CA LYS B 13 7.06 -31.21 -49.25
C LYS B 13 6.16 -31.89 -48.22
N PRO B 14 5.03 -32.46 -48.64
CA PRO B 14 4.19 -33.21 -47.70
C PRO B 14 4.99 -34.29 -47.00
N GLY B 15 4.77 -34.42 -45.69
CA GLY B 15 5.46 -35.39 -44.88
C GLY B 15 6.74 -34.92 -44.23
N GLY B 16 7.20 -33.70 -44.56
CA GLY B 16 8.46 -33.20 -44.05
C GLY B 16 8.31 -32.52 -42.70
N SER B 17 9.39 -31.83 -42.29
CA SER B 17 9.44 -31.16 -41.01
C SER B 17 9.99 -29.74 -41.17
N LEU B 18 9.43 -28.81 -40.40
CA LEU B 18 9.83 -27.41 -40.41
C LEU B 18 9.83 -26.91 -38.97
N ARG B 19 10.62 -25.87 -38.71
CA ARG B 19 10.67 -25.23 -37.40
C ARG B 19 10.41 -23.74 -37.53
N LEU B 20 9.50 -23.22 -36.69
CA LEU B 20 9.16 -21.80 -36.68
C LEU B 20 9.60 -21.16 -35.36
N SER B 21 10.13 -19.95 -35.45
CA SER B 21 10.54 -19.22 -34.26
C SER B 21 9.81 -17.89 -34.20
N CYS B 22 9.56 -17.45 -32.97
CA CYS B 22 8.93 -16.16 -32.68
C CYS B 22 9.79 -15.53 -31.59
N ALA B 23 10.64 -14.59 -31.98
CA ALA B 23 11.52 -13.89 -31.05
C ALA B 23 10.80 -12.66 -30.52
N ALA B 24 10.79 -12.51 -29.20
CA ALA B 24 10.09 -11.43 -28.54
C ALA B 24 11.10 -10.41 -28.00
N SER B 25 10.68 -9.14 -28.00
CA SER B 25 11.43 -8.13 -27.28
C SER B 25 10.49 -7.05 -26.80
N GLY B 26 10.89 -6.36 -25.74
CA GLY B 26 10.19 -5.20 -25.25
C GLY B 26 9.26 -5.43 -24.07
N PHE B 27 9.12 -6.66 -23.59
CA PHE B 27 8.21 -6.94 -22.48
C PHE B 27 8.76 -8.10 -21.67
N SER B 28 8.13 -8.33 -20.52
CA SER B 28 8.58 -9.36 -19.57
C SER B 28 8.23 -10.74 -20.13
N PHE B 29 9.06 -11.18 -21.08
CA PHE B 29 8.85 -12.47 -21.74
C PHE B 29 8.69 -13.60 -20.73
N GLY B 30 9.49 -13.60 -19.67
CA GLY B 30 9.51 -14.71 -18.73
C GLY B 30 8.26 -14.88 -17.91
N ASN B 31 7.37 -13.89 -17.89
CA ASN B 31 6.17 -13.92 -17.06
C ASN B 31 4.89 -14.08 -17.88
N ALA B 32 4.99 -14.49 -19.14
CA ALA B 32 3.83 -14.55 -20.01
C ALA B 32 3.61 -15.96 -20.52
N TRP B 33 2.37 -16.22 -20.89
CA TRP B 33 1.95 -17.47 -21.53
C TRP B 33 1.94 -17.23 -23.04
N MET B 34 2.45 -18.18 -23.80
CA MET B 34 2.55 -17.93 -25.23
C MET B 34 1.72 -18.93 -26.02
N ASN B 35 0.99 -18.43 -27.00
CA ASN B 35 0.11 -19.24 -27.83
C ASN B 35 0.54 -19.18 -29.29
N TRP B 36 0.31 -20.28 -30.00
CA TRP B 36 0.43 -20.33 -31.45
C TRP B 36 -0.97 -20.51 -32.02
N VAL B 37 -1.31 -19.68 -33.02
CA VAL B 37 -2.56 -19.77 -33.76
C VAL B 37 -2.23 -19.76 -35.24
N ARG B 38 -3.23 -20.12 -36.05
CA ARG B 38 -3.02 -20.14 -37.49
C ARG B 38 -4.28 -19.72 -38.22
N GLN B 39 -4.11 -19.32 -39.48
CA GLN B 39 -5.20 -18.93 -40.35
C GLN B 39 -4.94 -19.48 -41.75
N ALA B 40 -5.82 -20.35 -42.23
CA ALA B 40 -5.67 -20.82 -43.59
C ALA B 40 -6.24 -19.79 -44.55
N PRO B 41 -5.69 -19.71 -45.77
CA PRO B 41 -6.22 -18.76 -46.76
C PRO B 41 -7.71 -18.93 -46.99
N GLY B 42 -8.45 -17.83 -46.86
CA GLY B 42 -9.86 -17.80 -47.14
C GLY B 42 -10.77 -18.18 -45.99
N LYS B 43 -10.23 -18.77 -44.93
CA LYS B 43 -11.02 -19.16 -43.76
C LYS B 43 -10.54 -18.38 -42.54
N GLY B 44 -11.26 -18.56 -41.43
CA GLY B 44 -11.00 -17.83 -40.22
C GLY B 44 -9.92 -18.42 -39.33
N LEU B 45 -9.88 -17.91 -38.11
CA LEU B 45 -8.79 -18.17 -37.19
C LEU B 45 -8.96 -19.51 -36.46
N GLU B 46 -7.83 -20.13 -36.15
CA GLU B 46 -7.81 -21.36 -35.36
C GLU B 46 -6.67 -21.27 -34.35
N TRP B 47 -6.84 -21.98 -33.24
CA TRP B 47 -5.85 -22.03 -32.17
C TRP B 47 -5.17 -23.39 -32.19
N VAL B 48 -3.84 -23.39 -32.28
CA VAL B 48 -3.09 -24.65 -32.31
C VAL B 48 -2.55 -25.03 -30.94
N GLY B 49 -1.91 -24.12 -30.21
CA GLY B 49 -1.38 -24.58 -28.94
C GLY B 49 -0.94 -23.48 -28.00
N ARG B 50 -0.70 -23.89 -26.74
CA ARG B 50 -0.22 -22.98 -25.71
C ARG B 50 0.88 -23.58 -24.85
N ILE B 51 1.79 -22.71 -24.38
CA ILE B 51 2.80 -23.04 -23.40
C ILE B 51 2.67 -22.06 -22.23
N LYS B 52 2.74 -22.58 -21.01
CA LYS B 52 2.63 -21.77 -19.80
C LYS B 52 3.98 -21.28 -19.33
N SER B 53 3.95 -20.30 -18.44
CA SER B 53 5.16 -19.76 -17.85
C SER B 53 5.88 -20.79 -16.99
N LYS B 54 7.19 -20.60 -16.82
CA LYS B 54 7.97 -21.45 -15.93
C LYS B 54 7.39 -21.47 -14.52
N SER B 55 6.94 -20.31 -14.03
CA SER B 55 6.44 -20.20 -12.67
C SER B 55 5.14 -20.94 -12.44
N ASP B 56 4.45 -21.35 -13.51
CA ASP B 56 3.15 -22.01 -13.41
C ASP B 56 3.19 -23.40 -13.99
N GLY B 57 4.35 -24.05 -13.95
CA GLY B 57 4.42 -25.44 -14.34
C GLY B 57 5.23 -25.63 -15.60
N GLY B 58 5.09 -24.72 -16.56
CA GLY B 58 5.79 -24.83 -17.82
C GLY B 58 5.20 -25.84 -18.77
N THR B 59 3.99 -26.30 -18.52
CA THR B 59 3.39 -27.35 -19.33
C THR B 59 2.83 -26.77 -20.63
N THR B 60 2.52 -27.66 -21.57
CA THR B 60 1.99 -27.29 -22.87
C THR B 60 0.70 -28.03 -23.13
N ASP B 61 -0.24 -27.37 -23.80
CA ASP B 61 -1.44 -28.02 -24.29
C ASP B 61 -1.57 -27.81 -25.79
N TYR B 62 -2.23 -28.77 -26.45
CA TYR B 62 -2.38 -28.81 -27.90
C TYR B 62 -3.81 -29.14 -28.25
N ALA B 63 -4.25 -28.63 -29.41
CA ALA B 63 -5.57 -28.95 -29.92
C ALA B 63 -5.59 -30.37 -30.48
N ALA B 64 -6.78 -30.96 -30.50
CA ALA B 64 -6.89 -32.38 -30.84
C ALA B 64 -6.39 -32.73 -32.23
N PRO B 65 -6.67 -31.96 -33.30
CA PRO B 65 -6.13 -32.36 -34.61
C PRO B 65 -4.62 -32.34 -34.67
N VAL B 66 -3.99 -31.33 -34.06
CA VAL B 66 -2.54 -31.16 -34.15
C VAL B 66 -1.77 -31.89 -33.06
N LYS B 67 -2.43 -32.48 -32.07
CA LYS B 67 -1.73 -33.15 -30.98
C LYS B 67 -0.96 -34.36 -31.50
N ASP B 68 0.23 -34.58 -30.92
CA ASP B 68 1.18 -35.67 -31.17
C ASP B 68 2.03 -35.48 -32.42
N ARG B 69 1.89 -34.37 -33.14
CA ARG B 69 2.74 -34.11 -34.30
C ARG B 69 3.49 -32.80 -34.21
N PHE B 70 3.12 -31.92 -33.29
CA PHE B 70 3.72 -30.61 -33.11
C PHE B 70 4.25 -30.50 -31.69
N ILE B 71 5.37 -29.80 -31.52
CA ILE B 71 5.91 -29.59 -30.18
C ILE B 71 6.24 -28.12 -29.99
N ILE B 72 5.71 -27.54 -28.92
CA ILE B 72 5.90 -26.14 -28.59
C ILE B 72 6.90 -26.04 -27.44
N SER B 73 7.81 -25.07 -27.52
CA SER B 73 8.74 -24.86 -26.43
C SER B 73 9.18 -23.41 -26.41
N ARG B 74 10.11 -23.09 -25.52
CA ARG B 74 10.56 -21.71 -25.34
C ARG B 74 11.94 -21.74 -24.71
N ASP B 75 12.66 -20.63 -24.90
CA ASP B 75 13.95 -20.41 -24.26
C ASP B 75 13.96 -18.98 -23.73
N ASP B 76 14.01 -18.85 -22.40
CA ASP B 76 14.02 -17.54 -21.75
C ASP B 76 15.39 -16.92 -21.72
N SER B 77 16.40 -17.61 -22.24
CA SER B 77 17.75 -17.10 -22.36
C SER B 77 17.98 -16.44 -23.72
N LYS B 78 17.10 -16.69 -24.66
CA LYS B 78 17.13 -16.04 -25.95
C LYS B 78 15.83 -15.33 -26.25
N LYS B 79 14.84 -15.41 -25.35
CA LYS B 79 13.51 -14.84 -25.51
C LYS B 79 12.81 -15.34 -26.76
N THR B 80 12.84 -16.66 -26.98
CA THR B 80 12.32 -17.22 -28.22
C THR B 80 11.29 -18.31 -27.96
N LEU B 81 10.22 -18.29 -28.75
CA LEU B 81 9.20 -19.34 -28.76
C LEU B 81 9.40 -20.17 -30.01
N TYR B 82 9.36 -21.49 -29.88
CA TYR B 82 9.55 -22.34 -31.05
C TYR B 82 8.43 -23.34 -31.20
N LEU B 83 8.02 -23.54 -32.45
CA LEU B 83 7.05 -24.57 -32.78
C LEU B 83 7.72 -25.52 -33.77
N GLN B 84 7.79 -26.79 -33.41
CA GLN B 84 8.41 -27.79 -34.26
C GLN B 84 7.29 -28.58 -34.92
N MET B 85 7.19 -28.50 -36.25
CA MET B 85 6.19 -29.21 -37.02
C MET B 85 6.87 -30.38 -37.70
N ASN B 86 6.41 -31.59 -37.43
CA ASN B 86 6.99 -32.77 -38.04
C ASN B 86 5.84 -33.67 -38.49
N SER B 87 6.14 -34.56 -39.44
CA SER B 87 5.09 -35.39 -40.04
C SER B 87 4.00 -34.47 -40.57
N LEU B 88 4.44 -33.50 -41.39
CA LEU B 88 3.58 -32.42 -41.90
C LEU B 88 2.69 -32.86 -43.05
N ARG B 89 1.67 -33.62 -42.70
CA ARG B 89 0.69 -34.06 -43.67
C ARG B 89 -0.10 -32.85 -44.16
N ARG B 90 -0.50 -32.89 -45.43
CA ARG B 90 -1.33 -31.84 -46.03
C ARG B 90 -2.44 -31.41 -45.07
N GLU B 91 -3.04 -30.23 -45.31
CA GLU B 91 -4.06 -29.52 -44.52
C GLU B 91 -3.45 -28.65 -43.42
N ASP B 92 -2.13 -28.54 -43.34
CA ASP B 92 -1.50 -27.61 -42.40
C ASP B 92 -1.13 -26.28 -43.02
N THR B 93 -1.44 -26.06 -44.30
CA THR B 93 -1.05 -24.81 -44.96
C THR B 93 -1.75 -23.63 -44.32
N ALA B 94 -0.99 -22.61 -43.94
CA ALA B 94 -1.61 -21.46 -43.27
C ALA B 94 -0.55 -20.42 -42.92
N VAL B 95 -1.04 -19.25 -42.50
CA VAL B 95 -0.22 -18.23 -41.87
C VAL B 95 -0.24 -18.45 -40.36
N TYR B 96 0.93 -18.57 -39.75
CA TYR B 96 1.04 -18.81 -38.32
C TYR B 96 1.37 -17.53 -37.58
N TYR B 97 0.77 -17.36 -36.40
CA TYR B 97 0.97 -16.20 -35.54
C TYR B 97 1.29 -16.66 -34.12
N CYS B 98 2.20 -15.95 -33.46
CA CYS B 98 2.42 -16.05 -32.02
C CYS B 98 1.69 -14.94 -31.26
N VAL B 99 0.93 -15.34 -30.24
CA VAL B 99 0.12 -14.42 -29.42
C VAL B 99 0.69 -14.44 -28.01
N ARG B 100 0.87 -13.25 -27.41
CA ARG B 100 1.64 -13.09 -26.18
C ARG B 100 0.83 -12.81 -24.91
N GLY B 101 0.94 -13.72 -23.95
CA GLY B 101 0.52 -13.46 -22.60
C GLY B 101 -0.89 -13.09 -22.21
N PRO B 102 -0.97 -12.42 -21.05
CA PRO B 102 -2.24 -11.96 -20.50
C PRO B 102 -2.72 -10.65 -21.10
N PHE B 103 -4.01 -10.61 -21.43
CA PHE B 103 -4.66 -9.46 -22.04
C PHE B 103 -4.80 -8.28 -21.09
N TYR B 104 -4.56 -8.47 -19.79
CA TYR B 104 -4.79 -7.41 -18.82
C TYR B 104 -3.50 -6.61 -18.64
N CYS B 105 -3.43 -5.51 -19.39
CA CYS B 105 -2.31 -4.59 -19.39
C CYS B 105 -2.80 -3.18 -19.15
N ASP B 106 -2.14 -2.46 -18.24
CA ASP B 106 -2.57 -1.10 -17.98
C ASP B 106 -2.35 -0.22 -19.20
N THR B 107 -1.18 -0.32 -19.82
CA THR B 107 -0.81 0.52 -20.95
C THR B 107 -0.37 -0.22 -22.22
N CYS B 108 -0.54 -1.54 -22.33
CA CYS B 108 0.01 -2.22 -23.51
C CYS B 108 -0.61 -1.73 -24.82
N GLY B 109 -1.93 -1.61 -24.89
CA GLY B 109 -2.57 -1.14 -26.10
C GLY B 109 -2.65 -2.17 -27.22
N PRO B 110 -3.29 -1.81 -28.34
CA PRO B 110 -3.39 -2.71 -29.48
C PRO B 110 -2.12 -2.77 -30.30
N ASN B 111 -1.96 -3.89 -31.01
CA ASN B 111 -0.87 -4.22 -31.90
C ASN B 111 0.29 -4.74 -31.07
N ASP B 112 0.07 -4.97 -29.78
CA ASP B 112 1.07 -5.52 -28.88
C ASP B 112 0.79 -6.96 -28.49
N TYR B 113 -0.23 -7.60 -29.06
CA TYR B 113 -0.53 -8.98 -28.71
C TYR B 113 -0.34 -9.98 -29.83
N TRP B 114 -0.25 -9.55 -31.09
CA TRP B 114 -0.05 -10.46 -32.20
C TRP B 114 1.18 -10.05 -33.01
N GLY B 115 1.70 -11.00 -33.79
CA GLY B 115 2.80 -10.74 -34.69
C GLY B 115 2.30 -10.41 -36.08
N GLN B 116 3.20 -10.54 -37.07
CA GLN B 116 2.83 -10.26 -38.44
C GLN B 116 2.39 -11.48 -39.24
N GLY B 117 2.91 -12.67 -38.92
CA GLY B 117 2.46 -13.84 -39.66
C GLY B 117 3.45 -14.46 -40.61
N THR B 118 3.66 -15.77 -40.49
CA THR B 118 4.59 -16.51 -41.34
C THR B 118 3.85 -17.56 -42.15
N LEU B 119 4.00 -17.52 -43.46
CA LEU B 119 3.30 -18.42 -44.36
C LEU B 119 4.01 -19.76 -44.47
N VAL B 120 3.28 -20.85 -44.20
CA VAL B 120 3.78 -22.21 -44.35
C VAL B 120 2.91 -22.93 -45.37
N THR B 121 3.52 -23.37 -46.46
CA THR B 121 2.87 -24.08 -47.55
C THR B 121 3.46 -25.48 -47.67
N VAL B 122 2.62 -26.49 -47.82
CA VAL B 122 3.06 -27.88 -47.92
C VAL B 122 2.75 -28.37 -49.34
N SER B 123 3.80 -28.57 -50.12
CA SER B 123 3.68 -28.92 -51.53
C SER B 123 5.05 -29.29 -52.10
N SER C 5 -25.99 -9.45 20.06
CA SER C 5 -26.66 -10.70 20.41
C SER C 5 -25.93 -11.89 19.81
N ILE C 6 -24.75 -12.21 20.34
CA ILE C 6 -23.96 -13.35 19.90
C ILE C 6 -23.83 -14.31 21.08
N PRO C 7 -24.20 -15.58 20.92
CA PRO C 7 -24.16 -16.54 22.03
C PRO C 7 -22.86 -16.61 22.81
N LEU C 8 -22.90 -16.18 24.07
CA LEU C 8 -21.77 -16.32 24.99
C LEU C 8 -22.00 -17.53 25.89
N GLY C 9 -21.09 -18.49 25.85
CA GLY C 9 -21.25 -19.74 26.56
C GLY C 9 -20.41 -19.77 27.83
N VAL C 10 -21.06 -20.08 28.94
CA VAL C 10 -20.45 -20.14 30.26
C VAL C 10 -20.32 -21.61 30.67
N ILE C 11 -19.12 -21.98 31.09
CA ILE C 11 -18.86 -23.34 31.53
C ILE C 11 -19.28 -23.49 32.99
N HIS C 12 -20.17 -24.43 33.22
CA HIS C 12 -20.72 -24.83 34.51
C HIS C 12 -19.83 -25.95 35.05
N ASN C 13 -20.34 -26.77 35.95
CA ASN C 13 -19.51 -27.86 36.45
C ASN C 13 -19.35 -28.90 35.36
N SER C 14 -18.25 -28.79 34.60
CA SER C 14 -17.94 -29.71 33.51
C SER C 14 -19.06 -29.78 32.46
N ALA C 15 -19.70 -28.64 32.20
CA ALA C 15 -20.77 -28.59 31.21
C ALA C 15 -20.77 -27.20 30.61
N LEU C 16 -21.33 -27.07 29.42
CA LEU C 16 -21.35 -25.77 28.75
C LEU C 16 -22.80 -25.36 28.51
N GLN C 17 -23.21 -24.25 29.12
CA GLN C 17 -24.53 -23.69 28.86
C GLN C 17 -24.36 -22.30 28.29
N VAL C 18 -25.18 -21.95 27.30
CA VAL C 18 -25.08 -20.61 26.72
C VAL C 18 -25.86 -19.65 27.62
N SER C 19 -25.13 -18.77 28.31
CA SER C 19 -25.78 -17.92 29.28
C SER C 19 -26.77 -16.99 28.59
N ASP C 20 -28.01 -16.98 29.09
CA ASP C 20 -29.07 -16.16 28.50
C ASP C 20 -29.02 -14.78 29.15
N VAL C 21 -28.77 -13.76 28.32
CA VAL C 21 -28.55 -12.39 28.79
C VAL C 21 -29.81 -11.63 29.21
N ASP C 22 -31.00 -11.99 28.70
CA ASP C 22 -32.19 -11.22 29.07
C ASP C 22 -32.44 -11.30 30.57
N LYS C 23 -32.42 -12.50 31.12
CA LYS C 23 -32.44 -12.63 32.57
C LYS C 23 -31.02 -12.39 33.08
N LEU C 24 -30.90 -12.22 34.38
CA LEU C 24 -29.60 -12.02 35.00
C LEU C 24 -29.46 -13.06 36.11
N VAL C 25 -28.69 -14.11 35.84
CA VAL C 25 -28.39 -15.15 36.80
C VAL C 25 -26.91 -15.00 37.17
N CYS C 26 -26.66 -14.41 38.36
CA CYS C 26 -25.33 -14.04 38.86
C CYS C 26 -24.40 -15.17 39.35
N ARG C 27 -24.82 -16.43 39.44
CA ARG C 27 -23.90 -17.40 40.04
C ARG C 27 -22.64 -17.61 39.20
N ASP C 28 -22.71 -17.33 37.91
CA ASP C 28 -21.49 -17.19 37.10
C ASP C 28 -20.63 -16.02 37.56
N LYS C 29 -19.32 -16.27 37.67
CA LYS C 29 -18.36 -15.29 38.15
C LYS C 29 -17.31 -15.07 37.07
N LEU C 30 -17.20 -13.83 36.61
CA LEU C 30 -16.19 -13.47 35.62
C LEU C 30 -15.39 -12.34 36.26
N SER C 31 -14.26 -12.67 36.87
CA SER C 31 -13.47 -11.70 37.60
C SER C 31 -12.31 -11.11 36.80
N SER C 32 -12.10 -11.52 35.55
CA SER C 32 -10.98 -11.02 34.79
C SER C 32 -11.18 -11.31 33.32
N THR C 33 -10.58 -10.47 32.48
CA THR C 33 -10.62 -10.67 31.04
C THR C 33 -9.86 -11.91 30.59
N ASN C 34 -9.00 -12.49 31.44
CA ASN C 34 -8.35 -13.74 31.09
C ASN C 34 -9.33 -14.89 30.92
N GLN C 35 -10.51 -14.81 31.56
CA GLN C 35 -11.51 -15.85 31.44
C GLN C 35 -12.22 -15.84 30.08
N LEU C 36 -12.03 -14.80 29.28
CA LEU C 36 -12.69 -14.67 27.99
C LEU C 36 -11.84 -15.30 26.89
N ARG C 37 -12.47 -16.14 26.07
CA ARG C 37 -11.77 -16.86 25.02
C ARG C 37 -12.58 -16.90 23.73
N SER C 38 -11.87 -16.88 22.61
CA SER C 38 -12.42 -17.26 21.32
C SER C 38 -11.72 -18.52 20.84
N VAL C 39 -12.48 -19.42 20.23
CA VAL C 39 -11.98 -20.73 19.83
C VAL C 39 -12.43 -21.03 18.41
N GLY C 40 -11.54 -21.59 17.61
CA GLY C 40 -11.86 -22.04 16.27
C GLY C 40 -12.00 -23.55 16.21
N LEU C 41 -13.10 -24.02 15.63
CA LEU C 41 -13.42 -25.43 15.48
C LEU C 41 -13.53 -25.78 14.00
N ASN C 42 -13.03 -26.96 13.62
CA ASN C 42 -12.99 -27.38 12.23
C ASN C 42 -14.28 -28.09 11.83
N LEU C 43 -14.81 -27.73 10.65
CA LEU C 43 -15.97 -28.41 10.11
C LEU C 43 -15.71 -29.89 9.90
N GLU C 44 -14.47 -30.25 9.51
CA GLU C 44 -14.03 -31.64 9.48
C GLU C 44 -14.53 -32.47 10.66
N GLY C 45 -14.44 -31.91 11.88
CA GLY C 45 -14.83 -32.65 13.07
C GLY C 45 -16.29 -33.01 13.14
N ASN C 46 -17.13 -32.47 12.26
CA ASN C 46 -18.53 -32.84 12.21
C ASN C 46 -18.85 -33.87 11.14
N GLY C 47 -17.86 -34.41 10.45
CA GLY C 47 -18.09 -35.47 9.49
C GLY C 47 -18.31 -35.05 8.06
N VAL C 48 -17.97 -33.81 7.69
CA VAL C 48 -18.14 -33.37 6.31
C VAL C 48 -17.09 -34.04 5.43
N ALA C 49 -17.46 -34.26 4.16
CA ALA C 49 -16.54 -34.85 3.19
C ALA C 49 -15.33 -33.96 2.97
N THR C 50 -14.14 -34.56 3.01
CA THR C 50 -12.88 -33.85 2.93
C THR C 50 -12.18 -34.00 1.58
N ASP C 51 -12.66 -34.89 0.71
CA ASP C 51 -12.11 -35.03 -0.62
C ASP C 51 -12.11 -33.69 -1.34
N VAL C 52 -11.08 -33.46 -2.15
CA VAL C 52 -10.94 -32.17 -2.85
C VAL C 52 -12.15 -31.85 -3.73
N PRO C 53 -12.64 -32.76 -4.58
CA PRO C 53 -13.83 -32.42 -5.37
C PRO C 53 -15.04 -32.08 -4.50
N SER C 54 -15.19 -32.76 -3.37
CA SER C 54 -16.30 -32.45 -2.47
C SER C 54 -16.10 -31.11 -1.81
N ALA C 55 -14.89 -30.81 -1.34
CA ALA C 55 -14.64 -29.56 -0.64
C ALA C 55 -14.83 -28.36 -1.56
N THR C 56 -14.32 -28.42 -2.78
CA THR C 56 -14.38 -27.26 -3.66
C THR C 56 -15.80 -26.90 -4.08
N LYS C 57 -16.74 -27.84 -4.01
CA LYS C 57 -18.13 -27.52 -4.32
C LYS C 57 -18.77 -26.59 -3.30
N ARG C 58 -18.17 -26.46 -2.11
CA ARG C 58 -18.68 -25.55 -1.09
C ARG C 58 -18.25 -24.10 -1.28
N TRP C 59 -17.38 -23.80 -2.25
CA TRP C 59 -16.88 -22.45 -2.46
C TRP C 59 -17.41 -21.88 -3.78
N GLY C 60 -17.59 -20.56 -3.81
CA GLY C 60 -18.12 -19.92 -5.00
C GLY C 60 -17.73 -18.46 -5.08
N PHE C 61 -17.62 -17.95 -6.30
CA PHE C 61 -17.18 -16.57 -6.54
C PHE C 61 -18.36 -15.61 -6.63
N ARG C 62 -18.15 -14.39 -6.14
CA ARG C 62 -19.19 -13.39 -6.02
C ARG C 62 -18.54 -12.01 -6.06
N SER C 63 -19.20 -11.07 -6.75
CA SER C 63 -18.85 -9.65 -6.74
C SER C 63 -19.75 -8.82 -5.83
N GLY C 64 -19.25 -7.66 -5.42
CA GLY C 64 -20.00 -6.68 -4.67
C GLY C 64 -20.00 -6.77 -3.15
N VAL C 65 -19.37 -7.76 -2.55
CA VAL C 65 -19.40 -7.96 -1.11
C VAL C 65 -18.00 -7.73 -0.55
N PRO C 66 -17.78 -6.71 0.28
CA PRO C 66 -16.44 -6.48 0.88
C PRO C 66 -16.08 -7.57 1.87
N PRO C 67 -14.83 -8.05 1.84
CA PRO C 67 -14.38 -9.06 2.81
C PRO C 67 -14.21 -8.50 4.21
N LYS C 68 -14.25 -9.42 5.19
CA LYS C 68 -14.18 -9.08 6.61
C LYS C 68 -13.35 -10.12 7.34
N VAL C 69 -12.65 -9.69 8.40
CA VAL C 69 -11.72 -10.53 9.15
C VAL C 69 -12.00 -10.38 10.65
N VAL C 70 -11.91 -11.48 11.39
CA VAL C 70 -12.08 -11.47 12.85
C VAL C 70 -11.04 -12.40 13.48
N ASN C 71 -10.46 -11.99 14.60
CA ASN C 71 -9.41 -12.77 15.25
C ASN C 71 -9.97 -13.83 16.18
N TYR C 72 -9.12 -14.83 16.48
CA TYR C 72 -9.42 -15.86 17.47
C TYR C 72 -8.12 -16.32 18.11
N GLU C 73 -8.21 -16.74 19.37
CA GLU C 73 -7.02 -16.98 20.21
C GLU C 73 -6.56 -18.42 20.25
N ALA C 74 -7.44 -19.39 20.06
CA ALA C 74 -7.10 -20.80 20.22
C ALA C 74 -7.78 -21.63 19.15
N GLY C 75 -7.12 -22.70 18.73
CA GLY C 75 -7.61 -23.49 17.62
C GLY C 75 -7.43 -24.98 17.82
N GLU C 76 -7.82 -25.72 16.79
CA GLU C 76 -7.82 -27.17 16.76
C GLU C 76 -6.82 -27.68 15.72
N TRP C 77 -6.18 -28.81 16.01
CA TRP C 77 -5.35 -29.44 14.99
C TRP C 77 -6.22 -29.93 13.83
N ALA C 78 -5.82 -29.56 12.62
CA ALA C 78 -6.54 -29.95 11.41
C ALA C 78 -5.84 -31.13 10.74
N GLU C 79 -6.62 -32.06 10.23
CA GLU C 79 -6.06 -33.09 9.36
C GLU C 79 -5.84 -32.59 7.94
N ASN C 80 -6.75 -31.76 7.43
CA ASN C 80 -6.74 -31.37 6.02
C ASN C 80 -6.76 -29.84 5.90
N CYS C 81 -5.77 -29.29 5.19
CA CYS C 81 -5.76 -27.89 4.79
C CYS C 81 -5.68 -27.82 3.28
N TYR C 82 -5.97 -26.64 2.74
CA TYR C 82 -6.02 -26.43 1.31
C TYR C 82 -5.23 -25.18 0.95
N ASN C 83 -4.68 -25.19 -0.27
CA ASN C 83 -3.81 -24.13 -0.73
C ASN C 83 -4.01 -23.99 -2.23
N LEU C 84 -4.51 -22.84 -2.69
CA LEU C 84 -5.00 -22.69 -4.05
C LEU C 84 -4.08 -21.78 -4.86
N GLU C 85 -3.75 -22.23 -6.08
CA GLU C 85 -3.02 -21.44 -7.08
C GLU C 85 -3.83 -21.54 -8.37
N ILE C 86 -4.86 -20.72 -8.50
CA ILE C 86 -5.76 -20.77 -9.64
C ILE C 86 -5.62 -19.50 -10.48
N LYS C 87 -5.57 -19.67 -11.80
CA LYS C 87 -5.44 -18.57 -12.74
C LYS C 87 -6.45 -18.70 -13.86
N LYS C 88 -6.75 -17.58 -14.52
CA LYS C 88 -7.64 -17.63 -15.67
C LYS C 88 -6.89 -18.19 -16.88
N PRO C 89 -7.62 -18.75 -17.85
CA PRO C 89 -6.95 -19.44 -18.97
C PRO C 89 -5.97 -18.58 -19.76
N ASP C 90 -6.17 -17.26 -19.82
CA ASP C 90 -5.16 -16.42 -20.44
C ASP C 90 -3.92 -16.30 -19.54
N GLY C 91 -4.14 -16.30 -18.24
CA GLY C 91 -3.10 -16.16 -17.24
C GLY C 91 -3.34 -14.87 -16.50
N SER C 92 -4.04 -14.97 -15.38
CA SER C 92 -4.42 -13.79 -14.60
C SER C 92 -4.75 -14.31 -13.20
N GLU C 93 -4.81 -13.39 -12.25
CA GLU C 93 -5.05 -13.75 -10.88
C GLU C 93 -6.52 -13.54 -10.53
N CYS C 94 -7.17 -14.59 -10.02
CA CYS C 94 -8.52 -14.48 -9.53
C CYS C 94 -8.59 -14.56 -8.01
N LEU C 95 -7.46 -14.73 -7.33
CA LEU C 95 -7.39 -14.71 -5.88
C LEU C 95 -6.47 -13.59 -5.44
N PRO C 96 -6.91 -12.71 -4.54
CA PRO C 96 -6.06 -11.60 -4.09
C PRO C 96 -4.93 -12.08 -3.19
N ALA C 97 -3.81 -11.38 -3.26
CA ALA C 97 -2.68 -11.69 -2.41
C ALA C 97 -3.01 -11.45 -0.95
N ALA C 98 -2.42 -12.29 -0.09
CA ALA C 98 -2.60 -12.15 1.36
C ALA C 98 -2.12 -10.78 1.84
N PRO C 99 -2.96 -10.03 2.55
CA PRO C 99 -2.48 -8.79 3.19
C PRO C 99 -1.38 -9.06 4.21
N ASP C 100 -0.72 -7.98 4.59
CA ASP C 100 0.31 -8.01 5.62
C ASP C 100 -0.19 -8.67 6.90
N GLY C 101 0.55 -9.69 7.35
CA GLY C 101 0.23 -10.36 8.60
C GLY C 101 -0.86 -11.40 8.57
N ILE C 102 -1.19 -11.94 7.40
CA ILE C 102 -2.06 -13.10 7.29
C ILE C 102 -1.20 -14.27 6.85
N ARG C 103 -0.87 -15.16 7.79
CA ARG C 103 -0.08 -16.35 7.52
C ARG C 103 -0.94 -17.60 7.52
N GLY C 104 -0.35 -18.69 7.05
CA GLY C 104 -1.07 -19.94 6.91
C GLY C 104 -1.43 -20.60 8.22
N PHE C 105 -2.39 -21.51 8.13
CA PHE C 105 -2.83 -22.28 9.29
C PHE C 105 -1.68 -23.07 9.91
N PRO C 106 -1.45 -22.97 11.22
CA PRO C 106 -0.25 -23.57 11.82
C PRO C 106 -0.14 -25.09 11.77
N ARG C 107 -1.19 -25.84 12.13
CA ARG C 107 -1.09 -27.30 12.29
C ARG C 107 -2.07 -28.08 11.40
N CYS C 108 -1.55 -28.67 10.32
CA CYS C 108 -2.31 -29.65 9.55
C CYS C 108 -1.40 -30.75 9.00
N ARG C 109 -1.84 -32.00 9.18
CA ARG C 109 -1.09 -33.14 8.70
C ARG C 109 -0.94 -33.15 7.18
N TYR C 110 -2.00 -32.80 6.45
CA TYR C 110 -2.00 -32.83 5.00
C TYR C 110 -2.39 -31.48 4.44
N VAL C 111 -1.61 -30.99 3.49
CA VAL C 111 -1.89 -29.76 2.75
C VAL C 111 -2.15 -30.14 1.30
N HIS C 112 -3.40 -30.06 0.87
CA HIS C 112 -3.80 -30.35 -0.51
C HIS C 112 -3.59 -29.09 -1.34
N LYS C 113 -2.51 -29.05 -2.12
CA LYS C 113 -2.17 -27.88 -2.93
C LYS C 113 -2.70 -28.06 -4.34
N VAL C 114 -3.69 -27.25 -4.72
CA VAL C 114 -4.35 -27.37 -6.01
C VAL C 114 -3.89 -26.23 -6.91
N SER C 115 -3.43 -26.59 -8.10
CA SER C 115 -3.04 -25.66 -9.14
C SER C 115 -3.88 -25.90 -10.39
N GLY C 116 -4.08 -24.85 -11.18
CA GLY C 116 -4.79 -25.02 -12.44
C GLY C 116 -5.41 -23.73 -12.92
N THR C 117 -6.46 -23.89 -13.72
CA THR C 117 -7.16 -22.78 -14.37
C THR C 117 -8.66 -22.92 -14.15
N GLY C 118 -9.34 -21.78 -14.14
CA GLY C 118 -10.78 -21.75 -14.05
C GLY C 118 -11.35 -20.43 -14.54
N PRO C 119 -12.68 -20.35 -14.63
CA PRO C 119 -13.30 -19.09 -15.06
C PRO C 119 -13.25 -17.98 -14.02
N CYS C 120 -13.25 -18.30 -12.73
CA CYS C 120 -13.13 -17.33 -11.64
C CYS C 120 -14.05 -16.12 -11.84
N ALA C 121 -15.34 -16.41 -11.96
CA ALA C 121 -16.35 -15.44 -12.37
C ALA C 121 -16.90 -14.67 -11.15
N GLY C 122 -16.04 -13.83 -10.60
CA GLY C 122 -16.39 -13.06 -9.43
C GLY C 122 -15.16 -12.50 -8.76
N ASP C 123 -15.36 -11.42 -8.00
CA ASP C 123 -14.22 -10.75 -7.39
C ASP C 123 -13.66 -11.48 -6.19
N PHE C 124 -14.50 -12.15 -5.39
CA PHE C 124 -13.99 -12.86 -4.22
C PHE C 124 -14.67 -14.21 -4.09
N ALA C 125 -13.97 -15.15 -3.46
CA ALA C 125 -14.47 -16.50 -3.23
C ALA C 125 -14.99 -16.64 -1.80
N PHE C 126 -16.26 -17.00 -1.66
CA PHE C 126 -16.94 -17.15 -0.39
C PHE C 126 -17.31 -18.61 -0.16
N HIS C 127 -17.65 -18.91 1.10
CA HIS C 127 -18.16 -20.21 1.51
C HIS C 127 -19.68 -20.23 1.36
N LYS C 128 -20.20 -21.20 0.61
CA LYS C 128 -21.63 -21.24 0.32
C LYS C 128 -22.49 -21.57 1.53
N GLU C 129 -21.93 -22.18 2.58
CA GLU C 129 -22.68 -22.46 3.78
C GLU C 129 -22.43 -21.45 4.90
N GLY C 130 -21.70 -20.38 4.63
CA GLY C 130 -21.49 -19.34 5.60
C GLY C 130 -20.42 -19.58 6.64
N ALA C 131 -19.63 -20.64 6.51
CA ALA C 131 -18.55 -20.88 7.44
C ALA C 131 -17.38 -19.94 7.12
N PHE C 132 -16.32 -20.02 7.93
CA PHE C 132 -15.16 -19.17 7.76
C PHE C 132 -13.98 -19.96 7.22
N PHE C 133 -13.03 -19.21 6.65
CA PHE C 133 -11.71 -19.72 6.27
C PHE C 133 -10.73 -19.29 7.36
N LEU C 134 -10.16 -20.28 8.04
CA LEU C 134 -9.29 -20.07 9.19
C LEU C 134 -7.84 -20.06 8.75
N TYR C 135 -7.13 -19.01 9.16
CA TYR C 135 -5.69 -18.82 8.99
C TYR C 135 -5.07 -18.77 10.37
N ASP C 136 -3.83 -18.30 10.45
CA ASP C 136 -3.14 -18.28 11.73
C ASP C 136 -3.72 -17.21 12.64
N ARG C 137 -4.70 -17.60 13.47
CA ARG C 137 -5.37 -16.74 14.44
C ARG C 137 -6.16 -15.61 13.80
N LEU C 138 -6.54 -15.75 12.53
CA LEU C 138 -7.44 -14.81 11.86
C LEU C 138 -8.38 -15.61 10.97
N ALA C 139 -9.68 -15.38 11.09
CA ALA C 139 -10.70 -16.00 10.27
C ALA C 139 -11.25 -14.97 9.30
N SER C 140 -11.31 -15.33 8.02
CA SER C 140 -11.73 -14.44 6.96
C SER C 140 -12.93 -15.01 6.23
N THR C 141 -13.71 -14.12 5.63
CA THR C 141 -14.82 -14.53 4.78
C THR C 141 -14.40 -14.94 3.37
N VAL C 142 -13.16 -14.66 2.95
CA VAL C 142 -12.73 -14.94 1.58
C VAL C 142 -11.41 -15.70 1.56
N ILE C 143 -11.11 -16.31 0.42
CA ILE C 143 -9.89 -17.09 0.19
C ILE C 143 -8.80 -16.19 -0.39
N TYR C 144 -7.61 -16.24 0.18
CA TYR C 144 -6.44 -15.56 -0.34
C TYR C 144 -5.54 -16.52 -1.12
N ARG C 145 -4.77 -15.93 -2.02
CA ARG C 145 -3.89 -16.69 -2.91
C ARG C 145 -2.73 -17.32 -2.15
N GLY C 146 -2.45 -18.59 -2.47
CA GLY C 146 -1.23 -19.24 -2.03
C GLY C 146 -1.06 -19.38 -0.53
N THR C 147 -2.15 -19.40 0.23
CA THR C 147 -2.11 -19.37 1.69
C THR C 147 -2.97 -20.50 2.23
N THR C 148 -2.37 -21.39 3.01
CA THR C 148 -3.07 -22.57 3.52
C THR C 148 -4.11 -22.19 4.56
N PHE C 149 -5.32 -22.74 4.42
CA PHE C 149 -6.43 -22.46 5.32
C PHE C 149 -7.14 -23.74 5.73
N ALA C 150 -7.92 -23.65 6.81
CA ALA C 150 -8.87 -24.68 7.20
C ALA C 150 -10.29 -24.11 7.19
N GLU C 151 -11.28 -24.95 6.91
CA GLU C 151 -12.66 -24.48 7.05
C GLU C 151 -13.08 -24.60 8.51
N GLY C 152 -13.72 -23.56 9.05
CA GLY C 152 -14.08 -23.65 10.45
C GLY C 152 -15.05 -22.58 10.90
N VAL C 153 -15.33 -22.60 12.21
CA VAL C 153 -16.28 -21.71 12.86
C VAL C 153 -15.74 -21.28 14.22
N VAL C 154 -16.26 -20.17 14.73
CA VAL C 154 -15.73 -19.49 15.91
C VAL C 154 -16.78 -19.46 17.01
N ALA C 155 -16.35 -19.75 18.25
CA ALA C 155 -17.18 -19.61 19.44
C ALA C 155 -16.50 -18.72 20.48
N PHE C 156 -17.30 -18.15 21.38
CA PHE C 156 -16.83 -17.31 22.47
C PHE C 156 -17.24 -17.91 23.81
N LEU C 157 -16.30 -17.94 24.76
CA LEU C 157 -16.47 -18.67 26.01
C LEU C 157 -16.02 -17.84 27.21
N ILE C 158 -16.72 -18.04 28.32
CA ILE C 158 -16.24 -17.69 29.65
C ILE C 158 -15.67 -18.94 30.29
N LEU C 159 -14.34 -18.97 30.47
CA LEU C 159 -13.69 -20.11 31.06
C LEU C 159 -13.84 -20.13 32.58
N PRO C 160 -13.67 -21.29 33.21
CA PRO C 160 -13.72 -21.35 34.68
C PRO C 160 -12.49 -20.75 35.33
N GLN C 161 -12.65 -20.45 36.63
CA GLN C 161 -11.59 -19.80 37.40
C GLN C 161 -10.29 -20.59 37.37
N ALA C 162 -10.36 -21.92 37.47
CA ALA C 162 -9.16 -22.74 37.45
C ALA C 162 -8.55 -22.78 36.06
N LYS C 163 -7.26 -22.44 35.98
CA LYS C 163 -6.57 -22.43 34.69
C LYS C 163 -6.38 -23.84 34.14
N LYS C 164 -6.01 -24.79 34.99
CA LYS C 164 -5.31 -25.99 34.54
C LYS C 164 -6.20 -26.88 33.67
N ASP C 165 -7.48 -27.00 34.03
CA ASP C 165 -8.35 -27.94 33.33
C ASP C 165 -8.51 -27.60 31.85
N PHE C 166 -8.58 -26.31 31.51
CA PHE C 166 -8.78 -25.88 30.13
C PHE C 166 -7.57 -25.12 29.62
N PHE C 167 -7.07 -25.55 28.47
CA PHE C 167 -6.01 -24.86 27.73
C PHE C 167 -4.79 -24.52 28.58
N TYR C 186 6.25 -32.16 15.04
CA TYR C 186 5.21 -31.76 14.09
C TYR C 186 5.72 -31.82 12.65
N TYR C 187 4.99 -32.53 11.80
CA TYR C 187 5.33 -32.69 10.39
C TYR C 187 4.10 -32.49 9.53
N SER C 188 4.32 -32.02 8.30
CA SER C 188 3.25 -31.79 7.33
C SER C 188 3.63 -32.41 6.00
N THR C 189 2.61 -32.75 5.20
CA THR C 189 2.80 -33.32 3.88
C THR C 189 1.94 -32.57 2.87
N THR C 190 2.45 -32.44 1.64
CA THR C 190 1.75 -31.75 0.57
C THR C 190 1.36 -32.73 -0.54
N ILE C 191 0.11 -32.67 -0.96
CA ILE C 191 -0.41 -33.49 -2.06
C ILE C 191 -0.85 -32.55 -3.18
N ARG C 192 -0.23 -32.68 -4.35
CA ARG C 192 -0.44 -31.75 -5.44
C ARG C 192 -1.48 -32.24 -6.44
N TYR C 193 -2.29 -31.30 -6.95
CA TYR C 193 -3.32 -31.57 -7.93
C TYR C 193 -3.27 -30.55 -9.05
N GLN C 194 -3.60 -30.97 -10.26
CA GLN C 194 -3.87 -30.06 -11.37
C GLN C 194 -5.35 -30.09 -11.70
N ALA C 195 -5.89 -28.91 -12.00
CA ALA C 195 -7.32 -28.79 -12.24
C ALA C 195 -7.60 -27.90 -13.43
N THR C 196 -8.62 -28.28 -14.20
CA THR C 196 -9.20 -27.43 -15.24
C THR C 196 -10.69 -27.35 -15.02
N GLY C 197 -11.26 -26.21 -15.40
CA GLY C 197 -12.68 -25.95 -15.16
C GLY C 197 -13.00 -25.91 -13.69
N PHE C 198 -12.11 -25.33 -12.89
CA PHE C 198 -12.29 -25.25 -11.45
C PHE C 198 -13.51 -24.41 -11.11
N GLY C 199 -14.26 -24.85 -10.11
CA GLY C 199 -15.51 -24.19 -9.75
C GLY C 199 -16.61 -24.25 -10.78
N THR C 200 -16.76 -25.39 -11.47
CA THR C 200 -17.79 -25.59 -12.48
C THR C 200 -18.50 -26.90 -12.19
N ASN C 201 -19.61 -27.11 -12.91
CA ASN C 201 -20.45 -28.27 -12.64
C ASN C 201 -19.65 -29.57 -12.74
N GLU C 202 -18.91 -29.75 -13.83
CA GLU C 202 -17.95 -30.84 -13.94
C GLU C 202 -16.55 -30.26 -14.05
N THR C 203 -15.71 -30.57 -13.07
CA THR C 203 -14.35 -30.05 -12.93
C THR C 203 -13.35 -31.20 -12.99
N GLU C 204 -12.25 -30.98 -13.70
CA GLU C 204 -11.28 -32.03 -13.96
C GLU C 204 -10.07 -31.87 -13.05
N TYR C 205 -9.81 -32.89 -12.22
CA TYR C 205 -8.65 -32.98 -11.35
C TYR C 205 -7.80 -34.18 -11.72
N LEU C 206 -6.48 -34.01 -11.65
CA LEU C 206 -5.58 -35.17 -11.61
C LEU C 206 -4.54 -34.95 -10.51
N PHE C 207 -4.50 -35.89 -9.57
CA PHE C 207 -3.51 -35.87 -8.50
C PHE C 207 -2.24 -36.55 -8.99
N GLU C 208 -1.10 -35.94 -8.68
CA GLU C 208 0.23 -36.38 -9.13
C GLU C 208 0.84 -37.35 -8.15
N ALA D 2 -28.32 -26.46 27.86
CA ALA D 2 -29.52 -26.80 27.10
C ALA D 2 -29.22 -26.92 25.62
N ILE D 3 -28.02 -27.39 25.30
CA ILE D 3 -27.57 -27.55 23.92
C ILE D 3 -27.42 -29.03 23.63
N VAL D 4 -28.10 -29.51 22.58
CA VAL D 4 -28.04 -30.90 22.16
C VAL D 4 -27.40 -30.95 20.77
N ASN D 5 -26.37 -31.77 20.63
CA ASN D 5 -25.66 -31.86 19.36
C ASN D 5 -26.54 -32.50 18.30
N ALA D 6 -26.59 -31.85 17.13
CA ALA D 6 -27.39 -32.31 16.00
C ALA D 6 -26.54 -32.37 14.74
N GLN D 7 -25.28 -32.73 14.89
CA GLN D 7 -24.36 -32.89 13.77
C GLN D 7 -24.37 -34.33 13.29
N PRO D 8 -23.96 -34.58 12.04
CA PRO D 8 -23.88 -35.97 11.58
C PRO D 8 -22.94 -36.82 12.42
N LYS D 9 -21.79 -36.28 12.82
CA LYS D 9 -20.85 -36.98 13.68
C LYS D 9 -20.32 -36.04 14.74
N CYS D 10 -19.57 -36.62 15.66
CA CYS D 10 -18.79 -35.89 16.66
C CYS D 10 -17.39 -36.47 16.68
N ASN D 11 -16.41 -35.67 16.33
CA ASN D 11 -15.07 -36.09 16.72
C ASN D 11 -14.98 -35.74 18.19
N PRO D 12 -14.99 -36.73 19.09
CA PRO D 12 -15.09 -36.42 20.52
C PRO D 12 -13.82 -35.86 21.13
N ASN D 13 -12.72 -35.81 20.39
CA ASN D 13 -11.45 -35.35 20.94
C ASN D 13 -11.08 -33.99 20.37
N LEU D 14 -10.50 -33.16 21.21
CA LEU D 14 -10.08 -31.80 20.89
C LEU D 14 -8.58 -31.72 21.12
N HIS D 15 -7.81 -31.88 20.06
CA HIS D 15 -6.36 -31.66 20.09
C HIS D 15 -6.11 -30.21 19.70
N TYR D 16 -5.84 -29.37 20.69
CA TYR D 16 -5.82 -27.92 20.49
C TYR D 16 -4.40 -27.36 20.55
N TRP D 17 -4.26 -26.16 19.96
CA TRP D 17 -3.08 -25.33 20.06
C TRP D 17 -3.47 -23.91 20.45
N THR D 18 -2.61 -23.24 21.21
CA THR D 18 -2.80 -21.84 21.52
C THR D 18 -1.47 -21.22 21.93
N THR D 19 -1.49 -19.91 22.19
CA THR D 19 -0.35 -19.21 22.76
C THR D 19 -0.62 -18.90 24.23
N GLN D 20 0.42 -18.97 25.06
CA GLN D 20 0.32 -18.50 26.45
C GLN D 20 0.83 -17.06 26.54
N ASP D 21 -0.12 -16.13 26.72
CA ASP D 21 0.23 -14.70 26.74
C ASP D 21 1.26 -14.38 27.81
N GLU D 22 1.33 -15.15 28.90
CA GLU D 22 2.36 -14.96 29.92
C GLU D 22 3.00 -16.29 30.30
N GLY D 23 4.00 -16.68 29.51
CA GLY D 23 4.83 -17.83 29.85
C GLY D 23 5.86 -17.47 30.91
N ALA D 24 6.17 -18.45 31.76
CA ALA D 24 7.24 -18.26 32.74
C ALA D 24 8.57 -18.28 31.98
N ALA D 25 8.92 -17.12 31.45
CA ALA D 25 10.05 -17.01 30.53
C ALA D 25 11.36 -17.42 31.19
N ILE D 26 12.30 -17.89 30.37
CA ILE D 26 13.57 -18.41 30.86
C ILE D 26 14.71 -17.49 30.46
N GLY D 27 15.07 -16.55 31.33
CA GLY D 27 16.17 -15.66 31.00
C GLY D 27 15.86 -14.67 29.91
N LEU D 28 16.53 -14.83 28.77
CA LEU D 28 16.45 -13.90 27.65
C LEU D 28 15.42 -14.32 26.60
N ALA D 29 14.66 -15.39 26.84
CA ALA D 29 13.72 -15.88 25.84
C ALA D 29 12.58 -14.90 25.57
N TRP D 30 12.25 -14.02 26.51
CA TRP D 30 11.21 -13.04 26.25
C TRP D 30 11.67 -11.94 25.32
N ILE D 31 12.97 -11.69 25.20
CA ILE D 31 13.52 -10.66 24.33
C ILE D 31 13.33 -11.05 22.88
N PRO D 32 12.65 -10.23 22.07
CA PRO D 32 12.38 -10.61 20.67
C PRO D 32 13.61 -11.06 19.90
N TYR D 33 14.73 -10.38 20.05
CA TYR D 33 15.95 -10.77 19.36
C TYR D 33 16.37 -12.19 19.70
N PHE D 34 16.22 -12.59 20.96
CA PHE D 34 16.63 -13.91 21.42
C PHE D 34 15.53 -14.97 21.40
N GLY D 35 14.27 -14.56 21.39
CA GLY D 35 13.16 -15.48 21.54
C GLY D 35 12.97 -16.41 20.36
N PRO D 36 11.88 -17.19 20.40
CA PRO D 36 11.63 -18.14 19.32
C PRO D 36 11.16 -17.42 18.06
N ALA D 37 11.29 -18.13 16.94
CA ALA D 37 10.75 -17.64 15.68
C ALA D 37 9.23 -17.73 15.66
N ALA D 38 8.65 -17.14 14.62
CA ALA D 38 7.19 -17.15 14.46
C ALA D 38 6.62 -18.55 14.60
N GLU D 39 7.35 -19.56 14.13
CA GLU D 39 6.83 -20.92 14.08
C GLU D 39 6.84 -21.62 15.43
N GLY D 40 7.59 -21.11 16.41
CA GLY D 40 7.77 -21.81 17.66
C GLY D 40 7.04 -21.25 18.86
N ILE D 41 5.98 -20.48 18.64
CA ILE D 41 5.28 -19.80 19.73
C ILE D 41 4.05 -20.54 20.22
N TYR D 42 3.76 -21.73 19.70
CA TYR D 42 2.53 -22.43 20.04
C TYR D 42 2.76 -23.52 21.10
N ILE D 43 1.76 -23.72 21.94
CA ILE D 43 1.67 -24.87 22.83
C ILE D 43 0.46 -25.69 22.43
N GLU D 44 0.46 -26.96 22.84
CA GLU D 44 -0.57 -27.91 22.44
C GLU D 44 -1.11 -28.65 23.65
N GLY D 45 -2.28 -29.25 23.47
CA GLY D 45 -2.86 -30.10 24.49
C GLY D 45 -3.97 -30.95 23.92
N LEU D 46 -4.49 -31.85 24.76
CA LEU D 46 -5.51 -32.80 24.34
C LEU D 46 -6.62 -32.88 25.39
N MET D 47 -7.84 -32.59 24.98
CA MET D 47 -9.04 -32.72 25.81
C MET D 47 -9.96 -33.75 25.16
N HIS D 48 -10.56 -34.63 25.95
CA HIS D 48 -11.49 -35.60 25.40
C HIS D 48 -12.94 -35.17 25.70
N ASN D 49 -13.90 -35.96 25.22
CA ASN D 49 -15.31 -35.57 25.26
C ASN D 49 -15.98 -35.99 26.56
N GLN D 50 -15.23 -35.99 27.65
CA GLN D 50 -15.81 -36.24 28.95
C GLN D 50 -16.91 -35.21 29.24
N ASP D 51 -17.92 -35.68 29.95
CA ASP D 51 -19.02 -34.86 30.39
C ASP D 51 -19.83 -34.35 29.20
N GLY D 52 -19.66 -35.01 28.06
CA GLY D 52 -20.27 -34.63 26.81
C GLY D 52 -19.98 -33.19 26.43
N LEU D 53 -18.87 -32.62 26.89
CA LEU D 53 -18.68 -31.20 26.65
C LEU D 53 -18.33 -30.88 25.21
N ILE D 54 -17.54 -31.73 24.56
CA ILE D 54 -17.04 -31.40 23.22
C ILE D 54 -18.18 -31.32 22.22
N CYS D 55 -19.05 -32.32 22.18
CA CYS D 55 -20.20 -32.24 21.29
C CYS D 55 -21.04 -31.00 21.57
N GLY D 56 -21.11 -30.57 22.83
CA GLY D 56 -21.77 -29.31 23.11
C GLY D 56 -21.05 -28.15 22.46
N LEU D 57 -19.73 -28.09 22.65
CA LEU D 57 -18.94 -26.95 22.19
C LEU D 57 -19.06 -26.79 20.69
N ARG D 58 -18.93 -27.90 19.96
CA ARG D 58 -19.04 -27.84 18.51
C ARG D 58 -20.40 -27.28 18.10
N GLN D 59 -21.46 -27.76 18.74
CA GLN D 59 -22.79 -27.28 18.38
C GLN D 59 -22.90 -25.79 18.65
N LEU D 60 -22.32 -25.32 19.76
CA LEU D 60 -22.35 -23.90 20.04
C LEU D 60 -21.77 -23.11 18.89
N ALA D 61 -20.63 -23.57 18.35
CA ALA D 61 -20.01 -22.84 17.25
C ALA D 61 -20.99 -22.70 16.09
N ASN D 62 -21.67 -23.79 15.75
CA ASN D 62 -22.67 -23.76 14.69
C ASN D 62 -23.65 -22.62 14.95
N GLU D 63 -24.21 -22.59 16.16
CA GLU D 63 -25.26 -21.64 16.47
C GLU D 63 -24.76 -20.21 16.38
N THR D 64 -23.47 -20.00 16.62
CA THR D 64 -22.93 -18.65 16.61
C THR D 64 -22.87 -18.07 15.20
N THR D 65 -22.66 -18.91 14.18
CA THR D 65 -22.18 -18.41 12.90
C THR D 65 -23.09 -17.33 12.34
N GLN D 66 -24.40 -17.61 12.28
CA GLN D 66 -25.33 -16.67 11.70
C GLN D 66 -25.18 -15.30 12.34
N ALA D 67 -25.28 -15.24 13.66
CA ALA D 67 -25.24 -13.94 14.31
C ALA D 67 -23.94 -13.24 14.01
N LEU D 68 -22.83 -13.98 14.07
CA LEU D 68 -21.53 -13.36 13.84
C LEU D 68 -21.48 -12.78 12.44
N GLN D 69 -22.00 -13.53 11.45
CA GLN D 69 -21.96 -13.04 10.08
C GLN D 69 -22.72 -11.73 9.98
N LEU D 70 -23.91 -11.67 10.58
CA LEU D 70 -24.72 -10.47 10.48
C LEU D 70 -24.03 -9.30 11.15
N PHE D 71 -23.22 -9.58 12.17
CA PHE D 71 -22.45 -8.52 12.80
C PHE D 71 -21.43 -7.95 11.82
N LEU D 72 -20.67 -8.84 11.15
CA LEU D 72 -19.60 -8.38 10.29
C LEU D 72 -20.13 -7.67 9.05
N ARG D 73 -21.31 -8.05 8.57
CA ARG D 73 -21.91 -7.33 7.47
C ARG D 73 -22.14 -5.86 7.83
N ALA D 74 -22.50 -5.58 9.08
CA ALA D 74 -22.89 -4.23 9.44
C ALA D 74 -21.70 -3.33 9.78
N THR D 75 -20.54 -3.91 10.06
CA THR D 75 -19.37 -3.11 10.42
C THR D 75 -18.62 -2.68 9.17
N THR D 76 -17.91 -1.57 9.29
CA THR D 76 -17.04 -1.10 8.22
C THR D 76 -15.55 -1.34 8.51
N GLU D 77 -15.20 -1.78 9.71
CA GLU D 77 -13.82 -2.15 10.02
C GLU D 77 -13.39 -3.39 9.23
N LEU D 78 -12.15 -3.38 8.77
CA LEU D 78 -11.64 -4.51 7.99
C LEU D 78 -11.29 -5.70 8.86
N ARG D 79 -10.68 -5.47 10.02
CA ARG D 79 -10.32 -6.51 10.97
C ARG D 79 -10.88 -6.15 12.33
N THR D 80 -11.70 -7.04 12.89
CA THR D 80 -12.36 -6.81 14.17
C THR D 80 -11.61 -7.55 15.27
N PHE D 81 -11.10 -6.81 16.25
CA PHE D 81 -10.38 -7.37 17.38
C PHE D 81 -11.08 -7.18 18.71
N SER D 82 -12.26 -6.55 18.73
CA SER D 82 -12.82 -5.99 19.95
C SER D 82 -14.09 -6.69 20.45
N ILE D 83 -14.44 -7.86 19.89
CA ILE D 83 -15.72 -8.48 20.27
C ILE D 83 -15.73 -8.90 21.74
N LEU D 84 -14.62 -9.44 22.24
CA LEU D 84 -14.60 -9.88 23.64
C LEU D 84 -14.69 -8.71 24.61
N ASN D 85 -14.08 -7.57 24.26
CA ASN D 85 -14.20 -6.39 25.10
C ASN D 85 -15.65 -5.93 25.18
N ARG D 86 -16.34 -5.94 24.05
CA ARG D 86 -17.75 -5.54 24.04
C ARG D 86 -18.59 -6.50 24.85
N LYS D 87 -18.30 -7.80 24.77
CA LYS D 87 -19.04 -8.78 25.55
C LYS D 87 -18.84 -8.55 27.05
N ALA D 88 -17.61 -8.25 27.46
CA ALA D 88 -17.35 -7.98 28.88
C ALA D 88 -18.08 -6.72 29.34
N ILE D 89 -18.05 -5.66 28.52
CA ILE D 89 -18.75 -4.43 28.89
C ILE D 89 -20.25 -4.67 29.01
N ASP D 90 -20.82 -5.44 28.08
CA ASP D 90 -22.24 -5.75 28.17
C ASP D 90 -22.55 -6.55 29.42
N PHE D 91 -21.69 -7.52 29.75
CA PHE D 91 -21.89 -8.33 30.94
C PHE D 91 -21.91 -7.45 32.19
N LEU D 92 -21.00 -6.48 32.28
CA LEU D 92 -21.01 -5.58 33.41
C LEU D 92 -22.25 -4.69 33.40
N LEU D 93 -22.67 -4.24 32.22
CA LEU D 93 -23.83 -3.34 32.14
C LEU D 93 -25.12 -4.02 32.58
N GLN D 94 -25.34 -5.27 32.16
CA GLN D 94 -26.57 -5.95 32.58
C GLN D 94 -26.74 -5.95 34.09
N ARG D 95 -25.66 -6.18 34.83
CA ARG D 95 -25.76 -6.29 36.29
C ARG D 95 -25.70 -4.95 37.01
N TRP D 96 -24.81 -4.06 36.61
CA TRP D 96 -24.55 -2.85 37.36
C TRP D 96 -24.95 -1.59 36.59
N GLY D 97 -25.66 -1.74 35.49
CA GLY D 97 -26.05 -0.58 34.70
C GLY D 97 -27.16 0.26 35.28
N GLY D 98 -27.91 -0.28 36.23
CA GLY D 98 -28.96 0.50 36.86
C GLY D 98 -29.00 0.51 38.38
N THR D 99 -30.06 1.12 38.90
CA THR D 99 -30.30 1.17 40.32
C THR D 99 -30.63 -0.21 40.88
N CYS D 100 -29.94 -0.61 41.94
CA CYS D 100 -30.13 -1.92 42.56
C CYS D 100 -31.18 -1.88 43.67
N HIS D 101 -32.36 -2.44 43.43
CA HIS D 101 -33.32 -2.60 44.52
C HIS D 101 -33.17 -4.00 45.09
N ILE D 102 -32.74 -4.08 46.36
CA ILE D 102 -32.49 -5.36 47.00
C ILE D 102 -33.80 -6.12 47.14
N LEU D 103 -33.70 -7.43 47.01
CA LEU D 103 -34.74 -8.45 46.91
C LEU D 103 -35.34 -8.47 45.51
N GLY D 104 -34.90 -7.59 44.62
CA GLY D 104 -35.30 -7.65 43.24
C GLY D 104 -34.61 -8.83 42.60
N PRO D 105 -35.15 -9.32 41.48
CA PRO D 105 -34.57 -10.50 40.84
C PRO D 105 -33.24 -10.23 40.14
N ASP D 106 -32.89 -8.98 39.90
CA ASP D 106 -31.64 -8.65 39.22
C ASP D 106 -30.59 -7.97 40.09
N CYS D 107 -30.81 -7.84 41.39
CA CYS D 107 -29.80 -7.27 42.28
C CYS D 107 -29.12 -8.39 43.05
N CYS D 108 -27.84 -8.62 42.76
CA CYS D 108 -27.12 -9.78 43.28
C CYS D 108 -26.22 -9.43 44.46
N ILE D 109 -26.81 -8.86 45.51
CA ILE D 109 -26.13 -8.74 46.81
C ILE D 109 -26.93 -9.50 47.86
N GLU D 110 -26.28 -10.45 48.53
CA GLU D 110 -26.91 -11.19 49.61
C GLU D 110 -26.45 -10.59 50.93
N PRO D 111 -27.33 -9.92 51.70
CA PRO D 111 -26.98 -9.37 53.00
C PRO D 111 -27.35 -10.30 54.15
N SER E 2 42.89 -10.93 4.05
CA SER E 2 41.68 -11.73 3.90
C SER E 2 41.18 -11.74 2.46
N VAL E 3 41.68 -12.69 1.68
CA VAL E 3 41.30 -12.87 0.29
C VAL E 3 40.72 -14.27 0.11
N LEU E 4 39.63 -14.36 -0.63
CA LEU E 4 38.95 -15.62 -0.89
C LEU E 4 39.83 -16.58 -1.69
N THR E 5 39.73 -17.86 -1.38
CA THR E 5 40.47 -18.91 -2.09
C THR E 5 39.50 -19.76 -2.90
N GLN E 6 40.06 -20.50 -3.87
CA GLN E 6 39.31 -21.33 -4.80
C GLN E 6 40.23 -22.39 -5.36
N PRO E 7 39.71 -23.55 -5.73
CA PRO E 7 40.57 -24.58 -6.33
C PRO E 7 41.01 -24.17 -7.71
N PRO E 8 42.22 -24.55 -8.14
CA PRO E 8 42.66 -24.26 -9.50
C PRO E 8 41.69 -24.69 -10.59
N SER E 9 41.22 -25.94 -10.56
CA SER E 9 40.32 -26.43 -11.60
C SER E 9 39.49 -27.57 -11.04
N VAL E 10 38.31 -27.76 -11.64
CA VAL E 10 37.44 -28.89 -11.35
C VAL E 10 37.01 -29.52 -12.67
N SER E 11 36.56 -30.77 -12.59
CA SER E 11 36.19 -31.55 -13.76
C SER E 11 35.01 -32.44 -13.40
N GLY E 12 34.30 -32.91 -14.42
CA GLY E 12 33.25 -33.89 -14.20
C GLY E 12 32.64 -34.35 -15.49
N ALA E 13 32.06 -35.55 -15.42
CA ALA E 13 31.45 -36.17 -16.59
C ALA E 13 30.13 -35.49 -16.95
N PRO E 14 29.74 -35.52 -18.23
CA PRO E 14 28.43 -34.98 -18.62
C PRO E 14 27.30 -35.64 -17.86
N GLY E 15 26.32 -34.82 -17.44
CA GLY E 15 25.12 -35.30 -16.80
C GLY E 15 25.18 -35.39 -15.29
N GLN E 16 26.35 -35.31 -14.69
CA GLN E 16 26.50 -35.40 -13.25
C GLN E 16 26.45 -34.01 -12.61
N ARG E 17 26.57 -33.98 -11.29
CA ARG E 17 26.57 -32.75 -10.50
C ARG E 17 27.98 -32.44 -10.04
N VAL E 18 28.37 -31.15 -10.09
CA VAL E 18 29.63 -30.72 -9.50
C VAL E 18 29.37 -29.52 -8.60
N THR E 19 30.28 -29.34 -7.64
CA THR E 19 30.25 -28.23 -6.71
C THR E 19 31.60 -27.52 -6.70
N ILE E 20 31.57 -26.20 -6.71
CA ILE E 20 32.75 -25.35 -6.62
C ILE E 20 32.74 -24.67 -5.26
N SER E 21 33.86 -24.78 -4.53
CA SER E 21 33.98 -24.24 -3.18
C SER E 21 34.64 -22.87 -3.21
N CYS E 22 34.19 -21.98 -2.32
CA CYS E 22 34.81 -20.69 -2.09
C CYS E 22 34.96 -20.50 -0.58
N THR E 23 36.19 -20.41 -0.10
CA THR E 23 36.49 -20.36 1.33
C THR E 23 37.03 -18.98 1.69
N GLY E 24 36.45 -18.37 2.71
CA GLY E 24 36.86 -17.04 3.12
C GLY E 24 37.41 -16.95 4.53
N SER E 25 36.98 -15.94 5.29
CA SER E 25 37.43 -15.74 6.66
C SER E 25 36.26 -15.25 7.49
N SER E 26 36.52 -15.05 8.79
CA SER E 26 35.48 -14.61 9.71
C SER E 26 35.05 -13.17 9.51
N SER E 27 35.79 -12.41 8.68
CA SER E 27 35.44 -11.04 8.35
C SER E 27 34.82 -10.91 6.97
N ASN E 28 34.76 -11.99 6.18
CA ASN E 28 34.36 -11.92 4.78
C ASN E 28 32.99 -12.53 4.54
N ILE E 29 32.83 -13.82 4.82
CA ILE E 29 31.59 -14.53 4.59
C ILE E 29 30.83 -14.74 5.89
N GLY E 30 31.53 -15.19 6.93
CA GLY E 30 30.87 -15.41 8.19
C GLY E 30 30.47 -14.17 8.93
N ALA E 31 30.84 -12.99 8.44
CA ALA E 31 30.35 -11.75 9.01
C ALA E 31 28.96 -11.38 8.52
N GLY E 32 28.44 -12.06 7.51
CA GLY E 32 27.11 -11.78 7.04
C GLY E 32 27.00 -11.01 5.73
N TYR E 33 27.87 -11.28 4.77
CA TYR E 33 27.87 -10.58 3.50
C TYR E 33 27.48 -11.55 2.39
N ASP E 34 26.90 -11.02 1.32
CA ASP E 34 26.46 -11.89 0.25
C ASP E 34 27.63 -12.35 -0.59
N VAL E 35 27.47 -13.50 -1.21
CA VAL E 35 28.48 -14.09 -2.09
C VAL E 35 27.89 -14.19 -3.47
N GLN E 36 28.58 -13.64 -4.46
CA GLN E 36 28.13 -13.72 -5.84
C GLN E 36 29.03 -14.61 -6.68
N TRP E 37 28.45 -15.20 -7.70
CA TRP E 37 29.18 -16.07 -8.63
C TRP E 37 29.03 -15.56 -10.05
N TYR E 38 30.14 -15.49 -10.76
CA TYR E 38 30.20 -15.03 -12.14
C TYR E 38 30.81 -16.11 -13.03
N GLN E 39 30.28 -16.23 -14.25
CA GLN E 39 30.75 -17.17 -15.26
C GLN E 39 31.33 -16.41 -16.44
N GLN E 40 32.64 -16.54 -16.65
CA GLN E 40 33.36 -15.91 -17.76
C GLN E 40 33.73 -16.99 -18.79
N LEU E 41 32.99 -17.03 -19.90
CA LEU E 41 33.37 -17.90 -21.00
C LEU E 41 34.60 -17.33 -21.70
N PRO E 42 35.53 -18.17 -22.13
CA PRO E 42 36.73 -17.66 -22.81
C PRO E 42 36.36 -16.74 -23.96
N GLY E 43 37.00 -15.58 -24.01
CA GLY E 43 36.81 -14.63 -25.09
C GLY E 43 35.78 -13.56 -24.84
N THR E 44 35.06 -13.62 -23.71
CA THR E 44 33.97 -12.67 -23.45
C THR E 44 34.04 -12.10 -22.05
N ALA E 45 33.01 -11.38 -21.65
CA ALA E 45 32.96 -10.67 -20.38
C ALA E 45 32.17 -11.46 -19.34
N PRO E 46 32.45 -11.24 -18.06
CA PRO E 46 31.67 -11.92 -17.01
C PRO E 46 30.19 -11.60 -17.12
N LYS E 47 29.36 -12.58 -16.82
CA LYS E 47 27.93 -12.35 -16.66
C LYS E 47 27.50 -12.84 -15.29
N VAL E 48 26.53 -12.15 -14.71
CA VAL E 48 26.05 -12.50 -13.39
C VAL E 48 25.33 -13.83 -13.46
N LEU E 49 25.74 -14.75 -12.59
CA LEU E 49 25.13 -16.08 -12.47
C LEU E 49 24.36 -16.23 -11.18
N ILE E 50 24.99 -15.92 -10.04
CA ILE E 50 24.33 -15.98 -8.73
C ILE E 50 24.60 -14.68 -8.01
N TYR E 51 23.55 -14.06 -7.48
CA TYR E 51 23.68 -12.81 -6.74
C TYR E 51 22.93 -12.93 -5.42
N GLY E 52 23.37 -12.18 -4.42
CA GLY E 52 22.76 -12.19 -3.10
C GLY E 52 22.68 -13.56 -2.47
N ASN E 53 23.75 -14.34 -2.62
CA ASN E 53 23.94 -15.68 -2.05
C ASN E 53 23.05 -16.77 -2.64
N ASN E 54 21.79 -16.45 -2.93
CA ASN E 54 20.88 -17.46 -3.44
C ASN E 54 20.13 -17.08 -4.71
N ASN E 55 19.95 -15.78 -4.98
CA ASN E 55 19.08 -15.35 -6.06
C ASN E 55 19.69 -15.60 -7.44
N ARG E 56 18.80 -15.80 -8.41
CA ARG E 56 19.12 -15.97 -9.81
C ARG E 56 18.39 -14.91 -10.61
N PRO E 57 19.07 -14.18 -11.50
CA PRO E 57 18.36 -13.24 -12.35
C PRO E 57 17.60 -14.00 -13.43
N SER E 58 16.56 -13.35 -13.96
CA SER E 58 15.72 -13.96 -14.97
C SER E 58 16.54 -14.42 -16.17
N GLY E 59 16.33 -15.67 -16.58
CA GLY E 59 17.03 -16.23 -17.72
C GLY E 59 18.07 -17.27 -17.39
N VAL E 60 18.49 -17.39 -16.13
CA VAL E 60 19.51 -18.37 -15.73
C VAL E 60 18.84 -19.70 -15.43
N PRO E 61 19.26 -20.79 -16.07
CA PRO E 61 18.65 -22.10 -15.80
C PRO E 61 18.75 -22.46 -14.33
N ASP E 62 17.79 -23.27 -13.87
CA ASP E 62 17.77 -23.69 -12.47
C ASP E 62 18.82 -24.77 -12.20
N ARG E 63 19.70 -25.05 -13.17
CA ARG E 63 20.78 -25.98 -12.89
C ARG E 63 21.81 -25.36 -11.96
N PHE E 64 21.81 -24.04 -11.85
CA PHE E 64 22.81 -23.31 -11.09
C PHE E 64 22.19 -22.94 -9.74
N SER E 65 22.83 -23.34 -8.65
CA SER E 65 22.40 -22.86 -7.35
C SER E 65 23.63 -22.73 -6.47
N GLY E 66 23.42 -22.48 -5.19
CA GLY E 66 24.54 -22.33 -4.29
C GLY E 66 24.06 -22.15 -2.88
N SER E 67 25.03 -22.03 -1.97
CA SER E 67 24.70 -21.94 -0.56
C SER E 67 25.89 -21.35 0.19
N LYS E 68 25.64 -21.01 1.45
CA LYS E 68 26.61 -20.42 2.35
C LYS E 68 26.52 -21.11 3.69
N SER E 69 27.68 -21.41 4.29
CA SER E 69 27.71 -22.01 5.61
C SER E 69 29.02 -21.67 6.29
N GLY E 70 28.94 -21.30 7.55
CA GLY E 70 30.15 -20.94 8.28
C GLY E 70 30.84 -19.80 7.59
N SER E 71 32.06 -20.06 7.11
CA SER E 71 32.87 -19.09 6.38
C SER E 71 33.14 -19.56 4.96
N SER E 72 32.24 -20.34 4.39
CA SER E 72 32.44 -20.89 3.05
C SER E 72 31.14 -20.81 2.27
N ALA E 73 31.26 -20.98 0.96
CA ALA E 73 30.11 -21.01 0.06
C ALA E 73 30.35 -22.03 -1.04
N SER E 74 29.26 -22.50 -1.64
CA SER E 74 29.34 -23.49 -2.69
C SER E 74 28.45 -23.08 -3.86
N LEU E 75 28.89 -23.42 -5.06
CA LEU E 75 28.07 -23.33 -6.27
C LEU E 75 27.86 -24.73 -6.82
N ALA E 76 26.60 -25.14 -6.95
CA ALA E 76 26.24 -26.47 -7.43
C ALA E 76 25.63 -26.36 -8.82
N ILE E 77 26.21 -27.09 -9.78
CA ILE E 77 25.69 -27.15 -11.14
C ILE E 77 25.53 -28.61 -11.53
N THR E 78 24.30 -29.02 -11.81
CA THR E 78 23.95 -30.41 -12.08
C THR E 78 23.53 -30.56 -13.54
N GLY E 79 24.13 -31.53 -14.23
CA GLY E 79 23.79 -31.75 -15.62
C GLY E 79 24.69 -31.03 -16.60
N LEU E 80 26.00 -31.25 -16.45
CA LEU E 80 27.00 -30.54 -17.26
C LEU E 80 26.69 -30.66 -18.74
N GLN E 81 26.65 -29.52 -19.42
CA GLN E 81 26.56 -29.48 -20.86
C GLN E 81 27.87 -28.97 -21.45
N ALA E 82 28.05 -29.20 -22.74
CA ALA E 82 29.27 -28.77 -23.43
C ALA E 82 29.55 -27.29 -23.26
N GLU E 83 28.50 -26.47 -23.11
CA GLU E 83 28.67 -25.03 -23.06
C GLU E 83 29.10 -24.51 -21.70
N ASP E 84 29.27 -25.39 -20.71
CA ASP E 84 29.59 -24.93 -19.36
C ASP E 84 31.06 -24.63 -19.12
N GLU E 85 31.95 -24.98 -20.06
CA GLU E 85 33.36 -24.64 -19.89
C GLU E 85 33.53 -23.14 -19.75
N ALA E 86 34.08 -22.71 -18.62
CA ALA E 86 34.20 -21.30 -18.29
C ALA E 86 35.02 -21.16 -17.02
N ASP E 87 35.42 -19.92 -16.73
CA ASP E 87 36.04 -19.57 -15.46
C ASP E 87 35.01 -18.97 -14.52
N TYR E 88 34.90 -19.54 -13.32
CA TYR E 88 33.93 -19.11 -12.32
C TYR E 88 34.65 -18.33 -11.23
N TYR E 89 34.07 -17.20 -10.83
CA TYR E 89 34.64 -16.37 -9.77
C TYR E 89 33.62 -16.11 -8.68
N CYS E 90 34.03 -16.32 -7.43
CA CYS E 90 33.26 -15.94 -6.25
C CYS E 90 33.71 -14.58 -5.73
N GLN E 91 32.74 -13.78 -5.29
CA GLN E 91 32.99 -12.43 -4.82
C GLN E 91 32.24 -12.16 -3.51
N THR E 92 32.86 -11.38 -2.61
CA THR E 92 32.20 -10.95 -1.39
C THR E 92 32.83 -9.63 -0.93
N TYR E 93 32.30 -9.07 0.15
CA TYR E 93 32.70 -7.76 0.67
C TYR E 93 33.52 -7.96 1.95
N ASP E 94 34.77 -7.51 1.96
CA ASP E 94 35.54 -7.64 3.20
C ASP E 94 35.13 -6.55 4.19
N SER E 95 34.99 -6.93 5.46
CA SER E 95 34.58 -5.99 6.50
C SER E 95 35.73 -5.34 7.24
N ARG E 96 36.94 -5.85 7.08
CA ARG E 96 38.12 -5.28 7.71
C ARG E 96 38.97 -4.53 6.70
N LEU E 97 38.52 -4.52 5.44
CA LEU E 97 39.17 -3.82 4.35
C LEU E 97 38.32 -2.63 3.88
N ARG E 98 37.58 -2.03 4.81
CA ARG E 98 36.69 -0.89 4.54
C ARG E 98 35.61 -1.23 3.49
N ASP E 99 34.98 -2.39 3.64
CA ASP E 99 33.88 -2.80 2.76
C ASP E 99 34.24 -2.68 1.29
N GLN E 100 35.37 -3.27 0.92
CA GLN E 100 35.81 -3.34 -0.46
C GLN E 100 35.63 -4.75 -1.03
N TRP E 101 35.35 -4.79 -2.34
CA TRP E 101 35.19 -6.05 -3.04
C TRP E 101 36.42 -6.93 -2.90
N VAL E 102 36.21 -8.23 -2.70
CA VAL E 102 37.25 -9.23 -2.74
C VAL E 102 36.80 -10.35 -3.67
N PHE E 103 37.72 -10.79 -4.53
CA PHE E 103 37.48 -11.80 -5.54
C PHE E 103 38.22 -13.09 -5.21
N GLY E 104 37.63 -14.21 -5.62
CA GLY E 104 38.31 -15.47 -5.56
C GLY E 104 39.28 -15.67 -6.72
N GLY E 105 40.21 -16.60 -6.53
CA GLY E 105 41.21 -16.86 -7.56
C GLY E 105 40.65 -17.38 -8.88
N GLY E 106 39.45 -17.93 -8.87
CA GLY E 106 38.86 -18.50 -10.08
C GLY E 106 39.14 -19.97 -10.31
N THR E 107 38.15 -20.71 -10.80
CA THR E 107 38.28 -22.15 -11.06
C THR E 107 37.84 -22.42 -12.49
N LYS E 108 38.68 -23.14 -13.24
CA LYS E 108 38.36 -23.54 -14.60
C LYS E 108 37.58 -24.86 -14.61
N LEU E 109 36.52 -24.90 -15.40
CA LEU E 109 35.68 -26.08 -15.54
C LEU E 109 35.95 -26.73 -16.90
N THR E 110 36.02 -28.05 -16.90
CA THR E 110 36.25 -28.80 -18.13
C THR E 110 35.28 -29.97 -18.20
N VAL E 111 34.85 -30.29 -19.42
CA VAL E 111 33.92 -31.39 -19.64
C VAL E 111 34.52 -32.40 -20.61
N SER F 2 -2.63 41.18 -16.44
CA SER F 2 -1.73 40.57 -15.47
C SER F 2 -0.68 39.68 -16.15
N VAL F 3 0.44 40.30 -16.52
CA VAL F 3 1.55 39.61 -17.15
C VAL F 3 2.80 39.80 -16.29
N LEU F 4 3.55 38.72 -16.12
CA LEU F 4 4.77 38.72 -15.31
C LEU F 4 5.83 39.64 -15.90
N THR F 5 6.58 40.31 -15.03
CA THR F 5 7.68 41.17 -15.45
C THR F 5 9.01 40.56 -15.04
N GLN F 6 10.08 41.06 -15.67
CA GLN F 6 11.44 40.55 -15.48
C GLN F 6 12.41 41.64 -15.89
N PRO F 7 13.61 41.68 -15.28
CA PRO F 7 14.60 42.67 -15.71
C PRO F 7 15.13 42.35 -17.09
N PRO F 8 15.47 43.38 -17.87
CA PRO F 8 16.08 43.11 -19.19
C PRO F 8 17.29 42.20 -19.17
N SER F 9 18.26 42.46 -18.29
CA SER F 9 19.47 41.64 -18.24
C SER F 9 20.08 41.73 -16.86
N VAL F 10 20.83 40.68 -16.49
CA VAL F 10 21.61 40.65 -15.26
C VAL F 10 23.02 40.18 -15.61
N SER F 11 23.96 40.47 -14.72
CA SER F 11 25.37 40.17 -14.92
C SER F 11 26.00 39.80 -13.59
N GLY F 12 27.14 39.12 -13.65
CA GLY F 12 27.89 38.85 -12.44
C GLY F 12 29.20 38.15 -12.74
N ALA F 13 30.14 38.32 -11.80
CA ALA F 13 31.47 37.75 -11.95
C ALA F 13 31.44 36.23 -11.75
N PRO F 14 32.37 35.51 -12.37
CA PRO F 14 32.46 34.07 -12.13
C PRO F 14 32.65 33.74 -10.66
N GLY F 15 31.96 32.69 -10.21
CA GLY F 15 32.10 32.19 -8.86
C GLY F 15 31.16 32.77 -7.84
N GLN F 16 30.49 33.89 -8.15
CA GLN F 16 29.58 34.53 -7.22
C GLN F 16 28.15 34.01 -7.40
N ARG F 17 27.24 34.53 -6.61
CA ARG F 17 25.82 34.18 -6.65
C ARG F 17 25.03 35.31 -7.30
N VAL F 18 24.06 34.95 -8.16
CA VAL F 18 23.13 35.94 -8.68
C VAL F 18 21.71 35.44 -8.48
N THR F 19 20.78 36.40 -8.46
CA THR F 19 19.35 36.12 -8.34
C THR F 19 18.59 36.86 -9.43
N ILE F 20 17.64 36.16 -10.03
CA ILE F 20 16.75 36.72 -11.04
C ILE F 20 15.36 36.83 -10.45
N SER F 21 14.76 38.02 -10.55
CA SER F 21 13.45 38.29 -9.97
C SER F 21 12.35 38.13 -11.01
N CYS F 22 11.20 37.61 -10.56
CA CYS F 22 9.98 37.55 -11.37
C CYS F 22 8.83 38.08 -10.52
N THR F 23 8.23 39.18 -10.96
CA THR F 23 7.20 39.87 -10.19
C THR F 23 5.85 39.73 -10.90
N GLY F 24 4.83 39.30 -10.17
CA GLY F 24 3.52 39.11 -10.76
C GLY F 24 2.43 39.97 -10.16
N SER F 25 1.26 39.37 -9.88
CA SER F 25 0.14 40.10 -9.30
C SER F 25 -0.57 39.20 -8.30
N SER F 26 -1.62 39.73 -7.68
CA SER F 26 -2.35 39.00 -6.66
C SER F 26 -3.20 37.87 -7.23
N SER F 27 -3.33 37.80 -8.56
CA SER F 27 -4.05 36.72 -9.22
C SER F 27 -3.12 35.69 -9.86
N ASN F 28 -1.80 35.93 -9.85
CA ASN F 28 -0.87 35.10 -10.60
C ASN F 28 0.00 34.24 -9.68
N ILE F 29 0.77 34.85 -8.80
CA ILE F 29 1.67 34.13 -7.91
C ILE F 29 1.10 34.07 -6.51
N GLY F 30 0.62 35.19 -5.99
CA GLY F 30 0.06 35.20 -4.66
C GLY F 30 -1.27 34.51 -4.52
N ALA F 31 -1.86 34.05 -5.61
CA ALA F 31 -3.06 33.23 -5.52
C ALA F 31 -2.76 31.77 -5.24
N GLY F 32 -1.50 31.36 -5.30
CA GLY F 32 -1.15 29.99 -4.98
C GLY F 32 -0.84 29.09 -6.16
N TYR F 33 -0.15 29.60 -7.17
CA TYR F 33 0.17 28.82 -8.35
C TYR F 33 1.69 28.63 -8.42
N ASP F 34 2.11 27.54 -9.06
CA ASP F 34 3.53 27.26 -9.10
C ASP F 34 4.20 28.15 -10.13
N VAL F 35 5.49 28.39 -9.93
CA VAL F 35 6.30 29.20 -10.82
C VAL F 35 7.42 28.31 -11.36
N GLN F 36 7.53 28.26 -12.68
CA GLN F 36 8.58 27.47 -13.31
C GLN F 36 9.62 28.35 -13.97
N TRP F 37 10.84 27.84 -14.06
CA TRP F 37 11.95 28.55 -14.68
C TRP F 37 12.54 27.69 -15.80
N TYR F 38 12.77 28.33 -16.95
CA TYR F 38 13.33 27.67 -18.12
C TYR F 38 14.59 28.40 -18.56
N GLN F 39 15.58 27.63 -19.03
CA GLN F 39 16.86 28.13 -19.53
C GLN F 39 16.97 27.82 -21.02
N GLN F 40 16.97 28.87 -21.86
CA GLN F 40 17.12 28.75 -23.30
C GLN F 40 18.51 29.24 -23.71
N LEU F 41 19.41 28.31 -24.01
CA LEU F 41 20.70 28.67 -24.56
C LEU F 41 20.53 29.14 -26.00
N PRO F 42 21.26 30.16 -26.44
CA PRO F 42 21.13 30.63 -27.81
C PRO F 42 21.29 29.49 -28.81
N GLY F 43 20.34 29.40 -29.74
CA GLY F 43 20.41 28.42 -30.81
C GLY F 43 19.64 27.15 -30.55
N THR F 44 19.07 26.98 -29.35
CA THR F 44 18.41 25.72 -29.00
C THR F 44 17.05 25.97 -28.35
N ALA F 45 16.44 24.91 -27.83
CA ALA F 45 15.09 24.95 -27.28
C ALA F 45 15.13 25.05 -25.77
N PRO F 46 14.07 25.59 -25.16
CA PRO F 46 14.02 25.66 -23.69
C PRO F 46 14.12 24.29 -23.07
N LYS F 47 14.79 24.21 -21.92
CA LYS F 47 14.77 23.01 -21.12
C LYS F 47 14.30 23.36 -19.72
N VAL F 48 13.58 22.44 -19.09
CA VAL F 48 13.06 22.68 -17.76
C VAL F 48 14.20 22.74 -16.77
N LEU F 49 14.22 23.81 -15.98
CA LEU F 49 15.22 24.03 -14.96
C LEU F 49 14.61 23.93 -13.56
N ILE F 50 13.53 24.66 -13.30
CA ILE F 50 12.83 24.60 -12.02
C ILE F 50 11.35 24.40 -12.29
N TYR F 51 10.73 23.42 -11.62
CA TYR F 51 9.31 23.16 -11.78
C TYR F 51 8.67 23.06 -10.40
N GLY F 52 7.38 23.38 -10.35
CA GLY F 52 6.62 23.34 -9.11
C GLY F 52 7.22 24.16 -8.00
N ASN F 53 7.70 25.36 -8.34
CA ASN F 53 8.26 26.38 -7.44
C ASN F 53 9.60 26.00 -6.82
N ASN F 54 9.79 24.75 -6.44
CA ASN F 54 11.03 24.35 -5.78
C ASN F 54 11.72 23.14 -6.39
N ASN F 55 10.98 22.25 -7.07
CA ASN F 55 11.54 20.98 -7.50
C ASN F 55 12.52 21.13 -8.66
N ARG F 56 13.47 20.19 -8.71
CA ARG F 56 14.46 20.08 -9.75
C ARG F 56 14.35 18.69 -10.38
N PRO F 57 14.28 18.57 -11.69
CA PRO F 57 14.29 17.24 -12.30
C PRO F 57 15.69 16.65 -12.24
N SER F 58 15.75 15.32 -12.30
CA SER F 58 17.02 14.62 -12.20
C SER F 58 18.00 15.10 -13.27
N GLY F 59 19.21 15.43 -12.85
CA GLY F 59 20.25 15.88 -13.76
C GLY F 59 20.60 17.35 -13.64
N VAL F 60 19.79 18.16 -12.97
CA VAL F 60 20.06 19.59 -12.84
C VAL F 60 20.95 19.83 -11.63
N PRO F 61 22.09 20.50 -11.80
CA PRO F 61 22.97 20.76 -10.65
C PRO F 61 22.25 21.50 -9.54
N ASP F 62 22.69 21.29 -8.31
CA ASP F 62 22.10 21.96 -7.16
C ASP F 62 22.51 23.43 -7.08
N ARG F 63 23.20 23.94 -8.10
CA ARG F 63 23.50 25.37 -8.11
C ARG F 63 22.26 26.20 -8.36
N PHE F 64 21.22 25.57 -8.90
CA PHE F 64 19.99 26.25 -9.30
C PHE F 64 18.96 26.03 -8.21
N SER F 65 18.41 27.11 -7.66
CA SER F 65 17.28 26.96 -6.76
C SER F 65 16.37 28.16 -6.95
N GLY F 66 15.39 28.30 -6.07
CA GLY F 66 14.49 29.43 -6.18
C GLY F 66 13.50 29.43 -5.04
N SER F 67 12.65 30.45 -5.04
CA SER F 67 11.71 30.61 -3.95
C SER F 67 10.57 31.50 -4.41
N LYS F 68 9.53 31.56 -3.58
CA LYS F 68 8.34 32.34 -3.80
C LYS F 68 7.96 33.07 -2.52
N SER F 69 7.58 34.34 -2.65
CA SER F 69 7.14 35.10 -1.49
C SER F 69 6.22 36.22 -1.95
N GLY F 70 5.11 36.39 -1.23
CA GLY F 70 4.16 37.41 -1.60
C GLY F 70 3.65 37.17 -3.01
N SER F 71 3.95 38.11 -3.90
CA SER F 71 3.58 38.04 -5.30
C SER F 71 4.81 38.00 -6.20
N SER F 72 5.93 37.49 -5.69
CA SER F 72 7.16 37.47 -6.45
C SER F 72 7.86 36.13 -6.27
N ALA F 73 8.83 35.87 -7.15
CA ALA F 73 9.64 34.67 -7.08
C ALA F 73 11.07 35.01 -7.47
N SER F 74 12.01 34.17 -7.03
CA SER F 74 13.42 34.36 -7.32
C SER F 74 14.04 33.07 -7.78
N LEU F 75 15.01 33.18 -8.70
CA LEU F 75 15.89 32.09 -9.07
C LEU F 75 17.31 32.44 -8.66
N ALA F 76 17.92 31.59 -7.85
CA ALA F 76 19.27 31.81 -7.34
C ALA F 76 20.22 30.80 -7.97
N ILE F 77 21.28 31.30 -8.60
CA ILE F 77 22.32 30.46 -9.20
C ILE F 77 23.67 30.94 -8.68
N THR F 78 24.37 30.06 -7.97
CA THR F 78 25.63 30.39 -7.30
C THR F 78 26.78 29.64 -7.96
N GLY F 79 27.83 30.37 -8.33
CA GLY F 79 28.96 29.74 -8.96
C GLY F 79 28.92 29.77 -10.47
N LEU F 80 28.75 30.98 -11.03
CA LEU F 80 28.59 31.15 -12.47
C LEU F 80 29.72 30.46 -13.23
N GLN F 81 29.34 29.64 -14.20
CA GLN F 81 30.28 29.07 -15.13
C GLN F 81 30.06 29.66 -16.52
N ALA F 82 31.05 29.48 -17.40
CA ALA F 82 30.97 30.02 -18.75
C ALA F 82 29.72 29.54 -19.49
N GLU F 83 29.22 28.35 -19.18
CA GLU F 83 28.11 27.79 -19.91
C GLU F 83 26.75 28.33 -19.48
N ASP F 84 26.71 29.24 -18.51
CA ASP F 84 25.42 29.71 -18.00
C ASP F 84 24.79 30.82 -18.82
N GLU F 85 25.50 31.39 -19.80
CA GLU F 85 24.89 32.41 -20.65
C GLU F 85 23.68 31.84 -21.36
N ALA F 86 22.51 32.44 -21.12
CA ALA F 86 21.25 31.93 -21.62
C ALA F 86 20.16 32.95 -21.31
N ASP F 87 19.00 32.75 -21.92
CA ASP F 87 17.78 33.50 -21.59
C ASP F 87 16.91 32.69 -20.63
N TYR F 88 16.56 33.28 -19.50
CA TYR F 88 15.76 32.63 -18.48
C TYR F 88 14.33 33.18 -18.51
N TYR F 89 13.35 32.29 -18.45
CA TYR F 89 11.94 32.68 -18.46
C TYR F 89 11.22 32.10 -17.26
N CYS F 90 10.47 32.95 -16.56
CA CYS F 90 9.55 32.54 -15.49
C CYS F 90 8.14 32.40 -16.04
N GLN F 91 7.44 31.37 -15.56
CA GLN F 91 6.10 31.04 -16.02
C GLN F 91 5.17 30.75 -14.83
N THR F 92 3.91 31.16 -14.96
CA THR F 92 2.89 30.84 -13.95
C THR F 92 1.52 30.83 -14.62
N TYR F 93 0.49 30.48 -13.86
CA TYR F 93 -0.88 30.33 -14.35
C TYR F 93 -1.72 31.51 -13.86
N ASP F 94 -2.29 32.28 -14.77
CA ASP F 94 -3.15 33.37 -14.33
C ASP F 94 -4.52 32.84 -13.94
N SER F 95 -5.06 33.34 -12.82
CA SER F 95 -6.35 32.88 -12.34
C SER F 95 -7.53 33.73 -12.80
N ARG F 96 -7.27 34.90 -13.37
CA ARG F 96 -8.31 35.77 -13.89
C ARG F 96 -8.34 35.73 -15.40
N LEU F 97 -7.45 34.95 -15.99
CA LEU F 97 -7.34 34.75 -17.43
C LEU F 97 -7.75 33.33 -17.81
N ARG F 98 -8.67 32.73 -17.05
CA ARG F 98 -9.16 31.37 -17.24
C ARG F 98 -8.04 30.33 -17.18
N ASP F 99 -7.17 30.45 -16.16
CA ASP F 99 -6.08 29.49 -15.93
C ASP F 99 -5.26 29.22 -17.19
N GLN F 100 -4.79 30.30 -17.81
CA GLN F 100 -3.91 30.22 -18.96
C GLN F 100 -2.48 30.59 -18.57
N TRP F 101 -1.54 29.95 -19.27
CA TRP F 101 -0.12 30.21 -19.07
C TRP F 101 0.21 31.69 -19.27
N VAL F 102 1.05 32.23 -18.40
CA VAL F 102 1.63 33.55 -18.57
C VAL F 102 3.14 33.44 -18.41
N PHE F 103 3.86 34.11 -19.31
CA PHE F 103 5.31 34.08 -19.38
C PHE F 103 5.90 35.43 -18.98
N GLY F 104 7.09 35.38 -18.39
CA GLY F 104 7.85 36.57 -18.14
C GLY F 104 8.59 37.05 -19.39
N GLY F 105 8.97 38.33 -19.37
CA GLY F 105 9.66 38.91 -20.51
C GLY F 105 11.01 38.29 -20.83
N GLY F 106 11.63 37.61 -19.87
CA GLY F 106 12.94 37.02 -20.08
C GLY F 106 14.11 37.90 -19.71
N THR F 107 15.16 37.31 -19.12
CA THR F 107 16.35 38.04 -18.71
C THR F 107 17.57 37.35 -19.29
N LYS F 108 18.44 38.14 -19.94
CA LYS F 108 19.70 37.61 -20.48
C LYS F 108 20.80 37.66 -19.43
N LEU F 109 21.54 36.57 -19.33
CA LEU F 109 22.65 36.43 -18.39
C LEU F 109 23.96 36.51 -19.15
N THR F 110 24.93 37.24 -18.58
CA THR F 110 26.24 37.38 -19.18
C THR F 110 27.32 37.17 -18.13
N VAL F 111 28.43 36.58 -18.55
CA VAL F 111 29.53 36.30 -17.65
C VAL F 111 30.82 36.97 -18.17
N ALA G 2 5.94 -0.27 47.29
CA ALA G 2 6.89 -1.32 47.63
C ALA G 2 7.92 -1.51 46.51
N ILE G 3 8.26 -0.42 45.83
CA ILE G 3 9.20 -0.43 44.72
C ILE G 3 10.45 0.33 45.14
N VAL G 4 11.60 -0.33 45.04
CA VAL G 4 12.89 0.27 45.37
C VAL G 4 13.72 0.34 44.09
N ASN G 5 14.23 1.54 43.81
CA ASN G 5 15.02 1.73 42.59
C ASN G 5 16.34 0.98 42.68
N ALA G 6 16.65 0.23 41.61
CA ALA G 6 17.87 -0.56 41.52
C ALA G 6 18.60 -0.26 40.23
N GLN G 7 18.54 0.97 39.76
CA GLN G 7 19.22 1.41 38.56
C GLN G 7 20.59 1.97 38.92
N PRO G 8 21.53 2.00 37.97
CA PRO G 8 22.83 2.61 38.27
C PRO G 8 22.73 4.07 38.70
N LYS G 9 21.87 4.85 38.05
CA LYS G 9 21.65 6.23 38.42
C LYS G 9 20.15 6.54 38.39
N CYS G 10 19.82 7.74 38.86
CA CYS G 10 18.50 8.34 38.73
C CYS G 10 18.67 9.75 38.22
N ASN G 11 18.14 10.03 37.05
CA ASN G 11 17.95 11.44 36.74
C ASN G 11 16.71 11.82 37.53
N PRO G 12 16.83 12.61 38.59
CA PRO G 12 15.68 12.85 39.47
C PRO G 12 14.64 13.78 38.89
N ASN G 13 14.89 14.39 37.74
CA ASN G 13 13.97 15.36 37.18
C ASN G 13 13.29 14.79 35.94
N LEU G 14 12.02 15.13 35.78
CA LEU G 14 11.17 14.68 34.69
C LEU G 14 10.69 15.92 33.95
N HIS G 15 11.36 16.26 32.86
CA HIS G 15 10.94 17.32 31.95
C HIS G 15 10.08 16.67 30.87
N TYR G 16 8.77 16.79 30.98
CA TYR G 16 7.84 16.03 30.16
C TYR G 16 7.14 16.89 29.13
N TRP G 17 6.63 16.22 28.09
CA TRP G 17 5.75 16.79 27.08
C TRP G 17 4.53 15.89 26.91
N THR G 18 3.39 16.51 26.61
CA THR G 18 2.19 15.75 26.26
C THR G 18 1.23 16.65 25.48
N THR G 19 0.11 16.07 25.06
CA THR G 19 -0.98 16.82 24.46
C THR G 19 -2.13 16.94 25.46
N GLN G 20 -2.82 18.08 25.47
CA GLN G 20 -4.06 18.23 26.23
C GLN G 20 -5.26 17.94 25.33
N ASP G 21 -5.89 16.78 25.54
CA ASP G 21 -7.00 16.36 24.70
C ASP G 21 -8.13 17.38 24.66
N GLU G 22 -8.30 18.18 25.73
CA GLU G 22 -9.30 19.25 25.74
C GLU G 22 -8.69 20.56 26.24
N GLY G 23 -8.06 21.28 25.33
CA GLY G 23 -7.61 22.63 25.62
C GLY G 23 -8.75 23.63 25.58
N ALA G 24 -8.65 24.65 26.43
CA ALA G 24 -9.63 25.74 26.40
C ALA G 24 -9.35 26.56 25.13
N ALA G 25 -9.92 26.08 24.02
CA ALA G 25 -9.59 26.63 22.70
C ALA G 25 -9.96 28.11 22.61
N ILE G 26 -9.25 28.81 21.74
CA ILE G 26 -9.41 30.26 21.59
C ILE G 26 -10.03 30.58 20.23
N GLY G 27 -11.34 30.69 20.17
CA GLY G 27 -11.98 31.02 18.91
C GLY G 27 -11.92 29.91 17.88
N LEU G 28 -11.17 30.15 16.80
CA LEU G 28 -11.09 29.25 15.67
C LEU G 28 -9.91 28.29 15.74
N ALA G 29 -9.15 28.29 16.84
CA ALA G 29 -7.97 27.45 16.93
C ALA G 29 -8.29 25.96 16.94
N TRP G 30 -9.50 25.58 17.35
CA TRP G 30 -9.86 24.16 17.30
C TRP G 30 -10.12 23.66 15.90
N ILE G 31 -10.45 24.56 14.97
CA ILE G 31 -10.74 24.18 13.58
C ILE G 31 -9.45 23.74 12.89
N PRO G 32 -9.39 22.52 12.35
CA PRO G 32 -8.15 22.03 11.73
C PRO G 32 -7.52 22.98 10.73
N TYR G 33 -8.32 23.59 9.87
CA TYR G 33 -7.81 24.54 8.89
C TYR G 33 -7.07 25.69 9.55
N PHE G 34 -7.58 26.19 10.68
CA PHE G 34 -7.00 27.34 11.36
C PHE G 34 -6.02 26.97 12.48
N GLY G 35 -6.08 25.74 13.00
CA GLY G 35 -5.32 25.39 14.16
C GLY G 35 -3.82 25.29 13.93
N PRO G 36 -3.09 24.83 14.93
CA PRO G 36 -1.63 24.73 14.79
C PRO G 36 -1.24 23.58 13.89
N ALA G 37 0.00 23.66 13.40
CA ALA G 37 0.57 22.58 12.61
C ALA G 37 0.92 21.40 13.52
N ALA G 38 1.28 20.29 12.88
CA ALA G 38 1.66 19.08 13.61
C ALA G 38 2.69 19.36 14.68
N GLU G 39 3.61 20.29 14.42
CA GLU G 39 4.71 20.55 15.33
C GLU G 39 4.32 21.34 16.56
N GLY G 40 3.18 22.01 16.55
CA GLY G 40 2.83 22.93 17.62
C GLY G 40 1.76 22.46 18.58
N ILE G 41 1.53 21.14 18.68
CA ILE G 41 0.44 20.61 19.48
C ILE G 41 0.88 20.15 20.86
N TYR G 42 2.14 20.34 21.24
CA TYR G 42 2.64 19.84 22.50
C TYR G 42 2.69 20.90 23.58
N ILE G 43 2.47 20.48 24.83
CA ILE G 43 2.73 21.27 26.02
C ILE G 43 3.81 20.58 26.82
N GLU G 44 4.47 21.35 27.69
CA GLU G 44 5.61 20.87 28.46
C GLU G 44 5.44 21.21 29.94
N GLY G 45 6.21 20.50 30.75
CA GLY G 45 6.25 20.81 32.18
C GLY G 45 7.45 20.15 32.83
N LEU G 46 7.64 20.46 34.11
CA LEU G 46 8.80 19.98 34.86
C LEU G 46 8.36 19.49 36.24
N MET G 47 8.63 18.22 36.52
CA MET G 47 8.41 17.61 37.84
C MET G 47 9.74 17.16 38.40
N HIS G 48 9.98 17.39 39.70
CA HIS G 48 11.21 16.93 40.31
C HIS G 48 10.96 15.66 41.13
N ASN G 49 12.02 15.12 41.73
CA ASN G 49 11.97 13.82 42.39
C ASN G 49 11.52 13.93 43.83
N GLN G 50 10.67 14.89 44.14
CA GLN G 50 10.11 14.98 45.47
C GLN G 50 9.35 13.69 45.81
N ASP G 51 9.41 13.35 47.09
CA ASP G 51 8.72 12.19 47.62
C ASP G 51 9.27 10.90 47.04
N GLY G 52 10.48 10.99 46.49
CA GLY G 52 11.14 9.90 45.82
C GLY G 52 10.30 9.28 44.72
N LEU G 53 9.38 10.04 44.12
CA LEU G 53 8.45 9.40 43.20
C LEU G 53 9.11 9.05 41.86
N ILE G 54 10.03 9.89 41.37
CA ILE G 54 10.58 9.68 40.03
C ILE G 54 11.39 8.39 39.97
N CYS G 55 12.31 8.19 40.93
CA CYS G 55 13.04 6.92 40.94
C CYS G 55 12.10 5.73 41.02
N GLY G 56 10.96 5.88 41.72
CA GLY G 56 9.98 4.81 41.69
C GLY G 56 9.43 4.60 40.28
N LEU G 57 9.02 5.69 39.64
CA LEU G 57 8.36 5.59 38.34
C LEU G 57 9.27 4.92 37.32
N ARG G 58 10.52 5.34 37.27
CA ARG G 58 11.47 4.73 36.34
C ARG G 58 11.56 3.24 36.58
N GLN G 59 11.69 2.84 37.85
CA GLN G 59 11.81 1.42 38.14
C GLN G 59 10.56 0.67 37.67
N LEU G 60 9.39 1.28 37.86
CA LEU G 60 8.17 0.63 37.42
C LEU G 60 8.25 0.33 35.93
N ALA G 61 8.74 1.28 35.13
CA ALA G 61 8.83 1.05 33.70
C ALA G 61 9.66 -0.19 33.42
N ASN G 62 10.82 -0.30 34.08
CA ASN G 62 11.66 -1.46 33.93
C ASN G 62 10.84 -2.74 34.12
N GLU G 63 10.12 -2.80 35.25
CA GLU G 63 9.41 -4.02 35.61
C GLU G 63 8.34 -4.35 34.59
N THR G 64 7.80 -3.35 33.92
CA THR G 64 6.73 -3.59 32.97
C THR G 64 7.21 -4.30 31.71
N THR G 65 8.47 -4.05 31.30
CA THR G 65 8.86 -4.34 29.93
C THR G 65 8.61 -5.80 29.57
N GLN G 66 9.10 -6.72 30.40
CA GLN G 66 8.95 -8.14 30.10
C GLN G 66 7.51 -8.48 29.81
N ALA G 67 6.60 -8.14 30.72
CA ALA G 67 5.22 -8.56 30.54
C ALA G 67 4.67 -7.96 29.25
N LEU G 68 4.97 -6.67 29.00
CA LEU G 68 4.45 -6.03 27.81
C LEU G 68 4.95 -6.74 26.57
N GLN G 69 6.24 -7.10 26.56
CA GLN G 69 6.77 -7.77 25.38
C GLN G 69 6.02 -9.07 25.13
N LEU G 70 5.80 -9.85 26.20
CA LEU G 70 5.14 -11.13 26.03
C LEU G 70 3.72 -10.94 25.53
N PHE G 71 3.09 -9.81 25.88
CA PHE G 71 1.77 -9.52 25.37
C PHE G 71 1.82 -9.31 23.86
N LEU G 72 2.77 -8.49 23.40
CA LEU G 72 2.82 -8.14 21.98
C LEU G 72 3.22 -9.32 21.12
N ARG G 73 4.03 -10.23 21.65
CA ARG G 73 4.34 -11.46 20.91
C ARG G 73 3.07 -12.24 20.60
N ALA G 74 2.10 -12.25 21.52
CA ALA G 74 0.95 -13.12 21.34
C ALA G 74 -0.15 -12.51 20.48
N THR G 75 -0.13 -11.20 20.27
CA THR G 75 -1.14 -10.54 19.48
C THR G 75 -0.77 -10.57 18.00
N THR G 76 -1.79 -10.51 17.15
CA THR G 76 -1.58 -10.39 15.71
C THR G 76 -1.85 -9.00 15.16
N GLU G 77 -2.38 -8.09 15.98
CA GLU G 77 -2.58 -6.71 15.57
C GLU G 77 -1.23 -6.01 15.38
N LEU G 78 -1.15 -5.16 14.36
CA LEU G 78 0.10 -4.46 14.07
C LEU G 78 0.32 -3.30 15.02
N ARG G 79 -0.73 -2.53 15.33
CA ARG G 79 -0.65 -1.41 16.26
C ARG G 79 -1.71 -1.58 17.34
N THR G 80 -1.29 -1.62 18.59
CA THR G 80 -2.19 -1.83 19.72
C THR G 80 -2.50 -0.49 20.38
N PHE G 81 -3.79 -0.13 20.40
CA PHE G 81 -4.25 1.10 21.01
C PHE G 81 -5.16 0.88 22.22
N SER G 82 -5.42 -0.37 22.61
CA SER G 82 -6.52 -0.69 23.49
C SER G 82 -6.12 -1.18 24.88
N ILE G 83 -4.84 -1.08 25.26
CA ILE G 83 -4.39 -1.66 26.52
C ILE G 83 -5.06 -0.98 27.72
N LEU G 84 -5.20 0.35 27.68
CA LEU G 84 -5.81 1.04 28.82
C LEU G 84 -7.28 0.71 28.97
N ASN G 85 -7.99 0.52 27.85
CA ASN G 85 -9.39 0.12 27.93
C ASN G 85 -9.53 -1.24 28.59
N ARG G 86 -8.64 -2.18 28.24
CA ARG G 86 -8.67 -3.50 28.84
C ARG G 86 -8.35 -3.42 30.32
N LYS G 87 -7.41 -2.57 30.71
CA LYS G 87 -7.08 -2.42 32.12
C LYS G 87 -8.28 -1.88 32.90
N ALA G 88 -8.99 -0.90 32.34
CA ALA G 88 -10.16 -0.37 33.02
C ALA G 88 -11.26 -1.42 33.16
N ILE G 89 -11.49 -2.19 32.08
CA ILE G 89 -12.51 -3.24 32.15
C ILE G 89 -12.14 -4.29 33.20
N ASP G 90 -10.87 -4.66 33.26
CA ASP G 90 -10.44 -5.63 34.28
C ASP G 90 -10.62 -5.06 35.68
N PHE G 91 -10.30 -3.77 35.86
CA PHE G 91 -10.47 -3.14 37.16
C PHE G 91 -11.92 -3.19 37.60
N LEU G 92 -12.84 -2.90 36.69
CA LEU G 92 -14.26 -2.99 37.03
C LEU G 92 -14.67 -4.42 37.32
N LEU G 93 -14.14 -5.38 36.56
CA LEU G 93 -14.54 -6.77 36.73
C LEU G 93 -14.11 -7.32 38.08
N GLN G 94 -12.88 -7.02 38.52
CA GLN G 94 -12.44 -7.53 39.82
C GLN G 94 -13.41 -7.16 40.95
N ARG G 95 -13.94 -5.93 40.93
CA ARG G 95 -14.78 -5.48 42.01
C ARG G 95 -16.25 -5.85 41.84
N TRP G 96 -16.79 -5.71 40.63
CA TRP G 96 -18.22 -5.86 40.42
C TRP G 96 -18.56 -7.06 39.54
N GLY G 97 -17.60 -7.94 39.28
CA GLY G 97 -17.85 -9.07 38.42
C GLY G 97 -18.65 -10.19 39.05
N GLY G 98 -18.75 -10.21 40.38
CA GLY G 98 -19.54 -11.22 41.04
C GLY G 98 -20.54 -10.76 42.07
N THR G 99 -21.14 -11.76 42.74
CA THR G 99 -22.08 -11.50 43.81
C THR G 99 -21.38 -10.88 45.02
N CYS G 100 -21.92 -9.78 45.54
CA CYS G 100 -21.34 -9.08 46.68
C CYS G 100 -21.92 -9.56 48.00
N HIS G 101 -21.13 -10.31 48.78
CA HIS G 101 -21.57 -10.64 50.13
C HIS G 101 -20.96 -9.62 51.09
N ILE G 102 -21.81 -8.83 51.74
CA ILE G 102 -21.35 -7.78 52.62
C ILE G 102 -20.65 -8.39 53.83
N LEU G 103 -19.63 -7.71 54.30
CA LEU G 103 -18.63 -8.06 55.31
C LEU G 103 -17.58 -8.99 54.72
N GLY G 104 -17.71 -9.39 53.46
CA GLY G 104 -16.68 -10.12 52.78
C GLY G 104 -15.52 -9.19 52.51
N PRO G 105 -14.34 -9.77 52.29
CA PRO G 105 -13.16 -8.92 52.08
C PRO G 105 -13.12 -8.23 50.73
N ASP G 106 -13.94 -8.65 49.77
CA ASP G 106 -13.96 -8.04 48.45
C ASP G 106 -15.21 -7.24 48.12
N CYS G 107 -16.14 -7.06 49.06
CA CYS G 107 -17.32 -6.24 48.81
C CYS G 107 -17.13 -4.88 49.47
N CYS G 108 -17.00 -3.84 48.66
CA CYS G 108 -16.62 -2.50 49.14
C CYS G 108 -17.82 -1.57 49.26
N ILE G 109 -18.83 -1.97 50.03
CA ILE G 109 -19.89 -1.06 50.46
C ILE G 109 -19.89 -0.98 51.98
N GLU G 110 -19.77 0.25 52.50
CA GLU G 110 -19.83 0.47 53.93
C GLU G 110 -21.21 0.98 54.27
N PRO G 111 -22.05 0.20 54.98
CA PRO G 111 -23.38 0.63 55.39
C PRO G 111 -23.40 1.18 56.82
N ALA H 2 -31.89 20.73 28.87
CA ALA H 2 -31.52 22.13 29.04
C ALA H 2 -30.83 22.67 27.80
N ILE H 3 -31.24 22.17 26.63
CA ILE H 3 -30.67 22.57 25.35
C ILE H 3 -31.74 23.33 24.56
N VAL H 4 -31.39 24.55 24.14
CA VAL H 4 -32.28 25.39 23.36
C VAL H 4 -31.66 25.60 21.99
N ASN H 5 -32.43 25.31 20.94
CA ASN H 5 -31.93 25.45 19.59
C ASN H 5 -31.67 26.90 19.23
N ALA H 6 -30.48 27.17 18.69
CA ALA H 6 -30.06 28.50 18.30
C ALA H 6 -29.56 28.52 16.86
N GLN H 7 -30.16 27.70 16.01
CA GLN H 7 -29.81 27.63 14.60
C GLN H 7 -30.70 28.57 13.81
N PRO H 8 -30.27 28.99 12.62
CA PRO H 8 -31.15 29.83 11.79
C PRO H 8 -32.48 29.17 11.47
N LYS H 9 -32.47 27.87 11.15
CA LYS H 9 -33.69 27.14 10.89
C LYS H 9 -33.63 25.78 11.57
N CYS H 10 -34.75 25.07 11.51
CA CYS H 10 -34.88 23.67 11.91
C CYS H 10 -35.60 22.94 10.81
N ASN H 11 -34.94 21.98 10.19
CA ASN H 11 -35.75 21.04 9.44
C ASN H 11 -36.32 20.11 10.49
N PRO H 12 -37.61 20.17 10.78
CA PRO H 12 -38.15 19.42 11.93
C PRO H 12 -38.27 17.93 11.69
N ASN H 13 -38.01 17.45 10.48
CA ASN H 13 -38.19 16.05 10.17
C ASN H 13 -36.84 15.37 9.97
N LEU H 14 -36.74 14.12 10.44
CA LEU H 14 -35.54 13.30 10.40
C LEU H 14 -35.89 12.06 9.60
N HIS H 15 -35.54 12.07 8.32
CA HIS H 15 -35.66 10.89 7.45
C HIS H 15 -34.31 10.17 7.50
N TYR H 16 -34.24 9.09 8.27
CA TYR H 16 -32.97 8.46 8.60
C TYR H 16 -32.80 7.12 7.90
N TRP H 17 -31.54 6.70 7.79
CA TRP H 17 -31.13 5.37 7.35
C TRP H 17 -30.15 4.78 8.34
N THR H 18 -30.19 3.46 8.51
CA THR H 18 -29.20 2.76 9.31
C THR H 18 -29.17 1.29 8.91
N THR H 19 -28.26 0.53 9.53
CA THR H 19 -28.24 -0.91 9.40
C THR H 19 -28.77 -1.56 10.67
N GLN H 20 -29.48 -2.68 10.53
CA GLN H 20 -29.86 -3.50 11.68
C GLN H 20 -28.85 -4.61 11.90
N ASP H 21 -28.03 -4.47 12.94
CA ASP H 21 -26.96 -5.44 13.20
C ASP H 21 -27.48 -6.86 13.35
N GLU H 22 -28.73 -7.03 13.79
CA GLU H 22 -29.34 -8.37 13.86
C GLU H 22 -30.75 -8.36 13.26
N GLY H 23 -30.80 -8.51 11.94
CA GLY H 23 -32.06 -8.72 11.26
C GLY H 23 -32.55 -10.14 11.41
N ALA H 24 -33.88 -10.29 11.45
CA ALA H 24 -34.49 -11.63 11.49
C ALA H 24 -34.30 -12.23 10.09
N ALA H 25 -33.13 -12.81 9.87
CA ALA H 25 -32.72 -13.26 8.54
C ALA H 25 -33.67 -14.32 8.00
N ILE H 26 -33.75 -14.40 6.68
CA ILE H 26 -34.68 -15.30 6.00
C ILE H 26 -33.92 -16.39 5.28
N GLY H 27 -33.72 -17.53 5.95
CA GLY H 27 -33.03 -18.62 5.29
C GLY H 27 -31.55 -18.37 5.07
N LEU H 28 -31.16 -18.26 3.81
CA LEU H 28 -29.76 -18.12 3.42
C LEU H 28 -29.32 -16.67 3.24
N ALA H 29 -30.17 -15.70 3.55
CA ALA H 29 -29.83 -14.31 3.33
C ALA H 29 -28.70 -13.82 4.22
N TRP H 30 -28.45 -14.46 5.35
CA TRP H 30 -27.33 -14.07 6.20
C TRP H 30 -25.99 -14.50 5.61
N ILE H 31 -25.97 -15.51 4.76
CA ILE H 31 -24.73 -16.03 4.15
C ILE H 31 -24.20 -15.00 3.16
N PRO H 32 -22.96 -14.54 3.33
CA PRO H 32 -22.42 -13.49 2.43
C PRO H 32 -22.57 -13.80 0.95
N TYR H 33 -22.31 -15.04 0.54
CA TYR H 33 -22.46 -15.41 -0.86
C TYR H 33 -23.87 -15.18 -1.36
N PHE H 34 -24.89 -15.45 -0.54
CA PHE H 34 -26.28 -15.33 -0.94
C PHE H 34 -26.91 -13.99 -0.57
N GLY H 35 -26.35 -13.25 0.38
CA GLY H 35 -26.98 -12.08 0.90
C GLY H 35 -27.04 -10.91 -0.06
N PRO H 36 -27.48 -9.76 0.41
CA PRO H 36 -27.58 -8.59 -0.46
C PRO H 36 -26.22 -8.00 -0.77
N ALA H 37 -26.18 -7.22 -1.84
CA ALA H 37 -24.98 -6.48 -2.19
C ALA H 37 -24.76 -5.32 -1.23
N ALA H 38 -23.59 -4.68 -1.36
CA ALA H 38 -23.24 -3.55 -0.51
C ALA H 38 -24.35 -2.50 -0.50
N GLU H 39 -25.03 -2.31 -1.63
CA GLU H 39 -26.01 -1.24 -1.77
C GLU H 39 -27.33 -1.53 -1.09
N GLY H 40 -27.61 -2.79 -0.76
CA GLY H 40 -28.91 -3.17 -0.25
C GLY H 40 -29.01 -3.47 1.23
N ILE H 41 -28.07 -2.98 2.03
CA ILE H 41 -28.00 -3.32 3.44
C ILE H 41 -28.66 -2.27 4.35
N TYR H 42 -29.27 -1.24 3.80
CA TYR H 42 -29.81 -0.15 4.60
C TYR H 42 -31.31 -0.29 4.81
N ILE H 43 -31.78 0.15 5.98
CA ILE H 43 -33.19 0.37 6.26
C ILE H 43 -33.40 1.86 6.51
N GLU H 44 -34.65 2.29 6.38
CA GLU H 44 -35.01 3.69 6.47
C GLU H 44 -36.20 3.89 7.40
N GLY H 45 -36.36 5.13 7.85
CA GLY H 45 -37.52 5.49 8.65
C GLY H 45 -37.68 6.99 8.72
N LEU H 46 -38.78 7.42 9.33
CA LEU H 46 -39.14 8.83 9.41
C LEU H 46 -39.59 9.19 10.82
N MET H 47 -38.90 10.13 11.45
CA MET H 47 -39.27 10.69 12.74
C MET H 47 -39.55 12.17 12.57
N HIS H 48 -40.60 12.67 13.21
CA HIS H 48 -40.89 14.10 13.13
C HIS H 48 -40.46 14.79 14.42
N ASN H 49 -40.65 16.12 14.48
CA ASN H 49 -40.11 16.94 15.57
C ASN H 49 -41.05 17.01 16.74
N GLN H 50 -41.81 15.96 16.99
CA GLN H 50 -42.64 15.90 18.17
C GLN H 50 -41.78 16.05 19.43
N ASP H 51 -42.38 16.69 20.42
CA ASP H 51 -41.76 16.89 21.73
C ASP H 51 -40.53 17.78 21.60
N GLY H 52 -40.46 18.52 20.50
CA GLY H 52 -39.33 19.36 20.18
C GLY H 52 -38.01 18.64 20.20
N LEU H 53 -38.01 17.31 19.98
CA LEU H 53 -36.76 16.58 20.17
C LEU H 53 -35.75 16.84 19.05
N ILE H 54 -36.21 17.00 17.81
CA ILE H 54 -35.27 17.10 16.69
C ILE H 54 -34.44 18.37 16.78
N CYS H 55 -35.08 19.51 17.00
CA CYS H 55 -34.30 20.74 17.18
C CYS H 55 -33.31 20.60 18.32
N GLY H 56 -33.66 19.85 19.37
CA GLY H 56 -32.68 19.57 20.41
C GLY H 56 -31.51 18.78 19.87
N LEU H 57 -31.82 17.69 19.16
CA LEU H 57 -30.78 16.77 18.71
C LEU H 57 -29.78 17.49 17.81
N ARG H 58 -30.27 18.28 16.86
CA ARG H 58 -29.40 19.03 15.97
C ARG H 58 -28.47 19.92 16.77
N GLN H 59 -29.02 20.64 17.75
CA GLN H 59 -28.20 21.54 18.55
C GLN H 59 -27.13 20.76 19.28
N LEU H 60 -27.49 19.58 19.80
CA LEU H 60 -26.50 18.76 20.49
C LEU H 60 -25.31 18.49 19.58
N ALA H 61 -25.57 18.14 18.32
CA ALA H 61 -24.48 17.85 17.40
C ALA H 61 -23.54 19.04 17.31
N ASN H 62 -24.10 20.24 17.15
CA ASN H 62 -23.29 21.45 17.11
C ASN H 62 -22.35 21.49 18.29
N GLU H 63 -22.90 21.31 19.50
CA GLU H 63 -22.13 21.46 20.72
C GLU H 63 -21.01 20.43 20.80
N THR H 64 -21.22 19.27 20.18
CA THR H 64 -20.22 18.21 20.25
C THR H 64 -18.96 18.54 19.46
N THR H 65 -19.11 19.29 18.35
CA THR H 65 -18.07 19.28 17.34
C THR H 65 -16.71 19.69 17.91
N GLN H 66 -16.68 20.81 18.62
CA GLN H 66 -15.41 21.30 19.16
C GLN H 66 -14.70 20.21 19.95
N ALA H 67 -15.39 19.63 20.93
CA ALA H 67 -14.72 18.67 21.78
C ALA H 67 -14.21 17.50 20.94
N LEU H 68 -15.04 17.02 20.01
CA LEU H 68 -14.64 15.88 19.20
C LEU H 68 -13.40 16.22 18.40
N GLN H 69 -13.35 17.42 17.83
CA GLN H 69 -12.19 17.79 17.04
C GLN H 69 -10.94 17.76 17.91
N LEU H 70 -11.03 18.32 19.11
CA LEU H 70 -9.85 18.36 19.96
C LEU H 70 -9.42 16.96 20.35
N PHE H 71 -10.36 16.02 20.42
CA PHE H 71 -9.99 14.64 20.69
C PHE H 71 -9.17 14.08 19.54
N LEU H 72 -9.64 14.28 18.30
CA LEU H 72 -8.98 13.67 17.16
C LEU H 72 -7.62 14.29 16.90
N ARG H 73 -7.44 15.57 17.22
CA ARG H 73 -6.12 16.17 17.11
C ARG H 73 -5.11 15.44 17.98
N ALA H 74 -5.52 14.98 19.16
CA ALA H 74 -4.57 14.43 20.10
C ALA H 74 -4.26 12.96 19.86
N THR H 75 -5.08 12.26 19.09
CA THR H 75 -4.86 10.84 18.83
C THR H 75 -3.94 10.66 17.63
N THR H 76 -3.24 9.54 17.61
CA THR H 76 -2.43 9.17 16.46
C THR H 76 -3.04 8.07 15.59
N GLU H 77 -4.14 7.47 16.03
CA GLU H 77 -4.86 6.49 15.22
C GLU H 77 -5.49 7.16 14.01
N LEU H 78 -5.45 6.46 12.87
CA LEU H 78 -6.01 7.02 11.63
C LEU H 78 -7.53 6.94 11.61
N ARG H 79 -8.10 5.83 12.06
CA ARG H 79 -9.54 5.65 12.13
C ARG H 79 -9.93 5.23 13.54
N THR H 80 -10.80 6.01 14.17
CA THR H 80 -11.22 5.77 15.55
C THR H 80 -12.58 5.08 15.55
N PHE H 81 -12.63 3.88 16.12
CA PHE H 81 -13.85 3.10 16.23
C PHE H 81 -14.31 2.89 17.66
N SER H 82 -13.61 3.43 18.65
CA SER H 82 -13.74 2.99 20.04
C SER H 82 -14.36 4.03 20.97
N ILE H 83 -14.92 5.13 20.46
CA ILE H 83 -15.41 6.19 21.33
C ILE H 83 -16.57 5.72 22.20
N LEU H 84 -17.49 4.93 21.64
CA LEU H 84 -18.64 4.49 22.43
C LEU H 84 -18.22 3.52 23.53
N ASN H 85 -17.23 2.67 23.26
CA ASN H 85 -16.73 1.77 24.30
C ASN H 85 -16.14 2.57 25.46
N ARG H 86 -15.38 3.61 25.15
CA ARG H 86 -14.80 4.45 26.20
C ARG H 86 -15.89 5.16 26.98
N LYS H 87 -16.94 5.63 26.30
CA LYS H 87 -18.03 6.28 27.01
C LYS H 87 -18.73 5.33 27.97
N ALA H 88 -18.95 4.07 27.53
CA ALA H 88 -19.56 3.09 28.42
C ALA H 88 -18.69 2.78 29.62
N ILE H 89 -17.37 2.63 29.39
CA ILE H 89 -16.46 2.35 30.50
C ILE H 89 -16.45 3.51 31.49
N ASP H 90 -16.45 4.74 30.99
CA ASP H 90 -16.49 5.90 31.87
C ASP H 90 -17.79 5.94 32.67
N PHE H 91 -18.91 5.63 32.01
CA PHE H 91 -20.19 5.61 32.69
C PHE H 91 -20.19 4.61 33.83
N LEU H 92 -19.63 3.43 33.60
CA LEU H 92 -19.54 2.45 34.69
C LEU H 92 -18.59 2.93 35.78
N LEU H 93 -17.49 3.57 35.41
CA LEU H 93 -16.51 4.00 36.41
C LEU H 93 -17.07 5.07 37.33
N GLN H 94 -17.80 6.05 36.79
CA GLN H 94 -18.36 7.09 37.65
C GLN H 94 -19.19 6.51 38.79
N ARG H 95 -19.98 5.47 38.51
CA ARG H 95 -20.88 4.93 39.52
C ARG H 95 -20.23 3.89 40.41
N TRP H 96 -19.44 2.98 39.83
CA TRP H 96 -18.93 1.83 40.58
C TRP H 96 -17.42 1.86 40.74
N GLY H 97 -16.77 2.97 40.41
CA GLY H 97 -15.33 3.06 40.50
C GLY H 97 -14.78 3.18 41.91
N GLY H 98 -15.62 3.55 42.88
CA GLY H 98 -15.16 3.63 44.25
C GLY H 98 -16.00 2.95 45.31
N THR H 99 -15.60 3.19 46.55
CA THR H 99 -16.33 2.66 47.70
C THR H 99 -17.70 3.32 47.83
N CYS H 100 -18.74 2.51 47.96
CA CYS H 100 -20.12 3.02 48.08
C CYS H 100 -20.52 3.24 49.53
N HIS H 101 -20.63 4.50 49.97
CA HIS H 101 -21.19 4.76 51.29
C HIS H 101 -22.66 5.07 51.11
N ILE H 102 -23.52 4.20 51.67
CA ILE H 102 -24.96 4.34 51.52
C ILE H 102 -25.42 5.61 52.22
N LEU H 103 -26.41 6.26 51.64
CA LEU H 103 -27.00 7.57 51.93
C LEU H 103 -26.12 8.68 51.35
N GLY H 104 -24.98 8.34 50.76
CA GLY H 104 -24.18 9.31 50.06
C GLY H 104 -24.89 9.69 48.78
N PRO H 105 -24.55 10.84 48.23
CA PRO H 105 -25.24 11.31 47.01
C PRO H 105 -24.87 10.54 45.76
N ASP H 106 -23.78 9.77 45.77
CA ASP H 106 -23.37 9.01 44.60
C ASP H 106 -23.51 7.51 44.72
N CYS H 107 -24.10 6.99 45.79
CA CYS H 107 -24.31 5.54 45.92
C CYS H 107 -25.78 5.24 45.63
N CYS H 108 -26.04 4.56 44.52
CA CYS H 108 -27.39 4.36 44.02
C CYS H 108 -27.95 2.97 44.34
N ILE H 109 -27.96 2.62 45.62
CA ILE H 109 -28.72 1.46 46.10
C ILE H 109 -29.79 1.93 47.08
N GLU H 110 -31.05 1.60 46.79
CA GLU H 110 -32.14 1.92 47.70
C GLU H 110 -32.49 0.67 48.50
N PRO H 111 -32.22 0.62 49.80
CA PRO H 111 -32.57 -0.52 50.65
C PRO H 111 -33.91 -0.34 51.37
N SER I 5 -1.37 -9.65 32.73
CA SER I 5 -0.56 -9.45 33.92
C SER I 5 0.58 -8.47 33.67
N ILE I 6 0.24 -7.20 33.50
CA ILE I 6 1.20 -6.13 33.29
C ILE I 6 1.12 -5.17 34.46
N PRO I 7 2.22 -4.88 35.14
CA PRO I 7 2.18 -4.00 36.33
C PRO I 7 1.48 -2.67 36.14
N LEU I 8 0.35 -2.49 36.83
CA LEU I 8 -0.37 -1.22 36.88
C LEU I 8 -0.02 -0.51 38.19
N GLY I 9 0.53 0.69 38.09
CA GLY I 9 1.01 1.42 39.25
C GLY I 9 0.05 2.52 39.65
N VAL I 10 -0.33 2.52 40.92
CA VAL I 10 -1.26 3.48 41.49
C VAL I 10 -0.49 4.44 42.37
N ILE I 11 -0.72 5.73 42.15
CA ILE I 11 -0.05 6.77 42.94
C ILE I 11 -0.82 6.97 44.24
N HIS I 12 -0.13 6.80 45.34
CA HIS I 12 -0.56 7.00 46.70
C HIS I 12 -0.27 8.44 47.09
N ASN I 13 -0.17 8.75 48.38
CA ASN I 13 0.14 10.12 48.75
C ASN I 13 1.60 10.40 48.40
N SER I 14 1.80 10.97 47.21
CA SER I 14 3.14 11.32 46.72
C SER I 14 4.09 10.12 46.68
N ALA I 15 3.54 8.95 46.33
CA ALA I 15 4.35 7.74 46.24
C ALA I 15 3.73 6.85 45.18
N LEU I 16 4.52 5.94 44.63
CA LEU I 16 4.01 5.06 43.59
C LEU I 16 4.13 3.63 44.06
N GLN I 17 3.00 2.93 44.18
CA GLN I 17 3.01 1.51 44.51
C GLN I 17 2.33 0.77 43.38
N VAL I 18 2.87 -0.38 43.00
CA VAL I 18 2.27 -1.17 41.93
C VAL I 18 1.12 -1.98 42.54
N SER I 19 -0.11 -1.61 42.19
CA SER I 19 -1.26 -2.23 42.82
C SER I 19 -1.30 -3.71 42.48
N ASP I 20 -1.40 -4.55 43.52
CA ASP I 20 -1.41 -6.00 43.33
C ASP I 20 -2.86 -6.43 43.10
N VAL I 21 -3.11 -7.02 41.93
CA VAL I 21 -4.47 -7.38 41.49
C VAL I 21 -5.06 -8.63 42.13
N ASP I 22 -4.24 -9.56 42.63
CA ASP I 22 -4.82 -10.79 43.20
C ASP I 22 -5.71 -10.45 44.39
N LYS I 23 -5.19 -9.66 45.32
CA LYS I 23 -6.04 -9.13 46.38
C LYS I 23 -6.81 -7.96 45.81
N LEU I 24 -7.82 -7.51 46.54
CA LEU I 24 -8.61 -6.35 46.14
C LEU I 24 -8.61 -5.37 47.29
N VAL I 25 -7.80 -4.31 47.16
CA VAL I 25 -7.72 -3.23 48.13
C VAL I 25 -8.36 -2.00 47.47
N CYS I 26 -9.61 -1.71 47.86
CA CYS I 26 -10.45 -0.66 47.28
C CYS I 26 -10.12 0.81 47.61
N ARG I 27 -9.18 1.13 48.49
CA ARG I 27 -9.04 2.55 48.83
C ARG I 27 -8.58 3.39 47.64
N ASP I 28 -7.91 2.77 46.66
CA ASP I 28 -7.72 3.42 45.36
C ASP I 28 -9.03 3.68 44.64
N LYS I 29 -9.16 4.87 44.09
CA LYS I 29 -10.38 5.33 43.42
C LYS I 29 -10.03 5.70 41.99
N LEU I 30 -10.65 5.02 41.03
CA LEU I 30 -10.46 5.33 39.61
C LEU I 30 -11.84 5.61 39.07
N SER I 31 -12.21 6.88 39.01
CA SER I 31 -13.55 7.28 38.60
C SER I 31 -13.68 7.66 37.12
N SER I 32 -12.60 7.61 36.35
CA SER I 32 -12.68 8.01 34.95
C SER I 32 -11.46 7.51 34.20
N THR I 33 -11.64 7.30 32.90
CA THR I 33 -10.54 6.89 32.04
C THR I 33 -9.48 7.97 31.88
N ASN I 34 -9.77 9.22 32.25
CA ASN I 34 -8.75 10.26 32.22
C ASN I 34 -7.62 9.98 33.20
N GLN I 35 -7.88 9.22 34.26
CA GLN I 35 -6.84 8.89 35.23
C GLN I 35 -5.83 7.88 34.70
N LEU I 36 -6.10 7.24 33.56
CA LEU I 36 -5.23 6.22 32.99
C LEU I 36 -4.20 6.85 32.06
N ARG I 37 -2.94 6.50 32.26
CA ARG I 37 -1.85 7.07 31.47
C ARG I 37 -0.83 6.02 31.08
N SER I 38 -0.23 6.22 29.90
CA SER I 38 0.98 5.53 29.52
C SER I 38 2.10 6.57 29.38
N VAL I 39 3.30 6.21 29.81
CA VAL I 39 4.42 7.14 29.86
C VAL I 39 5.65 6.45 29.30
N GLY I 40 6.42 7.18 28.50
CA GLY I 40 7.70 6.71 27.98
C GLY I 40 8.86 7.34 28.72
N LEU I 41 9.79 6.49 29.17
CA LEU I 41 10.98 6.90 29.90
C LEU I 41 12.23 6.50 29.12
N ASN I 42 13.24 7.36 29.13
CA ASN I 42 14.46 7.15 28.36
C ASN I 42 15.48 6.34 29.14
N LEU I 43 16.08 5.35 28.47
CA LEU I 43 17.16 4.58 29.09
C LEU I 43 18.33 5.45 29.49
N GLU I 44 18.61 6.49 28.69
CA GLU I 44 19.57 7.53 29.06
C GLU I 44 19.49 7.93 30.53
N GLY I 45 18.28 8.13 31.05
CA GLY I 45 18.11 8.57 32.42
C GLY I 45 18.59 7.61 33.47
N ASN I 46 18.94 6.38 33.09
CA ASN I 46 19.50 5.41 34.03
C ASN I 46 21.01 5.32 33.96
N GLY I 47 21.68 6.16 33.17
CA GLY I 47 23.13 6.19 33.14
C GLY I 47 23.80 5.33 32.10
N VAL I 48 23.06 4.87 31.08
CA VAL I 48 23.69 4.06 30.04
C VAL I 48 24.56 4.94 29.15
N ALA I 49 25.62 4.34 28.60
CA ALA I 49 26.50 5.05 27.70
C ALA I 49 25.78 5.51 26.45
N THR I 50 25.98 6.77 26.08
CA THR I 50 25.27 7.39 24.96
C THR I 50 26.13 7.60 23.73
N ASP I 51 27.43 7.37 23.83
CA ASP I 51 28.31 7.44 22.67
C ASP I 51 27.80 6.53 21.56
N VAL I 52 27.97 6.99 20.31
CA VAL I 52 27.45 6.22 19.17
C VAL I 52 28.03 4.81 19.11
N PRO I 53 29.34 4.58 19.23
CA PRO I 53 29.83 3.20 19.21
C PRO I 53 29.24 2.35 20.32
N SER I 54 29.03 2.94 21.49
CA SER I 54 28.43 2.20 22.59
C SER I 54 26.96 1.89 22.31
N ALA I 55 26.22 2.87 21.80
CA ALA I 55 24.80 2.68 21.55
C ALA I 55 24.55 1.62 20.49
N THR I 56 25.30 1.66 19.38
CA THR I 56 25.04 0.74 18.29
C THR I 56 25.33 -0.71 18.64
N LYS I 57 26.14 -0.98 19.66
CA LYS I 57 26.36 -2.36 20.08
C LYS I 57 25.13 -2.99 20.71
N ARG I 58 24.15 -2.18 21.12
CA ARG I 58 22.91 -2.70 21.68
C ARG I 58 21.90 -3.15 20.63
N TRP I 59 22.15 -2.93 19.35
CA TRP I 59 21.20 -3.27 18.29
C TRP I 59 21.74 -4.40 17.42
N GLY I 60 20.84 -5.22 16.89
CA GLY I 60 21.24 -6.35 16.09
C GLY I 60 20.16 -6.80 15.14
N PHE I 61 20.56 -7.37 14.00
CA PHE I 61 19.64 -7.77 12.96
C PHE I 61 19.21 -9.23 13.12
N ARG I 62 17.95 -9.51 12.77
CA ARG I 62 17.33 -10.81 12.97
C ARG I 62 16.22 -10.99 11.94
N SER I 63 16.11 -12.21 11.41
CA SER I 63 15.01 -12.63 10.55
C SER I 63 13.98 -13.48 11.30
N GLY I 64 12.77 -13.52 10.75
CA GLY I 64 11.68 -14.36 11.24
C GLY I 64 10.76 -13.81 12.30
N VAL I 65 10.99 -12.61 12.82
CA VAL I 65 10.18 -12.07 13.91
C VAL I 65 9.39 -10.87 13.39
N PRO I 66 8.05 -10.94 13.35
CA PRO I 66 7.25 -9.79 12.90
C PRO I 66 7.33 -8.62 13.87
N PRO I 67 7.47 -7.39 13.36
CA PRO I 67 7.48 -6.21 14.23
C PRO I 67 6.12 -5.89 14.84
N LYS I 68 6.16 -5.14 15.94
CA LYS I 68 4.97 -4.79 16.72
C LYS I 68 5.10 -3.36 17.23
N VAL I 69 3.96 -2.67 17.35
CA VAL I 69 3.90 -1.27 17.72
C VAL I 69 2.86 -1.07 18.83
N VAL I 70 3.17 -0.20 19.80
CA VAL I 70 2.24 0.14 20.87
C VAL I 70 2.32 1.64 21.14
N ASN I 71 1.17 2.28 21.39
CA ASN I 71 1.12 3.71 21.60
C ASN I 71 1.39 4.12 23.05
N TYR I 72 1.76 5.38 23.23
CA TYR I 72 1.92 5.98 24.55
C TYR I 72 1.60 7.46 24.46
N GLU I 73 1.09 8.02 25.56
CA GLU I 73 0.51 9.35 25.56
C GLU I 73 1.45 10.47 26.00
N ALA I 74 2.44 10.18 26.83
CA ALA I 74 3.30 11.21 27.39
C ALA I 74 4.74 10.72 27.43
N GLY I 75 5.68 11.66 27.27
CA GLY I 75 7.07 11.29 27.15
C GLY I 75 8.00 12.25 27.88
N GLU I 76 9.28 11.97 27.75
CA GLU I 76 10.37 12.68 28.41
C GLU I 76 11.24 13.39 27.38
N TRP I 77 11.75 14.56 27.72
CA TRP I 77 12.73 15.21 26.86
C TRP I 77 14.00 14.37 26.78
N ALA I 78 14.46 14.10 25.57
CA ALA I 78 15.67 13.33 25.34
C ALA I 78 16.83 14.26 25.04
N GLU I 79 18.01 13.92 25.56
CA GLU I 79 19.22 14.61 25.12
C GLU I 79 19.75 14.07 23.80
N ASN I 80 19.65 12.75 23.59
CA ASN I 80 20.27 12.10 22.44
C ASN I 80 19.25 11.28 21.66
N CYS I 81 19.12 11.57 20.37
CA CYS I 81 18.36 10.75 19.44
C CYS I 81 19.28 10.28 18.33
N TYR I 82 18.82 9.28 17.58
CA TYR I 82 19.62 8.67 16.54
C TYR I 82 18.79 8.56 15.26
N ASN I 83 19.49 8.61 14.13
CA ASN I 83 18.85 8.62 12.82
C ASN I 83 19.78 7.90 11.86
N LEU I 84 19.32 6.78 11.30
CA LEU I 84 20.20 5.87 10.57
C LEU I 84 19.90 5.89 9.08
N GLU I 85 20.96 5.96 8.27
CA GLU I 85 20.91 5.83 6.82
C GLU I 85 21.98 4.81 6.43
N ILE I 86 21.65 3.53 6.54
CA ILE I 86 22.60 2.46 6.31
C ILE I 86 22.20 1.66 5.07
N LYS I 87 23.18 1.35 4.23
CA LYS I 87 22.96 0.61 3.00
C LYS I 87 23.98 -0.52 2.88
N LYS I 88 23.65 -1.52 2.08
CA LYS I 88 24.60 -2.59 1.82
C LYS I 88 25.68 -2.12 0.84
N PRO I 89 26.85 -2.75 0.85
CA PRO I 89 27.96 -2.22 0.03
C PRO I 89 27.68 -2.14 -1.46
N ASP I 90 26.79 -2.96 -2.01
CA ASP I 90 26.39 -2.77 -3.39
C ASP I 90 25.48 -1.56 -3.54
N GLY I 91 24.66 -1.29 -2.53
CA GLY I 91 23.71 -0.21 -2.50
C GLY I 91 22.33 -0.80 -2.45
N SER I 92 21.79 -0.95 -1.25
CA SER I 92 20.50 -1.57 -1.05
C SER I 92 20.01 -1.13 0.32
N GLU I 93 18.73 -1.33 0.57
CA GLU I 93 18.14 -0.88 1.82
C GLU I 93 18.03 -2.05 2.79
N CYS I 94 18.60 -1.88 3.98
CA CYS I 94 18.45 -2.86 5.04
C CYS I 94 17.52 -2.38 6.15
N LEU I 95 16.99 -1.16 6.04
CA LEU I 95 16.01 -0.63 6.98
C LEU I 95 14.72 -0.31 6.24
N PRO I 96 13.58 -0.81 6.70
CA PRO I 96 12.31 -0.53 6.01
C PRO I 96 11.86 0.91 6.20
N ALA I 97 11.19 1.44 5.18
CA ALA I 97 10.64 2.78 5.26
C ALA I 97 9.58 2.88 6.35
N ALA I 98 9.51 4.05 6.98
CA ALA I 98 8.50 4.30 8.00
C ALA I 98 7.09 4.17 7.43
N PRO I 99 6.23 3.34 8.02
CA PRO I 99 4.82 3.33 7.62
C PRO I 99 4.14 4.67 7.81
N ASP I 100 2.98 4.80 7.19
CA ASP I 100 2.13 5.98 7.32
C ASP I 100 1.86 6.33 8.78
N GLY I 101 2.18 7.57 9.15
CA GLY I 101 1.91 8.07 10.49
C GLY I 101 2.90 7.70 11.56
N ILE I 102 4.12 7.32 11.22
CA ILE I 102 5.20 7.17 12.17
C ILE I 102 6.18 8.30 11.93
N ARG I 103 6.17 9.31 12.79
CA ARG I 103 7.06 10.46 12.70
C ARG I 103 8.14 10.38 13.78
N GLY I 104 9.13 11.25 13.62
CA GLY I 104 10.28 11.24 14.51
C GLY I 104 9.96 11.71 15.92
N PHE I 105 10.87 11.37 16.83
CA PHE I 105 10.74 11.78 18.22
C PHE I 105 10.72 13.30 18.36
N PRO I 106 9.74 13.86 19.07
CA PRO I 106 9.56 15.33 19.08
C PRO I 106 10.68 16.16 19.69
N ARG I 107 11.19 15.81 20.88
CA ARG I 107 12.13 16.66 21.61
C ARG I 107 13.47 15.98 21.91
N CYS I 108 14.52 16.33 21.17
CA CYS I 108 15.89 15.96 21.53
C CYS I 108 16.88 17.06 21.14
N ARG I 109 17.75 17.38 22.10
CA ARG I 109 18.77 18.40 21.88
C ARG I 109 19.74 18.02 20.77
N TYR I 110 20.16 16.76 20.71
CA TYR I 110 21.14 16.30 19.74
C TYR I 110 20.60 15.12 18.94
N VAL I 111 20.70 15.21 17.62
CA VAL I 111 20.34 14.12 16.72
C VAL I 111 21.62 13.62 16.05
N HIS I 112 22.08 12.44 16.44
CA HIS I 112 23.26 11.82 15.85
C HIS I 112 22.84 11.07 14.59
N LYS I 113 23.13 11.66 13.43
CA LYS I 113 22.73 11.08 12.15
C LYS I 113 23.90 10.29 11.57
N VAL I 114 23.73 8.97 11.49
CA VAL I 114 24.79 8.07 11.05
C VAL I 114 24.47 7.57 9.65
N SER I 115 25.43 7.74 8.74
CA SER I 115 25.35 7.24 7.38
C SER I 115 26.49 6.28 7.12
N GLY I 116 26.29 5.33 6.20
CA GLY I 116 27.38 4.44 5.83
C GLY I 116 26.85 3.14 5.26
N THR I 117 27.70 2.11 5.39
CA THR I 117 27.43 0.78 4.83
C THR I 117 27.67 -0.28 5.89
N GLY I 118 26.97 -1.39 5.75
CA GLY I 118 27.16 -2.53 6.61
C GLY I 118 26.61 -3.81 6.00
N PRO I 119 26.86 -4.94 6.66
CA PRO I 119 26.34 -6.20 6.14
C PRO I 119 24.83 -6.38 6.29
N CYS I 120 24.22 -5.80 7.32
CA CYS I 120 22.77 -5.82 7.53
C CYS I 120 22.20 -7.23 7.36
N ALA I 121 22.73 -8.16 8.16
CA ALA I 121 22.46 -9.60 8.00
C ALA I 121 21.21 -10.02 8.78
N GLY I 122 20.07 -9.56 8.28
CA GLY I 122 18.80 -9.84 8.91
C GLY I 122 17.73 -8.91 8.41
N ASP I 123 16.48 -9.37 8.53
CA ASP I 123 15.38 -8.59 7.98
C ASP I 123 15.02 -7.38 8.84
N PHE I 124 15.14 -7.45 10.16
CA PHE I 124 14.80 -6.30 10.99
C PHE I 124 15.82 -6.13 12.10
N ALA I 125 15.96 -4.90 12.57
CA ALA I 125 16.90 -4.55 13.64
C ALA I 125 16.16 -4.43 14.96
N PHE I 126 16.57 -5.22 15.94
CA PHE I 126 15.98 -5.27 17.27
C PHE I 126 16.97 -4.76 18.31
N HIS I 127 16.43 -4.49 19.50
CA HIS I 127 17.21 -4.10 20.67
C HIS I 127 17.59 -5.36 21.44
N LYS I 128 18.90 -5.54 21.67
CA LYS I 128 19.38 -6.77 22.30
C LYS I 128 18.99 -6.89 23.77
N GLU I 129 18.65 -5.80 24.45
CA GLU I 129 18.20 -5.85 25.83
C GLU I 129 16.69 -5.78 25.99
N GLY I 130 15.94 -5.83 24.89
CA GLY I 130 14.50 -5.87 24.94
C GLY I 130 13.80 -4.54 25.15
N ALA I 131 14.51 -3.42 25.11
CA ALA I 131 13.87 -2.13 25.23
C ALA I 131 13.18 -1.77 23.92
N PHE I 132 12.51 -0.62 23.90
CA PHE I 132 11.78 -0.16 22.73
C PHE I 132 12.49 1.01 22.06
N PHE I 133 12.14 1.21 20.79
CA PHE I 133 12.51 2.39 20.03
C PHE I 133 11.32 3.33 20.01
N LEU I 134 11.47 4.50 20.60
CA LEU I 134 10.41 5.47 20.80
C LEU I 134 10.41 6.48 19.66
N TYR I 135 9.25 6.67 19.05
CA TYR I 135 8.95 7.65 18.03
C TYR I 135 7.89 8.59 18.61
N ASP I 136 7.27 9.38 17.73
CA ASP I 136 6.28 10.34 18.20
C ASP I 136 5.01 9.64 18.65
N ARG I 137 4.94 9.31 19.95
CA ARG I 137 3.80 8.67 20.60
C ARG I 137 3.53 7.26 20.08
N LEU I 138 4.55 6.61 19.51
CA LEU I 138 4.47 5.20 19.12
C LEU I 138 5.81 4.56 19.42
N ALA I 139 5.80 3.44 20.13
CA ALA I 139 6.98 2.65 20.44
C ALA I 139 6.97 1.38 19.62
N SER I 140 8.08 1.10 18.95
CA SER I 140 8.20 -0.04 18.06
C SER I 140 9.32 -0.96 18.50
N THR I 141 9.22 -2.22 18.12
CA THR I 141 10.28 -3.18 18.36
C THR I 141 11.43 -3.10 17.36
N VAL I 142 11.27 -2.39 16.24
CA VAL I 142 12.28 -2.36 15.19
C VAL I 142 12.60 -0.91 14.79
N ILE I 143 13.75 -0.76 14.12
CA ILE I 143 14.24 0.54 13.63
C ILE I 143 13.76 0.76 12.20
N TYR I 144 13.20 1.95 11.95
CA TYR I 144 12.82 2.37 10.60
C TYR I 144 13.87 3.31 10.01
N ARG I 145 13.88 3.35 8.68
CA ARG I 145 14.86 4.13 7.93
C ARG I 145 14.61 5.63 8.08
N GLY I 146 15.70 6.38 8.30
CA GLY I 146 15.65 7.83 8.21
C GLY I 146 14.73 8.52 9.20
N THR I 147 14.46 7.91 10.34
CA THR I 147 13.47 8.41 11.29
C THR I 147 14.11 8.47 12.68
N THR I 148 14.14 9.65 13.28
CA THR I 148 14.80 9.83 14.57
C THR I 148 14.03 9.15 15.70
N PHE I 149 14.75 8.42 16.55
CA PHE I 149 14.16 7.67 17.65
C PHE I 149 14.97 7.87 18.93
N ALA I 150 14.33 7.57 20.06
CA ALA I 150 15.01 7.45 21.35
C ALA I 150 14.87 6.03 21.88
N GLU I 151 15.84 5.55 22.64
CA GLU I 151 15.66 4.26 23.30
C GLU I 151 14.88 4.46 24.59
N GLY I 152 13.88 3.61 24.83
CA GLY I 152 13.10 3.82 26.04
C GLY I 152 12.19 2.66 26.39
N VAL I 153 11.41 2.87 27.45
CA VAL I 153 10.51 1.88 28.03
C VAL I 153 9.20 2.54 28.44
N VAL I 154 8.15 1.74 28.56
CA VAL I 154 6.79 2.21 28.75
C VAL I 154 6.23 1.72 30.09
N ALA I 155 5.55 2.62 30.81
CA ALA I 155 4.82 2.27 32.04
C ALA I 155 3.37 2.72 31.94
N PHE I 156 2.52 2.09 32.75
CA PHE I 156 1.10 2.40 32.82
C PHE I 156 0.72 2.81 34.24
N LEU I 157 -0.04 3.89 34.37
CA LEU I 157 -0.30 4.53 35.65
C LEU I 157 -1.78 4.88 35.83
N ILE I 158 -2.23 4.78 37.08
CA ILE I 158 -3.45 5.42 37.55
C ILE I 158 -3.06 6.73 38.23
N LEU I 159 -3.40 7.86 37.62
CA LEU I 159 -3.07 9.16 38.18
C LEU I 159 -4.02 9.52 39.31
N PRO I 160 -3.63 10.45 40.18
CA PRO I 160 -4.53 10.91 41.24
C PRO I 160 -5.63 11.82 40.71
N GLN I 161 -6.67 11.98 41.54
CA GLN I 161 -7.84 12.76 41.15
C GLN I 161 -7.49 14.19 40.77
N ALA I 162 -6.57 14.82 41.50
CA ALA I 162 -6.19 16.19 41.18
C ALA I 162 -5.36 16.24 39.91
N LYS I 163 -5.79 17.07 38.96
CA LYS I 163 -5.08 17.20 37.69
C LYS I 163 -3.73 17.87 37.86
N LYS I 164 -3.67 18.93 38.68
CA LYS I 164 -2.62 19.93 38.53
C LYS I 164 -1.24 19.39 38.85
N ASP I 165 -1.14 18.53 39.88
CA ASP I 165 0.17 18.07 40.34
C ASP I 165 0.92 17.29 39.27
N PHE I 166 0.21 16.48 38.47
CA PHE I 166 0.84 15.66 37.45
C PHE I 166 0.40 16.09 36.06
N PHE I 167 1.37 16.32 35.18
CA PHE I 167 1.15 16.57 33.76
C PHE I 167 0.12 17.66 33.50
N TYR I 186 12.53 25.88 21.56
CA TYR I 186 13.04 24.54 21.33
C TYR I 186 13.93 24.51 20.08
N TYR I 187 15.15 23.99 20.25
CA TYR I 187 16.13 23.89 19.18
C TYR I 187 16.76 22.50 19.20
N SER I 188 17.20 22.05 18.02
CA SER I 188 17.86 20.75 17.86
C SER I 188 19.13 20.93 17.04
N THR I 189 20.07 20.01 17.23
CA THR I 189 21.32 20.03 16.48
C THR I 189 21.61 18.63 15.93
N THR I 190 22.21 18.57 14.75
CA THR I 190 22.55 17.31 14.10
C THR I 190 24.06 17.14 14.02
N ILE I 191 24.53 15.95 14.41
CA ILE I 191 25.95 15.58 14.34
C ILE I 191 26.06 14.40 13.39
N ARG I 192 26.83 14.57 12.31
CA ARG I 192 26.90 13.58 11.24
C ARG I 192 28.10 12.67 11.39
N TYR I 193 27.90 11.38 11.07
CA TYR I 193 28.94 10.36 11.12
C TYR I 193 28.90 9.52 9.84
N GLN I 194 30.07 9.07 9.41
CA GLN I 194 30.18 8.05 8.38
C GLN I 194 30.69 6.76 9.00
N ALA I 195 30.13 5.63 8.57
CA ALA I 195 30.46 4.35 9.16
C ALA I 195 30.65 3.29 8.09
N THR I 196 31.62 2.42 8.32
CA THR I 196 31.79 1.19 7.55
C THR I 196 31.87 0.01 8.51
N GLY I 197 31.39 -1.13 8.05
CA GLY I 197 31.31 -2.31 8.89
C GLY I 197 30.37 -2.12 10.05
N PHE I 198 29.25 -1.42 9.82
CA PHE I 198 28.29 -1.14 10.87
C PHE I 198 27.68 -2.42 11.40
N GLY I 199 27.49 -2.48 12.71
CA GLY I 199 26.99 -3.69 13.36
C GLY I 199 27.93 -4.88 13.30
N THR I 200 29.23 -4.66 13.45
CA THR I 200 30.24 -5.71 13.44
C THR I 200 31.13 -5.55 14.65
N ASN I 201 31.97 -6.57 14.90
CA ASN I 201 32.80 -6.57 16.10
C ASN I 201 33.66 -5.32 16.17
N GLU I 202 34.38 -4.99 15.10
CA GLU I 202 35.07 -3.71 14.99
C GLU I 202 34.45 -2.91 13.85
N THR I 203 33.89 -1.75 14.18
CA THR I 203 33.15 -0.88 13.27
C THR I 203 33.85 0.46 13.18
N GLU I 204 33.94 1.01 11.98
CA GLU I 204 34.71 2.24 11.74
C GLU I 204 33.77 3.42 11.59
N TYR I 205 33.92 4.41 12.49
CA TYR I 205 33.20 5.67 12.46
C TYR I 205 34.16 6.83 12.28
N LEU I 206 33.75 7.83 11.50
CA LEU I 206 34.39 9.13 11.56
C LEU I 206 33.32 10.21 11.62
N PHE I 207 33.39 11.03 12.66
CA PHE I 207 32.49 12.16 12.83
C PHE I 207 33.07 13.36 12.09
N GLU I 208 32.21 14.08 11.37
CA GLU I 208 32.58 15.21 10.51
C GLU I 208 32.53 16.51 11.28
N SER J 5 -14.22 14.57 27.51
CA SER J 5 -15.30 15.50 27.76
C SER J 5 -16.06 15.84 26.49
N ILE J 6 -16.83 14.87 25.97
CA ILE J 6 -17.63 15.05 24.78
C ILE J 6 -19.08 14.87 25.17
N PRO J 7 -19.96 15.84 24.87
CA PRO J 7 -21.37 15.75 25.28
C PRO J 7 -22.09 14.46 24.93
N LEU J 8 -22.46 13.69 25.96
CA LEU J 8 -23.28 12.49 25.81
C LEU J 8 -24.72 12.83 26.17
N GLY J 9 -25.63 12.64 25.21
CA GLY J 9 -27.03 13.05 25.39
C GLY J 9 -27.90 11.84 25.69
N VAL J 10 -28.67 11.95 26.77
CA VAL J 10 -29.57 10.91 27.24
C VAL J 10 -31.00 11.34 26.95
N ILE J 11 -31.76 10.44 26.33
CA ILE J 11 -33.15 10.70 25.99
C ILE J 11 -34.01 10.41 27.22
N HIS J 12 -34.75 11.41 27.64
CA HIS J 12 -35.71 11.40 28.73
C HIS J 12 -37.06 11.04 28.14
N ASN J 13 -38.15 11.39 28.82
CA ASN J 13 -39.45 11.06 28.25
C ASN J 13 -39.71 11.98 27.05
N SER J 14 -39.38 11.48 25.86
CA SER J 14 -39.55 12.21 24.61
C SER J 14 -38.83 13.55 24.61
N ALA J 15 -37.66 13.60 25.23
CA ALA J 15 -36.86 14.82 25.27
C ALA J 15 -35.40 14.43 25.33
N LEU J 16 -34.53 15.34 24.93
CA LEU J 16 -33.10 15.03 24.93
C LEU J 16 -32.39 16.01 25.85
N GLN J 17 -31.75 15.49 26.90
CA GLN J 17 -30.93 16.30 27.78
C GLN J 17 -29.51 15.77 27.74
N VAL J 18 -28.54 16.66 27.71
CA VAL J 18 -27.15 16.21 27.71
C VAL J 18 -26.74 15.90 29.15
N SER J 19 -26.55 14.62 29.43
CA SER J 19 -26.30 14.22 30.81
C SER J 19 -24.99 14.82 31.29
N ASP J 20 -25.04 15.49 32.44
CA ASP J 20 -23.86 16.15 33.00
C ASP J 20 -23.13 15.13 33.88
N VAL J 21 -21.88 14.84 33.49
CA VAL J 21 -21.07 13.79 34.13
C VAL J 21 -20.48 14.16 35.49
N ASP J 22 -20.28 15.44 35.80
CA ASP J 22 -19.66 15.77 37.09
C ASP J 22 -20.52 15.29 38.24
N LYS J 23 -21.81 15.61 38.20
CA LYS J 23 -22.72 15.01 39.16
C LYS J 23 -23.06 13.61 38.66
N LEU J 24 -23.69 12.82 39.52
CA LEU J 24 -24.11 11.47 39.15
C LEU J 24 -25.59 11.36 39.47
N VAL J 25 -26.42 11.43 38.43
CA VAL J 25 -27.86 11.27 38.54
C VAL J 25 -28.20 9.93 37.88
N CYS J 26 -28.43 8.90 38.72
CA CYS J 26 -28.65 7.51 38.32
C CYS J 26 -29.99 7.15 37.67
N ARG J 27 -31.00 8.03 37.57
CA ARG J 27 -32.28 7.53 37.06
C ARG J 27 -32.19 7.10 35.60
N ASP J 28 -31.23 7.62 34.84
CA ASP J 28 -30.87 7.04 33.56
C ASP J 28 -30.33 5.61 33.70
N LYS J 29 -30.83 4.72 32.84
CA LYS J 29 -30.48 3.31 32.86
C LYS J 29 -29.87 2.94 31.51
N LEU J 30 -28.62 2.47 31.53
CA LEU J 30 -27.96 2.02 30.33
C LEU J 30 -27.54 0.58 30.62
N SER J 31 -28.36 -0.38 30.18
CA SER J 31 -28.12 -1.78 30.49
C SER J 31 -27.40 -2.55 29.39
N SER J 32 -27.06 -1.92 28.27
CA SER J 32 -26.41 -2.64 27.19
C SER J 32 -25.79 -1.65 26.21
N THR J 33 -24.73 -2.12 25.54
CA THR J 33 -24.08 -1.31 24.51
C THR J 33 -24.96 -1.06 23.29
N ASN J 34 -26.05 -1.80 23.14
CA ASN J 34 -26.98 -1.50 22.04
C ASN J 34 -27.64 -0.15 22.20
N GLN J 35 -27.74 0.38 23.41
CA GLN J 35 -28.32 1.69 23.63
C GLN J 35 -27.44 2.84 23.18
N LEU J 36 -26.17 2.57 22.86
CA LEU J 36 -25.22 3.59 22.46
C LEU J 36 -25.25 3.80 20.95
N ARG J 37 -25.36 5.06 20.52
CA ARG J 37 -25.47 5.38 19.11
C ARG J 37 -24.63 6.60 18.74
N SER J 38 -24.11 6.59 17.53
CA SER J 38 -23.59 7.79 16.90
C SER J 38 -24.46 8.11 15.69
N VAL J 39 -24.72 9.40 15.46
CA VAL J 39 -25.64 9.84 14.43
C VAL J 39 -24.99 10.99 13.67
N GLY J 40 -25.14 10.98 12.35
CA GLY J 40 -24.70 12.07 11.49
C GLY J 40 -25.86 12.93 11.03
N LEU J 41 -25.71 14.25 11.20
CA LEU J 41 -26.71 15.24 10.84
C LEU J 41 -26.14 16.18 9.79
N ASN J 42 -26.97 16.57 8.81
CA ASN J 42 -26.53 17.40 7.70
C ASN J 42 -26.65 18.87 8.03
N LEU J 43 -25.60 19.64 7.70
CA LEU J 43 -25.64 21.09 7.86
C LEU J 43 -26.77 21.71 7.05
N GLU J 44 -27.05 21.16 5.87
CA GLU J 44 -28.23 21.52 5.08
C GLU J 44 -29.47 21.75 5.95
N GLY J 45 -29.73 20.84 6.89
CA GLY J 45 -30.92 20.92 7.71
C GLY J 45 -31.01 22.14 8.60
N ASN J 46 -29.94 22.91 8.71
CA ASN J 46 -29.95 24.16 9.49
C ASN J 46 -30.13 25.40 8.63
N GLY J 47 -30.34 25.24 7.32
CA GLY J 47 -30.61 26.37 6.47
C GLY J 47 -29.43 27.00 5.78
N VAL J 48 -28.28 26.32 5.73
CA VAL J 48 -27.13 26.89 5.04
C VAL J 48 -27.34 26.85 3.53
N ALA J 49 -26.75 27.82 2.84
CA ALA J 49 -26.83 27.89 1.39
C ALA J 49 -26.20 26.67 0.74
N THR J 50 -26.92 26.07 -0.21
CA THR J 50 -26.50 24.83 -0.85
C THR J 50 -25.99 25.01 -2.27
N ASP J 51 -26.14 26.21 -2.85
CA ASP J 51 -25.59 26.50 -4.16
C ASP J 51 -24.10 26.18 -4.20
N VAL J 52 -23.64 25.68 -5.35
CA VAL J 52 -22.23 25.28 -5.48
C VAL J 52 -21.27 26.43 -5.17
N PRO J 53 -21.43 27.64 -5.74
CA PRO J 53 -20.50 28.72 -5.38
C PRO J 53 -20.51 29.04 -3.90
N SER J 54 -21.67 28.95 -3.26
CA SER J 54 -21.74 29.20 -1.82
C SER J 54 -21.06 28.09 -1.04
N ALA J 55 -21.30 26.83 -1.42
CA ALA J 55 -20.72 25.71 -0.69
C ALA J 55 -19.21 25.70 -0.78
N THR J 56 -18.66 25.92 -1.98
CA THR J 56 -17.21 25.81 -2.13
C THR J 56 -16.43 26.89 -1.38
N LYS J 57 -17.07 28.00 -1.03
CA LYS J 57 -16.38 29.01 -0.23
C LYS J 57 -16.11 28.55 1.20
N ARG J 58 -16.78 27.49 1.65
CA ARG J 58 -16.54 26.94 2.99
C ARG J 58 -15.33 26.01 3.06
N TRP J 59 -14.69 25.69 1.94
CA TRP J 59 -13.58 24.75 1.92
C TRP J 59 -12.28 25.47 1.55
N GLY J 60 -11.17 24.98 2.09
CA GLY J 60 -9.88 25.62 1.85
C GLY J 60 -8.73 24.66 2.03
N PHE J 61 -7.64 24.90 1.30
CA PHE J 61 -6.48 24.02 1.30
C PHE J 61 -5.44 24.46 2.34
N ARG J 62 -4.78 23.48 2.94
CA ARG J 62 -3.84 23.71 4.04
C ARG J 62 -2.83 22.58 4.06
N SER J 63 -1.57 22.92 4.33
CA SER J 63 -0.49 21.97 4.58
C SER J 63 -0.18 21.82 6.06
N GLY J 64 0.44 20.69 6.40
CA GLY J 64 0.94 20.39 7.73
C GLY J 64 0.01 19.72 8.73
N VAL J 65 -1.25 19.47 8.39
CA VAL J 65 -2.22 18.92 9.33
C VAL J 65 -2.58 17.50 8.87
N PRO J 66 -2.26 16.46 9.63
CA PRO J 66 -2.65 15.08 9.24
C PRO J 66 -4.15 14.88 9.31
N PRO J 67 -4.74 14.21 8.31
CA PRO J 67 -6.18 13.91 8.34
C PRO J 67 -6.56 12.86 9.38
N LYS J 68 -7.83 12.87 9.76
CA LYS J 68 -8.39 12.00 10.79
C LYS J 68 -9.79 11.55 10.40
N VAL J 69 -10.15 10.32 10.80
CA VAL J 69 -11.41 9.69 10.42
C VAL J 69 -12.08 9.13 11.68
N VAL J 70 -13.42 9.25 11.75
CA VAL J 70 -14.19 8.68 12.85
C VAL J 70 -15.48 8.07 12.29
N ASN J 71 -15.89 6.92 12.81
CA ASN J 71 -17.06 6.23 12.30
C ASN J 71 -18.37 6.72 12.94
N TYR J 72 -19.48 6.44 12.26
CA TYR J 72 -20.81 6.69 12.78
C TYR J 72 -21.77 5.66 12.21
N GLU J 73 -22.81 5.34 12.98
CA GLU J 73 -23.67 4.20 12.70
C GLU J 73 -24.95 4.53 11.94
N ALA J 74 -25.47 5.75 12.07
CA ALA J 74 -26.75 6.10 11.48
C ALA J 74 -26.70 7.51 10.93
N GLY J 75 -27.45 7.74 9.85
CA GLY J 75 -27.36 9.01 9.15
C GLY J 75 -28.71 9.50 8.67
N GLU J 76 -28.66 10.64 7.97
CA GLU J 76 -29.82 11.36 7.47
C GLU J 76 -29.81 11.36 5.95
N TRP J 77 -30.99 11.30 5.34
CA TRP J 77 -31.08 11.47 3.90
C TRP J 77 -30.66 12.89 3.51
N ALA J 78 -29.75 13.00 2.55
CA ALA J 78 -29.26 14.28 2.07
C ALA J 78 -29.96 14.65 0.77
N GLU J 79 -30.28 15.93 0.62
CA GLU J 79 -30.71 16.42 -0.69
C GLU J 79 -29.55 16.68 -1.62
N ASN J 80 -28.43 17.19 -1.10
CA ASN J 80 -27.32 17.64 -1.93
C ASN J 80 -26.02 16.98 -1.49
N CYS J 81 -25.34 16.31 -2.43
CA CYS J 81 -24.00 15.80 -2.24
C CYS J 81 -23.10 16.42 -3.30
N TYR J 82 -21.79 16.31 -3.07
CA TYR J 82 -20.80 16.92 -3.95
C TYR J 82 -19.73 15.89 -4.29
N ASN J 83 -19.15 16.06 -5.47
CA ASN J 83 -18.17 15.12 -6.01
C ASN J 83 -17.18 15.91 -6.84
N LEU J 84 -15.92 15.93 -6.44
CA LEU J 84 -14.94 16.85 -7.01
C LEU J 84 -13.91 16.11 -7.86
N GLU J 85 -13.63 16.66 -9.04
CA GLU J 85 -12.57 16.21 -9.94
C GLU J 85 -11.78 17.46 -10.33
N ILE J 86 -10.86 17.87 -9.47
CA ILE J 86 -10.10 19.10 -9.67
C ILE J 86 -8.63 18.77 -9.90
N LYS J 87 -8.03 19.45 -10.88
CA LYS J 87 -6.63 19.24 -11.24
C LYS J 87 -5.93 20.58 -11.39
N LYS J 88 -4.60 20.57 -11.26
CA LYS J 88 -3.83 21.78 -11.48
C LYS J 88 -3.74 22.08 -12.98
N PRO J 89 -3.50 23.35 -13.35
CA PRO J 89 -3.56 23.71 -14.77
C PRO J 89 -2.58 22.93 -15.67
N ASP J 90 -1.46 22.47 -15.14
CA ASP J 90 -0.60 21.60 -15.94
C ASP J 90 -1.21 20.21 -16.09
N GLY J 91 -1.92 19.76 -15.06
CA GLY J 91 -2.55 18.46 -15.02
C GLY J 91 -1.89 17.66 -13.92
N SER J 92 -2.48 17.70 -12.73
CA SER J 92 -1.91 17.04 -11.58
C SER J 92 -3.04 16.88 -10.57
N GLU J 93 -2.83 16.03 -9.59
CA GLU J 93 -3.87 15.74 -8.61
C GLU J 93 -3.64 16.55 -7.35
N CYS J 94 -4.66 17.31 -6.94
CA CYS J 94 -4.61 18.03 -5.68
C CYS J 94 -5.52 17.40 -4.63
N LEU J 95 -6.24 16.33 -4.96
CA LEU J 95 -7.05 15.59 -4.02
C LEU J 95 -6.56 14.15 -3.94
N PRO J 96 -6.28 13.64 -2.74
CA PRO J 96 -5.79 12.26 -2.63
C PRO J 96 -6.88 11.24 -2.91
N ALA J 97 -6.46 10.10 -3.47
CA ALA J 97 -7.39 9.01 -3.73
C ALA J 97 -7.98 8.46 -2.43
N ALA J 98 -9.23 8.02 -2.52
CA ALA J 98 -9.91 7.42 -1.38
C ALA J 98 -9.17 6.17 -0.90
N PRO J 99 -8.80 6.09 0.38
CA PRO J 99 -8.25 4.84 0.92
C PRO J 99 -9.24 3.68 0.80
N ASP J 100 -8.70 2.48 0.99
CA ASP J 100 -9.48 1.26 1.00
C ASP J 100 -10.65 1.34 1.97
N GLY J 101 -11.85 1.09 1.47
CA GLY J 101 -13.04 1.06 2.29
C GLY J 101 -13.68 2.39 2.64
N ILE J 102 -13.40 3.44 1.88
CA ILE J 102 -14.12 4.70 1.98
C ILE J 102 -14.97 4.84 0.73
N ARG J 103 -16.27 4.59 0.86
CA ARG J 103 -17.22 4.72 -0.24
C ARG J 103 -18.08 5.96 -0.09
N GLY J 104 -18.79 6.27 -1.17
CA GLY J 104 -19.59 7.48 -1.21
C GLY J 104 -20.80 7.46 -0.30
N PHE J 105 -21.33 8.64 -0.04
CA PHE J 105 -22.52 8.80 0.79
C PHE J 105 -23.70 8.06 0.18
N PRO J 106 -24.41 7.22 0.95
CA PRO J 106 -25.44 6.35 0.37
C PRO J 106 -26.67 7.03 -0.24
N ARG J 107 -27.29 8.00 0.44
CA ARG J 107 -28.56 8.57 0.00
C ARG J 107 -28.52 10.07 -0.23
N CYS J 108 -28.48 10.49 -1.50
CA CYS J 108 -28.71 11.89 -1.86
C CYS J 108 -29.44 12.01 -3.19
N ARG J 109 -30.47 12.87 -3.19
CA ARG J 109 -31.25 13.09 -4.40
C ARG J 109 -30.43 13.70 -5.53
N TYR J 110 -29.55 14.65 -5.22
CA TYR J 110 -28.75 15.35 -6.21
C TYR J 110 -27.27 15.24 -5.89
N VAL J 111 -26.48 14.86 -6.88
CA VAL J 111 -25.03 14.82 -6.79
C VAL J 111 -24.46 15.88 -7.73
N HIS J 112 -23.94 16.97 -7.17
CA HIS J 112 -23.32 18.03 -7.96
C HIS J 112 -21.87 17.66 -8.23
N LYS J 113 -21.59 17.22 -9.45
CA LYS J 113 -20.25 16.77 -9.82
C LYS J 113 -19.51 17.92 -10.50
N VAL J 114 -18.46 18.42 -9.85
CA VAL J 114 -17.72 19.58 -10.32
C VAL J 114 -16.37 19.11 -10.85
N SER J 115 -16.07 19.50 -12.09
CA SER J 115 -14.79 19.24 -12.73
C SER J 115 -14.13 20.56 -13.11
N GLY J 116 -12.81 20.58 -13.17
CA GLY J 116 -12.12 21.77 -13.62
C GLY J 116 -10.70 21.83 -13.11
N THR J 117 -10.19 23.05 -13.02
CA THR J 117 -8.81 23.33 -12.63
C THR J 117 -8.78 24.40 -11.55
N GLY J 118 -7.75 24.34 -10.72
CA GLY J 118 -7.52 25.34 -9.71
C GLY J 118 -6.09 25.35 -9.22
N PRO J 119 -5.74 26.34 -8.38
CA PRO J 119 -4.38 26.38 -7.85
C PRO J 119 -4.07 25.31 -6.81
N CYS J 120 -5.06 24.87 -6.04
CA CYS J 120 -4.91 23.79 -5.06
C CYS J 120 -3.66 23.98 -4.20
N ALA J 121 -3.61 25.13 -3.53
CA ALA J 121 -2.41 25.58 -2.81
C ALA J 121 -2.39 25.04 -1.37
N GLY J 122 -2.18 23.74 -1.28
CA GLY J 122 -2.15 23.08 0.01
C GLY J 122 -2.29 21.58 -0.15
N ASP J 123 -1.81 20.86 0.85
CA ASP J 123 -1.81 19.40 0.74
C ASP J 123 -3.18 18.79 0.95
N PHE J 124 -4.03 19.35 1.82
CA PHE J 124 -5.35 18.77 2.04
C PHE J 124 -6.39 19.87 2.13
N ALA J 125 -7.63 19.51 1.79
CA ALA J 125 -8.76 20.44 1.81
C ALA J 125 -9.58 20.21 3.08
N PHE J 126 -9.73 21.26 3.88
CA PHE J 126 -10.46 21.25 5.13
C PHE J 126 -11.71 22.11 5.04
N HIS J 127 -12.59 21.93 6.02
CA HIS J 127 -13.78 22.74 6.19
C HIS J 127 -13.45 23.93 7.08
N LYS J 128 -13.72 25.15 6.59
CA LYS J 128 -13.34 26.35 7.32
C LYS J 128 -14.15 26.58 8.58
N GLU J 129 -15.32 25.98 8.73
CA GLU J 129 -16.11 26.10 9.95
C GLU J 129 -15.97 24.90 10.88
N GLY J 130 -15.07 23.97 10.57
CA GLY J 130 -14.81 22.85 11.44
C GLY J 130 -15.78 21.69 11.37
N ALA J 131 -16.71 21.69 10.41
CA ALA J 131 -17.61 20.56 10.26
C ALA J 131 -16.87 19.40 9.59
N PHE J 132 -17.57 18.29 9.42
CA PHE J 132 -17.00 17.09 8.83
C PHE J 132 -17.53 16.85 7.43
N PHE J 133 -16.78 16.07 6.67
CA PHE J 133 -17.20 15.51 5.39
C PHE J 133 -17.65 14.08 5.62
N LEU J 134 -18.93 13.81 5.38
CA LEU J 134 -19.56 12.53 5.67
C LEU J 134 -19.55 11.66 4.43
N TYR J 135 -19.06 10.44 4.59
CA TYR J 135 -19.05 9.37 3.60
C TYR J 135 -19.91 8.23 4.15
N ASP J 136 -19.80 7.06 3.54
CA ASP J 136 -20.61 5.94 3.97
C ASP J 136 -20.17 5.41 5.33
N ARG J 137 -20.77 5.94 6.39
CA ARG J 137 -20.52 5.56 7.79
C ARG J 137 -19.10 5.89 8.24
N LEU J 138 -18.43 6.84 7.59
CA LEU J 138 -17.15 7.36 8.03
C LEU J 138 -17.12 8.86 7.78
N ALA J 139 -16.78 9.63 8.79
CA ALA J 139 -16.63 11.09 8.69
C ALA J 139 -15.16 11.44 8.73
N SER J 140 -14.72 12.26 7.78
CA SER J 140 -13.33 12.64 7.64
C SER J 140 -13.16 14.14 7.73
N THR J 141 -11.97 14.57 8.12
CA THR J 141 -11.63 15.98 8.13
C THR J 141 -11.25 16.54 6.76
N VAL J 142 -10.99 15.69 5.76
CA VAL J 142 -10.52 16.13 4.46
C VAL J 142 -11.36 15.54 3.33
N ILE J 143 -11.25 16.16 2.15
CA ILE J 143 -11.96 15.74 0.95
C ILE J 143 -11.09 14.78 0.14
N TYR J 144 -11.68 13.66 -0.26
CA TYR J 144 -11.04 12.70 -1.16
C TYR J 144 -11.52 12.87 -2.60
N ARG J 145 -10.67 12.43 -3.52
CA ARG J 145 -10.93 12.58 -4.95
C ARG J 145 -12.08 11.69 -5.40
N GLY J 146 -12.97 12.24 -6.23
CA GLY J 146 -13.96 11.45 -6.94
C GLY J 146 -14.94 10.69 -6.08
N THR J 147 -15.19 11.15 -4.85
CA THR J 147 -16.00 10.42 -3.89
C THR J 147 -17.07 11.35 -3.33
N THR J 148 -18.34 10.98 -3.50
CA THR J 148 -19.44 11.83 -3.08
C THR J 148 -19.55 11.92 -1.56
N PHE J 149 -19.72 13.15 -1.06
CA PHE J 149 -19.79 13.41 0.38
C PHE J 149 -20.93 14.36 0.69
N ALA J 150 -21.33 14.38 1.96
CA ALA J 150 -22.23 15.40 2.50
C ALA J 150 -21.51 16.17 3.61
N GLU J 151 -21.85 17.44 3.79
CA GLU J 151 -21.32 18.16 4.93
C GLU J 151 -22.16 17.85 6.17
N GLY J 152 -21.53 17.56 7.30
CA GLY J 152 -22.33 17.22 8.46
C GLY J 152 -21.55 17.20 9.76
N VAL J 153 -22.25 16.80 10.82
CA VAL J 153 -21.74 16.77 12.18
C VAL J 153 -22.25 15.51 12.89
N VAL J 154 -21.55 15.13 13.95
CA VAL J 154 -21.76 13.85 14.63
C VAL J 154 -22.18 14.09 16.09
N ALA J 155 -23.18 13.33 16.54
CA ALA J 155 -23.60 13.31 17.94
C ALA J 155 -23.59 11.90 18.50
N PHE J 156 -23.50 11.79 19.82
CA PHE J 156 -23.51 10.52 20.53
C PHE J 156 -24.68 10.48 21.51
N LEU J 157 -25.41 9.37 21.53
CA LEU J 157 -26.67 9.25 22.25
C LEU J 157 -26.76 7.96 23.05
N ILE J 158 -27.43 8.05 24.19
CA ILE J 158 -27.98 6.90 24.91
C ILE J 158 -29.45 6.79 24.54
N LEU J 159 -29.80 5.75 23.79
CA LEU J 159 -31.18 5.54 23.36
C LEU J 159 -32.01 4.95 24.51
N PRO J 160 -33.34 5.10 24.43
CA PRO J 160 -34.20 4.48 25.44
C PRO J 160 -34.30 2.97 25.29
N GLN J 161 -34.77 2.33 26.36
CA GLN J 161 -34.87 0.87 26.42
C GLN J 161 -35.72 0.31 25.28
N ALA J 162 -36.83 0.97 24.96
CA ALA J 162 -37.69 0.49 23.88
C ALA J 162 -37.04 0.71 22.53
N LYS J 163 -36.94 -0.36 21.74
CA LYS J 163 -36.33 -0.27 20.41
C LYS J 163 -37.19 0.54 19.45
N LYS J 164 -38.51 0.32 19.47
CA LYS J 164 -39.34 0.59 18.30
C LYS J 164 -39.41 2.09 18.00
N ASP J 165 -39.49 2.93 19.03
CA ASP J 165 -39.70 4.37 18.83
C ASP J 165 -38.57 5.01 18.03
N PHE J 166 -37.32 4.59 18.27
CA PHE J 166 -36.16 5.17 17.61
C PHE J 166 -35.47 4.14 16.72
N PHE J 167 -35.25 4.52 15.47
CA PHE J 167 -34.46 3.77 14.51
C PHE J 167 -34.88 2.29 14.40
N TYR J 186 -35.31 4.23 -4.56
CA TYR J 186 -34.28 5.24 -4.39
C TYR J 186 -33.60 5.57 -5.72
N TYR J 187 -33.56 6.86 -6.06
CA TYR J 187 -32.97 7.34 -7.29
C TYR J 187 -32.08 8.56 -7.00
N SER J 188 -31.06 8.75 -7.82
CA SER J 188 -30.14 9.87 -7.71
C SER J 188 -29.96 10.53 -9.06
N THR J 189 -29.60 11.81 -9.05
CA THR J 189 -29.35 12.57 -10.27
C THR J 189 -28.03 13.32 -10.15
N THR J 190 -27.32 13.45 -11.26
CA THR J 190 -26.04 14.14 -11.31
C THR J 190 -26.14 15.41 -12.13
N ILE J 191 -25.62 16.51 -11.59
CA ILE J 191 -25.56 17.81 -12.26
C ILE J 191 -24.10 18.19 -12.42
N ARG J 192 -23.67 18.36 -13.67
CA ARG J 192 -22.25 18.56 -13.97
C ARG J 192 -21.90 20.04 -14.13
N TYR J 193 -20.73 20.42 -13.62
CA TYR J 193 -20.20 21.78 -13.71
C TYR J 193 -18.75 21.75 -14.15
N GLN J 194 -18.35 22.78 -14.91
CA GLN J 194 -16.95 23.05 -15.19
C GLN J 194 -16.52 24.30 -14.44
N ALA J 195 -15.31 24.27 -13.90
CA ALA J 195 -14.83 25.38 -13.09
C ALA J 195 -13.38 25.71 -13.43
N THR J 196 -13.08 27.00 -13.41
CA THR J 196 -11.72 27.50 -13.45
C THR J 196 -11.51 28.47 -12.30
N GLY J 197 -10.27 28.50 -11.80
CA GLY J 197 -9.96 29.31 -10.63
C GLY J 197 -10.70 28.84 -9.41
N PHE J 198 -10.83 27.52 -9.25
CA PHE J 198 -11.56 26.95 -8.13
C PHE J 198 -10.85 27.28 -6.81
N GLY J 199 -11.64 27.58 -5.79
CA GLY J 199 -11.10 28.00 -4.51
C GLY J 199 -10.38 29.32 -4.52
N THR J 200 -10.87 30.31 -5.27
CA THR J 200 -10.29 31.64 -5.35
C THR J 200 -11.38 32.68 -5.12
N ASN J 201 -10.96 33.93 -4.95
CA ASN J 201 -11.90 34.99 -4.61
C ASN J 201 -13.03 35.08 -5.64
N GLU J 202 -12.69 35.14 -6.91
CA GLU J 202 -13.68 35.01 -7.99
C GLU J 202 -13.39 33.75 -8.78
N THR J 203 -14.34 32.82 -8.77
CA THR J 203 -14.24 31.50 -9.38
C THR J 203 -15.29 31.35 -10.46
N GLU J 204 -14.92 30.75 -11.59
CA GLU J 204 -15.79 30.68 -12.76
C GLU J 204 -16.38 29.28 -12.88
N TYR J 205 -17.71 29.20 -12.83
CA TYR J 205 -18.48 27.97 -13.02
C TYR J 205 -19.39 28.12 -14.23
N LEU J 206 -19.52 27.04 -14.99
CA LEU J 206 -20.63 26.91 -15.92
C LEU J 206 -21.26 25.53 -15.79
N PHE J 207 -22.55 25.51 -15.49
CA PHE J 207 -23.32 24.28 -15.41
C PHE J 207 -23.81 23.89 -16.79
N GLU J 208 -23.69 22.61 -17.12
CA GLU J 208 -24.02 22.06 -18.46
C GLU J 208 -25.46 21.62 -18.51
N VAL K 2 19.16 -1.93 -22.01
CA VAL K 2 20.25 -1.54 -21.14
C VAL K 2 21.58 -1.69 -21.87
N GLN K 3 22.38 -0.63 -21.91
CA GLN K 3 23.69 -0.69 -22.55
C GLN K 3 24.72 0.06 -21.73
N LEU K 4 25.89 -0.55 -21.58
CA LEU K 4 27.07 0.12 -21.05
C LEU K 4 28.15 0.09 -22.14
N VAL K 5 28.58 1.26 -22.59
CA VAL K 5 29.56 1.38 -23.66
C VAL K 5 30.79 2.06 -23.11
N GLU K 6 31.88 1.33 -22.99
CA GLU K 6 33.13 1.85 -22.45
C GLU K 6 34.16 2.00 -23.55
N SER K 7 34.86 3.13 -23.55
CA SER K 7 35.79 3.49 -24.60
C SER K 7 36.92 4.34 -24.04
N GLY K 8 37.88 4.62 -24.90
CA GLY K 8 39.06 5.38 -24.55
C GLY K 8 40.30 4.59 -24.17
N GLY K 9 40.27 3.27 -24.35
CA GLY K 9 41.47 2.47 -24.13
C GLY K 9 42.44 2.47 -25.30
N GLY K 10 43.67 2.89 -25.05
CA GLY K 10 44.68 2.92 -26.11
C GLY K 10 46.07 2.64 -25.55
N LEU K 11 46.96 2.24 -26.46
CA LEU K 11 48.35 2.02 -26.08
C LEU K 11 48.96 3.30 -25.51
N VAL K 12 49.68 3.17 -24.40
CA VAL K 12 50.20 4.33 -23.69
C VAL K 12 51.64 4.05 -23.29
N LYS K 13 52.48 5.08 -23.33
CA LYS K 13 53.85 4.97 -22.83
C LYS K 13 53.83 4.92 -21.31
N PRO K 14 54.73 4.17 -20.69
CA PRO K 14 54.82 4.19 -19.22
C PRO K 14 54.99 5.60 -18.69
N GLY K 15 54.27 5.92 -17.62
CA GLY K 15 54.31 7.22 -17.02
C GLY K 15 53.29 8.22 -17.54
N GLY K 16 52.54 7.86 -18.58
CA GLY K 16 51.60 8.78 -19.19
C GLY K 16 50.24 8.77 -18.51
N SER K 17 49.28 9.41 -19.16
CA SER K 17 47.92 9.53 -18.64
C SER K 17 46.89 9.22 -19.71
N LEU K 18 45.81 8.55 -19.31
CA LEU K 18 44.73 8.16 -20.19
C LEU K 18 43.42 8.38 -19.45
N ARG K 19 42.34 8.58 -20.22
CA ARG K 19 41.00 8.71 -19.65
C ARG K 19 40.05 7.71 -20.28
N LEU K 20 39.28 7.00 -19.43
CA LEU K 20 38.31 6.02 -19.88
C LEU K 20 36.89 6.47 -19.54
N SER K 21 35.97 6.27 -20.48
CA SER K 21 34.58 6.61 -20.25
C SER K 21 33.71 5.38 -20.40
N CYS K 22 32.62 5.36 -19.64
CA CYS K 22 31.60 4.31 -19.68
C CYS K 22 30.26 5.03 -19.72
N ALA K 23 29.68 5.11 -20.91
CA ALA K 23 28.40 5.76 -21.10
C ALA K 23 27.28 4.74 -20.90
N ALA K 24 26.32 5.10 -20.07
CA ALA K 24 25.21 4.21 -19.72
C ALA K 24 23.93 4.67 -20.41
N SER K 25 23.09 3.71 -20.75
CA SER K 25 21.73 4.03 -21.18
C SER K 25 20.81 2.89 -20.81
N GLY K 26 19.53 3.21 -20.64
CA GLY K 26 18.49 2.23 -20.44
C GLY K 26 18.06 1.99 -19.01
N PHE K 27 18.67 2.65 -18.03
CA PHE K 27 18.31 2.43 -16.64
C PHE K 27 18.52 3.72 -15.86
N SER K 28 18.05 3.72 -14.61
CA SER K 28 18.09 4.90 -13.75
C SER K 28 19.53 5.14 -13.30
N PHE K 29 20.32 5.71 -14.21
CA PHE K 29 21.73 5.98 -13.94
C PHE K 29 21.92 6.75 -12.63
N GLY K 30 21.07 7.73 -12.37
CA GLY K 30 21.26 8.62 -11.23
C GLY K 30 21.08 7.97 -9.88
N ASN K 31 20.51 6.77 -9.82
CA ASN K 31 20.22 6.10 -8.56
C ASN K 31 21.11 4.89 -8.31
N ALA K 32 22.21 4.76 -9.03
CA ALA K 32 23.05 3.58 -8.94
C ALA K 32 24.46 3.95 -8.50
N TRP K 33 25.14 2.97 -7.91
CA TRP K 33 26.53 3.05 -7.54
C TRP K 33 27.35 2.43 -8.65
N MET K 34 28.46 3.05 -9.02
CA MET K 34 29.21 2.54 -10.16
C MET K 34 30.60 2.13 -9.75
N ASN K 35 31.03 0.97 -10.25
CA ASN K 35 32.32 0.40 -9.92
C ASN K 35 33.15 0.24 -11.18
N TRP K 36 34.46 0.38 -11.03
CA TRP K 36 35.43 0.02 -12.04
C TRP K 36 36.20 -1.20 -11.55
N VAL K 37 36.33 -2.21 -12.42
CA VAL K 37 37.12 -3.41 -12.16
C VAL K 37 38.03 -3.65 -13.35
N ARG K 38 39.02 -4.53 -13.18
CA ARG K 38 39.94 -4.81 -14.26
C ARG K 38 40.35 -6.28 -14.22
N GLN K 39 40.85 -6.75 -15.37
CA GLN K 39 41.35 -8.11 -15.51
C GLN K 39 42.62 -8.08 -16.35
N ALA K 40 43.73 -8.49 -15.76
CA ALA K 40 44.95 -8.60 -16.56
C ALA K 40 44.95 -9.88 -17.37
N PRO K 41 45.58 -9.89 -18.53
CA PRO K 41 45.63 -11.11 -19.34
C PRO K 41 46.19 -12.29 -18.57
N GLY K 42 45.44 -13.39 -18.58
CA GLY K 42 45.87 -14.64 -17.98
C GLY K 42 45.57 -14.79 -16.50
N LYS K 43 45.20 -13.71 -15.81
CA LYS K 43 44.86 -13.75 -14.39
C LYS K 43 43.40 -13.37 -14.20
N GLY K 44 42.94 -13.49 -12.95
CA GLY K 44 41.55 -13.25 -12.63
C GLY K 44 41.20 -11.80 -12.37
N LEU K 45 40.02 -11.62 -11.80
CA LEU K 45 39.38 -10.32 -11.66
C LEU K 45 39.92 -9.54 -10.46
N GLU K 46 39.96 -8.22 -10.61
CA GLU K 46 40.32 -7.33 -9.52
C GLU K 46 39.38 -6.13 -9.52
N TRP K 47 39.20 -5.54 -8.35
CA TRP K 47 38.34 -4.37 -8.16
C TRP K 47 39.22 -3.16 -7.94
N VAL K 48 39.02 -2.12 -8.74
CA VAL K 48 39.83 -0.90 -8.62
C VAL K 48 39.09 0.17 -7.82
N GLY K 49 37.82 0.47 -8.12
CA GLY K 49 37.22 1.54 -7.34
C GLY K 49 35.72 1.65 -7.46
N ARG K 50 35.14 2.46 -6.57
CA ARG K 50 33.71 2.72 -6.56
C ARG K 50 33.38 4.18 -6.32
N ILE K 51 32.26 4.62 -6.93
CA ILE K 51 31.66 5.93 -6.69
C ILE K 51 30.21 5.70 -6.29
N LYS K 52 29.77 6.42 -5.26
CA LYS K 52 28.41 6.33 -4.75
C LYS K 52 27.48 7.32 -5.43
N SER K 53 26.19 7.09 -5.27
CA SER K 53 25.17 7.98 -5.81
C SER K 53 25.22 9.35 -5.15
N LYS K 54 24.73 10.35 -5.88
CA LYS K 54 24.62 11.70 -5.32
C LYS K 54 23.81 11.72 -4.03
N SER K 55 22.73 10.93 -3.98
CA SER K 55 21.84 10.93 -2.83
C SER K 55 22.49 10.33 -1.58
N ASP K 56 23.61 9.64 -1.72
CA ASP K 56 24.26 8.96 -0.61
C ASP K 56 25.67 9.51 -0.38
N GLY K 57 25.89 10.77 -0.71
CA GLY K 57 27.15 11.39 -0.38
C GLY K 57 27.96 11.74 -1.60
N GLY K 58 27.95 10.83 -2.59
CA GLY K 58 28.73 11.04 -3.79
C GLY K 58 30.20 10.77 -3.64
N THR K 59 30.61 10.12 -2.55
CA THR K 59 32.02 9.90 -2.28
C THR K 59 32.56 8.73 -3.10
N THR K 60 33.87 8.63 -3.15
CA THR K 60 34.56 7.59 -3.90
C THR K 60 35.52 6.84 -2.99
N ASP K 61 35.66 5.55 -3.22
CA ASP K 61 36.69 4.76 -2.57
C ASP K 61 37.55 4.05 -3.60
N TYR K 62 38.80 3.79 -3.23
CA TYR K 62 39.81 3.22 -4.10
C TYR K 62 40.56 2.12 -3.37
N ALA K 63 41.02 1.13 -4.14
CA ALA K 63 41.84 0.07 -3.59
C ALA K 63 43.25 0.59 -3.29
N ALA K 64 43.91 -0.08 -2.35
CA ALA K 64 45.20 0.43 -1.86
C ALA K 64 46.28 0.56 -2.93
N PRO K 65 46.48 -0.39 -3.85
CA PRO K 65 47.53 -0.20 -4.86
C PRO K 65 47.26 0.98 -5.77
N VAL K 66 46.00 1.18 -6.18
CA VAL K 66 45.66 2.22 -7.15
C VAL K 66 45.35 3.57 -6.51
N LYS K 67 45.24 3.65 -5.20
CA LYS K 67 44.88 4.90 -4.55
C LYS K 67 45.95 5.96 -4.78
N ASP K 68 45.51 7.21 -4.96
CA ASP K 68 46.28 8.44 -5.16
C ASP K 68 46.81 8.62 -6.59
N ARG K 69 46.51 7.71 -7.51
CA ARG K 69 46.93 7.88 -8.90
C ARG K 69 45.76 7.84 -9.88
N PHE K 70 44.58 7.41 -9.44
CA PHE K 70 43.41 7.29 -10.28
C PHE K 70 42.29 8.11 -9.68
N ILE K 71 41.45 8.72 -10.51
CA ILE K 71 40.32 9.49 -10.02
C ILE K 71 39.06 9.06 -10.75
N ILE K 72 38.03 8.70 -10.00
CA ILE K 72 36.75 8.26 -10.54
C ILE K 72 35.73 9.38 -10.38
N SER K 73 34.91 9.60 -11.40
CA SER K 73 33.87 10.60 -11.29
C SER K 73 32.71 10.21 -12.20
N ARG K 74 31.72 11.09 -12.28
CA ARG K 74 30.52 10.81 -13.06
C ARG K 74 29.85 12.13 -13.40
N ASP K 75 29.04 12.09 -14.45
CA ASP K 75 28.21 13.23 -14.87
C ASP K 75 26.82 12.69 -15.18
N ASP K 76 25.85 13.10 -14.36
CA ASP K 76 24.46 12.65 -14.53
C ASP K 76 23.72 13.46 -15.58
N SER K 77 24.38 14.43 -16.19
CA SER K 77 23.83 15.21 -17.29
C SER K 77 24.20 14.63 -18.64
N LYS K 78 25.18 13.73 -18.66
CA LYS K 78 25.54 13.01 -19.85
C LYS K 78 25.46 11.51 -19.65
N LYS K 79 25.12 11.07 -18.44
CA LYS K 79 25.06 9.65 -18.04
C LYS K 79 26.39 8.93 -18.25
N THR K 80 27.47 9.55 -17.81
CA THR K 80 28.80 9.01 -18.10
C THR K 80 29.62 8.82 -16.82
N LEU K 81 30.33 7.70 -16.76
CA LEU K 81 31.29 7.42 -15.69
C LEU K 81 32.68 7.58 -16.27
N TYR K 82 33.57 8.25 -15.54
CA TYR K 82 34.92 8.46 -16.05
C TYR K 82 35.96 8.01 -15.05
N LEU K 83 37.02 7.38 -15.57
CA LEU K 83 38.17 7.00 -14.76
C LEU K 83 39.37 7.70 -15.36
N GLN K 84 40.05 8.52 -14.58
CA GLN K 84 41.22 9.23 -15.03
C GLN K 84 42.44 8.53 -14.48
N MET K 85 43.27 7.96 -15.37
CA MET K 85 44.48 7.26 -14.98
C MET K 85 45.66 8.17 -15.29
N ASN K 86 46.45 8.51 -14.27
CA ASN K 86 47.60 9.37 -14.48
C ASN K 86 48.77 8.76 -13.71
N SER K 87 49.99 9.12 -14.11
CA SER K 87 51.18 8.51 -13.53
C SER K 87 51.08 7.00 -13.70
N LEU K 88 50.83 6.59 -14.95
CA LEU K 88 50.53 5.20 -15.31
C LEU K 88 51.78 4.33 -15.38
N ARG K 89 52.30 4.01 -14.20
CA ARG K 89 53.44 3.13 -14.09
C ARG K 89 53.03 1.73 -14.54
N ARG K 90 53.97 1.01 -15.15
CA ARG K 90 53.76 -0.38 -15.57
C ARG K 90 53.03 -1.17 -14.49
N GLU K 91 52.44 -2.32 -14.86
CA GLU K 91 51.60 -3.23 -14.07
C GLU K 91 50.12 -2.82 -14.07
N ASP K 92 49.73 -1.80 -14.82
CA ASP K 92 48.32 -1.45 -14.98
C ASP K 92 47.70 -2.03 -16.23
N THR K 93 48.43 -2.80 -17.03
CA THR K 93 47.89 -3.33 -18.27
C THR K 93 46.73 -4.28 -17.98
N ALA K 94 45.59 -4.07 -18.64
CA ALA K 94 44.44 -4.92 -18.36
C ALA K 94 43.25 -4.49 -19.21
N VAL K 95 42.22 -5.32 -19.19
CA VAL K 95 40.90 -4.97 -19.71
C VAL K 95 40.07 -4.39 -18.57
N TYR K 96 39.54 -3.19 -18.77
CA TYR K 96 38.75 -2.51 -17.75
C TYR K 96 37.27 -2.65 -18.05
N TYR K 97 36.47 -2.83 -16.97
CA TYR K 97 35.02 -2.97 -17.04
C TYR K 97 34.37 -2.02 -16.06
N CYS K 98 33.24 -1.43 -16.46
CA CYS K 98 32.33 -0.73 -15.56
C CYS K 98 31.16 -1.63 -15.14
N VAL K 99 30.90 -1.71 -13.83
CA VAL K 99 29.85 -2.54 -13.24
C VAL K 99 28.83 -1.61 -12.60
N ARG K 100 27.54 -1.87 -12.86
CA ARG K 100 26.47 -0.93 -12.53
C ARG K 100 25.58 -1.30 -11.35
N GLY K 101 25.59 -0.44 -10.33
CA GLY K 101 24.58 -0.46 -9.30
C GLY K 101 24.34 -1.65 -8.40
N PRO K 102 23.10 -1.67 -7.88
CA PRO K 102 22.64 -2.74 -6.99
C PRO K 102 22.17 -3.98 -7.74
N PHE K 103 22.60 -5.14 -7.24
CA PHE K 103 22.29 -6.44 -7.82
C PHE K 103 20.82 -6.83 -7.65
N TYR K 104 20.07 -6.11 -6.81
CA TYR K 104 18.70 -6.51 -6.51
C TYR K 104 17.75 -5.84 -7.51
N CYS K 105 17.44 -6.57 -8.56
CA CYS K 105 16.55 -6.15 -9.63
C CYS K 105 15.46 -7.16 -9.84
N ASP K 106 14.22 -6.71 -9.94
CA ASP K 106 13.14 -7.66 -10.14
C ASP K 106 13.25 -8.32 -11.50
N THR K 107 13.50 -7.52 -12.54
CA THR K 107 13.58 -8.04 -13.91
C THR K 107 14.87 -7.73 -14.68
N CYS K 108 15.93 -7.24 -14.04
CA CYS K 108 17.11 -6.83 -14.83
C CYS K 108 17.72 -8.01 -15.60
N GLY K 109 17.93 -9.14 -14.95
CA GLY K 109 18.51 -10.29 -15.63
C GLY K 109 20.02 -10.21 -15.86
N PRO K 110 20.60 -11.27 -16.42
CA PRO K 110 22.04 -11.27 -16.71
C PRO K 110 22.38 -10.49 -17.97
N ASN K 111 23.62 -10.03 -18.02
CA ASN K 111 24.26 -9.28 -19.10
C ASN K 111 23.86 -7.82 -18.96
N ASP K 112 23.22 -7.46 -17.85
CA ASP K 112 22.84 -6.09 -17.55
C ASP K 112 23.68 -5.46 -16.46
N TYR K 113 24.72 -6.14 -15.96
CA TYR K 113 25.55 -5.57 -14.91
C TYR K 113 26.98 -5.27 -15.32
N TRP K 114 27.49 -5.84 -16.42
CA TRP K 114 28.84 -5.58 -16.86
C TRP K 114 28.84 -5.08 -18.31
N GLY K 115 29.94 -4.44 -18.69
CA GLY K 115 30.14 -3.98 -20.05
C GLY K 115 30.91 -5.01 -20.86
N GLN K 116 31.48 -4.54 -21.97
CA GLN K 116 32.26 -5.43 -22.84
C GLN K 116 33.76 -5.42 -22.56
N GLY K 117 34.32 -4.32 -22.09
CA GLY K 117 35.74 -4.33 -21.78
C GLY K 117 36.64 -3.53 -22.70
N THR K 118 37.46 -2.67 -22.13
CA THR K 118 38.39 -1.83 -22.90
C THR K 118 39.82 -2.16 -22.52
N LEU K 119 40.64 -2.48 -23.53
CA LEU K 119 42.02 -2.89 -23.32
C LEU K 119 42.93 -1.67 -23.17
N VAL K 120 43.69 -1.62 -22.08
CA VAL K 120 44.68 -0.58 -21.83
C VAL K 120 46.04 -1.25 -21.67
N THR K 121 46.97 -0.90 -22.57
CA THR K 121 48.32 -1.42 -22.61
C THR K 121 49.30 -0.27 -22.37
N VAL K 122 50.30 -0.50 -21.53
CA VAL K 122 51.29 0.52 -21.20
C VAL K 122 52.64 0.05 -21.76
N SER K 123 53.11 0.74 -22.79
CA SER K 123 54.30 0.36 -23.51
C SER K 123 54.71 1.44 -24.50
N VAL L 2 12.33 9.09 -24.86
CA VAL L 2 11.26 10.06 -25.07
C VAL L 2 11.62 10.96 -26.24
N GLN L 3 10.72 11.06 -27.21
CA GLN L 3 10.94 11.94 -28.35
C GLN L 3 9.66 12.67 -28.74
N LEU L 4 9.81 13.97 -29.02
CA LEU L 4 8.76 14.76 -29.63
C LEU L 4 9.29 15.27 -30.96
N VAL L 5 8.64 14.89 -32.06
CA VAL L 5 9.09 15.28 -33.40
C VAL L 5 7.99 16.11 -34.04
N GLU L 6 8.26 17.40 -34.23
CA GLU L 6 7.30 18.32 -34.81
C GLU L 6 7.72 18.73 -36.22
N SER L 7 6.76 18.71 -37.14
CA SER L 7 7.03 18.94 -38.55
C SER L 7 5.82 19.62 -39.19
N GLY L 8 6.01 19.98 -40.46
CA GLY L 8 5.00 20.66 -41.23
C GLY L 8 5.12 22.17 -41.31
N GLY L 9 6.20 22.75 -40.80
CA GLY L 9 6.42 24.18 -40.95
C GLY L 9 7.02 24.57 -42.29
N GLY L 10 6.33 25.45 -43.02
CA GLY L 10 6.80 25.89 -44.32
C GLY L 10 6.39 27.32 -44.60
N LEU L 11 7.12 27.94 -45.53
CA LEU L 11 6.79 29.30 -45.96
C LEU L 11 5.36 29.34 -46.52
N VAL L 12 4.60 30.35 -46.10
CA VAL L 12 3.19 30.44 -46.45
C VAL L 12 2.86 31.87 -46.86
N LYS L 13 1.98 32.01 -47.85
CA LYS L 13 1.50 33.33 -48.23
C LYS L 13 0.53 33.85 -47.16
N PRO L 14 0.52 35.15 -46.89
CA PRO L 14 -0.48 35.69 -45.95
C PRO L 14 -1.89 35.31 -46.36
N GLY L 15 -2.69 34.93 -45.35
CA GLY L 15 -4.05 34.52 -45.59
C GLY L 15 -4.25 33.03 -45.82
N GLY L 16 -3.18 32.26 -45.94
CA GLY L 16 -3.28 30.85 -46.26
C GLY L 16 -3.47 29.99 -45.02
N SER L 17 -3.33 28.67 -45.22
CA SER L 17 -3.52 27.70 -44.16
C SER L 17 -2.40 26.67 -44.16
N LEU L 18 -1.98 26.26 -42.97
CA LEU L 18 -0.92 25.30 -42.78
C LEU L 18 -1.32 24.37 -41.63
N ARG L 19 -0.77 23.15 -41.62
CA ARG L 19 -1.00 22.19 -40.56
C ARG L 19 0.32 21.72 -39.98
N LEU L 20 0.42 21.73 -38.64
CA LEU L 20 1.62 21.27 -37.94
C LEU L 20 1.32 20.03 -37.12
N SER L 21 2.25 19.09 -37.14
CA SER L 21 2.09 17.87 -36.36
C SER L 21 3.26 17.72 -35.39
N CYS L 22 2.97 17.11 -34.24
CA CYS L 22 3.95 16.79 -33.21
C CYS L 22 3.69 15.35 -32.82
N ALA L 23 4.52 14.44 -33.34
CA ALA L 23 4.41 13.02 -33.05
C ALA L 23 5.22 12.70 -31.80
N ALA L 24 4.60 12.02 -30.86
CA ALA L 24 5.23 11.68 -29.59
C ALA L 24 5.56 10.19 -29.55
N SER L 25 6.65 9.87 -28.86
CA SER L 25 6.94 8.49 -28.53
C SER L 25 7.70 8.43 -27.22
N GLY L 26 7.58 7.29 -26.54
CA GLY L 26 8.37 7.01 -25.36
C GLY L 26 7.69 7.24 -24.03
N PHE L 27 6.45 7.74 -24.02
CA PHE L 27 5.76 8.03 -22.77
C PHE L 27 4.27 7.80 -22.96
N SER L 28 3.54 7.84 -21.84
CA SER L 28 2.10 7.58 -21.82
C SER L 28 1.37 8.77 -22.44
N PHE L 29 1.40 8.82 -23.77
CA PHE L 29 0.77 9.91 -24.51
C PHE L 29 -0.68 10.12 -24.09
N GLY L 30 -1.42 9.03 -23.88
CA GLY L 30 -2.85 9.12 -23.64
C GLY L 30 -3.24 9.74 -22.31
N ASN L 31 -2.28 9.89 -21.39
CA ASN L 31 -2.56 10.40 -20.05
C ASN L 31 -2.00 11.80 -19.82
N ALA L 32 -1.63 12.52 -20.87
CA ALA L 32 -0.98 13.81 -20.73
C ALA L 32 -1.79 14.90 -21.40
N TRP L 33 -1.58 16.12 -20.92
CA TRP L 33 -2.15 17.34 -21.50
C TRP L 33 -1.10 17.93 -22.43
N MET L 34 -1.53 18.38 -23.60
CA MET L 34 -0.55 18.87 -24.56
C MET L 34 -0.76 20.33 -24.89
N ASN L 35 0.34 21.09 -24.90
CA ASN L 35 0.31 22.52 -25.16
C ASN L 35 1.10 22.84 -26.41
N TRP L 36 0.66 23.89 -27.11
CA TRP L 36 1.41 24.51 -28.18
C TRP L 36 1.85 25.89 -27.71
N VAL L 37 3.13 26.20 -27.90
CA VAL L 37 3.69 27.52 -27.60
C VAL L 37 4.48 27.97 -28.83
N ARG L 38 4.84 29.26 -28.85
CA ARG L 38 5.59 29.79 -29.97
C ARG L 38 6.57 30.85 -29.49
N GLN L 39 7.57 31.11 -30.33
CA GLN L 39 8.57 32.14 -30.08
C GLN L 39 8.86 32.87 -31.38
N ALA L 40 8.59 34.16 -31.42
CA ALA L 40 8.96 34.93 -32.60
C ALA L 40 10.44 35.29 -32.54
N PRO L 41 11.08 35.42 -33.70
CA PRO L 41 12.50 35.80 -33.71
C PRO L 41 12.76 37.10 -32.94
N GLY L 42 13.71 37.03 -32.02
CA GLY L 42 14.14 38.18 -31.26
C GLY L 42 13.35 38.50 -30.02
N LYS L 43 12.17 37.90 -29.84
CA LYS L 43 11.34 38.12 -28.67
C LYS L 43 11.20 36.82 -27.88
N GLY L 44 10.55 36.91 -26.72
CA GLY L 44 10.42 35.79 -25.82
C GLY L 44 9.25 34.88 -26.12
N LEU L 45 8.95 34.01 -25.15
CA LEU L 45 8.02 32.91 -25.32
C LEU L 45 6.59 33.35 -25.17
N GLU L 46 5.70 32.68 -25.90
CA GLU L 46 4.26 32.90 -25.79
C GLU L 46 3.56 31.55 -25.82
N TRP L 47 2.38 31.50 -25.19
CA TRP L 47 1.57 30.29 -25.12
C TRP L 47 0.36 30.47 -26.03
N VAL L 48 0.17 29.54 -26.97
CA VAL L 48 -0.96 29.62 -27.89
C VAL L 48 -2.13 28.76 -27.44
N GLY L 49 -1.92 27.50 -27.06
CA GLY L 49 -3.11 26.74 -26.70
C GLY L 49 -2.83 25.45 -25.98
N ARG L 50 -3.91 24.87 -25.43
CA ARG L 50 -3.85 23.59 -24.73
C ARG L 50 -5.02 22.68 -25.07
N ILE L 51 -4.74 21.37 -25.06
CA ILE L 51 -5.74 20.32 -25.17
C ILE L 51 -5.58 19.39 -23.97
N LYS L 52 -6.70 19.02 -23.35
CA LYS L 52 -6.71 18.14 -22.19
C LYS L 52 -6.83 16.68 -22.60
N SER L 53 -6.53 15.80 -21.65
CA SER L 53 -6.64 14.37 -21.86
C SER L 53 -8.09 13.96 -22.08
N LYS L 54 -8.26 12.82 -22.76
CA LYS L 54 -9.59 12.25 -22.95
C LYS L 54 -10.30 12.01 -21.62
N SER L 55 -9.56 11.55 -20.61
CA SER L 55 -10.16 11.21 -19.33
C SER L 55 -10.65 12.44 -18.56
N ASP L 56 -10.26 13.64 -18.97
CA ASP L 56 -10.60 14.87 -18.27
C ASP L 56 -11.41 15.80 -19.15
N GLY L 57 -12.17 15.25 -20.09
CA GLY L 57 -13.07 16.06 -20.88
C GLY L 57 -12.66 16.15 -22.32
N GLY L 58 -11.36 16.26 -22.57
CA GLY L 58 -10.86 16.39 -23.92
C GLY L 58 -11.04 17.76 -24.52
N THR L 59 -11.33 18.77 -23.71
CA THR L 59 -11.62 20.10 -24.22
C THR L 59 -10.31 20.83 -24.53
N THR L 60 -10.45 21.94 -25.27
CA THR L 60 -9.32 22.75 -25.68
C THR L 60 -9.54 24.20 -25.26
N ASP L 61 -8.46 24.87 -24.88
CA ASP L 61 -8.50 26.30 -24.65
C ASP L 61 -7.45 27.00 -25.51
N TYR L 62 -7.74 28.26 -25.84
CA TYR L 62 -6.93 29.07 -26.74
C TYR L 62 -6.75 30.45 -26.15
N ALA L 63 -5.60 31.06 -26.47
CA ALA L 63 -5.33 32.43 -26.07
C ALA L 63 -6.16 33.40 -26.90
N ALA L 64 -6.40 34.58 -26.33
CA ALA L 64 -7.34 35.51 -26.96
C ALA L 64 -6.92 35.98 -28.35
N PRO L 65 -5.65 36.30 -28.63
CA PRO L 65 -5.33 36.71 -30.01
C PRO L 65 -5.55 35.62 -31.04
N VAL L 66 -5.20 34.38 -30.70
CA VAL L 66 -5.27 33.28 -31.65
C VAL L 66 -6.61 32.55 -31.67
N LYS L 67 -7.52 32.87 -30.75
CA LYS L 67 -8.80 32.17 -30.69
C LYS L 67 -9.62 32.44 -31.95
N ASP L 68 -10.33 31.41 -32.40
CA ASP L 68 -11.25 31.36 -33.55
C ASP L 68 -10.54 31.22 -34.90
N ARG L 69 -9.22 31.12 -34.94
CA ARG L 69 -8.50 30.92 -36.20
C ARG L 69 -7.63 29.68 -36.19
N PHE L 70 -7.38 29.08 -35.02
CA PHE L 70 -6.52 27.92 -34.88
C PHE L 70 -7.33 26.81 -34.21
N ILE L 71 -7.06 25.56 -34.60
CA ILE L 71 -7.75 24.44 -33.97
C ILE L 71 -6.73 23.39 -33.56
N ILE L 72 -6.78 22.99 -32.30
CA ILE L 72 -5.86 21.99 -31.75
C ILE L 72 -6.60 20.68 -31.58
N SER L 73 -5.95 19.58 -31.92
CA SER L 73 -6.56 18.28 -31.71
C SER L 73 -5.46 17.23 -31.51
N ARG L 74 -5.88 15.98 -31.41
CA ARG L 74 -4.96 14.89 -31.13
C ARG L 74 -5.57 13.59 -31.61
N ASP L 75 -4.70 12.61 -31.85
CA ASP L 75 -5.12 11.25 -32.19
C ASP L 75 -4.27 10.29 -31.37
N ASP L 76 -4.92 9.57 -30.45
CA ASP L 76 -4.24 8.62 -29.58
C ASP L 76 -4.00 7.29 -30.24
N SER L 77 -4.44 7.13 -31.50
CA SER L 77 -4.19 5.95 -32.29
C SER L 77 -2.95 6.09 -33.14
N LYS L 78 -2.46 7.30 -33.29
CA LYS L 78 -1.21 7.55 -33.97
C LYS L 78 -0.23 8.30 -33.09
N LYS L 79 -0.63 8.64 -31.86
CA LYS L 79 0.16 9.43 -30.90
C LYS L 79 0.58 10.78 -31.46
N THR L 80 -0.36 11.50 -32.06
CA THR L 80 -0.02 12.74 -32.75
C THR L 80 -0.86 13.91 -32.26
N LEU L 81 -0.21 15.05 -32.09
CA LEU L 81 -0.87 16.32 -31.78
C LEU L 81 -0.87 17.17 -33.03
N TYR L 82 -2.00 17.79 -33.35
CA TYR L 82 -2.07 18.61 -34.55
C TYR L 82 -2.58 19.99 -34.25
N LEU L 83 -1.98 20.98 -34.91
CA LEU L 83 -2.44 22.36 -34.83
C LEU L 83 -2.76 22.79 -36.25
N GLN L 84 -4.00 23.19 -36.48
CA GLN L 84 -4.44 23.64 -37.79
C GLN L 84 -4.51 25.16 -37.77
N MET L 85 -3.67 25.81 -38.58
CA MET L 85 -3.62 27.25 -38.67
C MET L 85 -4.31 27.65 -39.97
N ASN L 86 -5.36 28.45 -39.88
CA ASN L 86 -6.07 28.89 -41.07
C ASN L 86 -6.33 30.38 -40.93
N SER L 87 -6.56 31.05 -42.05
CA SER L 87 -6.71 32.51 -42.05
C SER L 87 -5.48 33.11 -41.40
N LEU L 88 -4.31 32.70 -41.92
CA LEU L 88 -3.00 33.03 -41.35
C LEU L 88 -2.54 34.45 -41.69
N ARG L 89 -3.18 35.40 -41.03
CA ARG L 89 -2.80 36.80 -41.19
C ARG L 89 -1.42 37.01 -40.61
N ARG L 90 -0.65 37.91 -41.23
CA ARG L 90 0.68 38.29 -40.74
C ARG L 90 0.68 38.45 -39.22
N GLU L 91 1.87 38.42 -38.60
CA GLU L 91 2.18 38.46 -37.15
C GLU L 91 2.15 37.07 -36.53
N ASP L 92 1.96 36.00 -37.30
CA ASP L 92 2.06 34.64 -36.77
C ASP L 92 3.43 34.01 -36.99
N THR L 93 4.38 34.72 -37.58
CA THR L 93 5.68 34.13 -37.88
C THR L 93 6.40 33.77 -36.59
N ALA L 94 6.88 32.53 -36.49
CA ALA L 94 7.53 32.11 -35.25
C ALA L 94 7.98 30.66 -35.37
N VAL L 95 8.77 30.24 -34.37
CA VAL L 95 9.10 28.85 -34.14
C VAL L 95 8.07 28.27 -33.18
N TYR L 96 7.43 27.17 -33.57
CA TYR L 96 6.40 26.54 -32.75
C TYR L 96 6.97 25.32 -32.04
N TYR L 97 6.54 25.12 -30.78
CA TYR L 97 6.95 24.01 -29.95
C TYR L 97 5.72 23.33 -29.35
N CYS L 98 5.76 22.00 -29.27
CA CYS L 98 4.83 21.21 -28.47
C CYS L 98 5.42 20.85 -27.11
N VAL L 99 4.67 21.13 -26.04
CA VAL L 99 5.09 20.88 -24.65
C VAL L 99 4.17 19.81 -24.06
N ARG L 100 4.77 18.81 -23.39
CA ARG L 100 4.06 17.60 -23.00
C ARG L 100 3.71 17.46 -21.52
N GLY L 101 2.42 17.37 -21.24
CA GLY L 101 1.94 16.92 -19.96
C GLY L 101 2.27 17.60 -18.65
N PRO L 102 2.18 16.78 -17.60
CA PRO L 102 2.46 17.23 -16.22
C PRO L 102 3.94 17.22 -15.89
N PHE L 103 4.39 18.30 -15.25
CA PHE L 103 5.77 18.50 -14.86
C PHE L 103 6.21 17.57 -13.74
N TYR L 104 5.28 16.88 -13.08
CA TYR L 104 5.62 16.08 -11.91
C TYR L 104 5.95 14.66 -12.37
N CYS L 105 7.24 14.42 -12.57
CA CYS L 105 7.79 13.14 -13.00
C CYS L 105 8.88 12.70 -12.04
N ASP L 106 8.82 11.43 -11.62
CA ASP L 106 9.85 10.97 -10.70
C ASP L 106 11.21 10.94 -11.39
N THR L 107 11.26 10.41 -12.61
CA THR L 107 12.51 10.26 -13.35
C THR L 107 12.56 10.90 -14.74
N CYS L 108 11.59 11.73 -15.14
CA CYS L 108 11.59 12.21 -16.53
C CYS L 108 12.84 13.04 -16.85
N GLY L 109 13.21 13.98 -15.99
CA GLY L 109 14.39 14.79 -16.25
C GLY L 109 14.22 15.88 -17.29
N PRO L 110 15.26 16.69 -17.51
CA PRO L 110 15.18 17.75 -18.52
C PRO L 110 15.38 17.22 -19.93
N ASN L 111 14.84 18.00 -20.87
CA ASN L 111 14.88 17.77 -22.32
C ASN L 111 13.79 16.79 -22.68
N ASP L 112 12.92 16.46 -21.73
CA ASP L 112 11.79 15.57 -21.97
C ASP L 112 10.45 16.30 -21.98
N TYR L 113 10.44 17.63 -21.92
CA TYR L 113 9.19 18.37 -21.94
C TYR L 113 8.97 19.23 -23.16
N TRP L 114 10.01 19.56 -23.92
CA TRP L 114 9.87 20.37 -25.12
C TRP L 114 10.45 19.65 -26.33
N GLY L 115 10.03 20.09 -27.52
CA GLY L 115 10.55 19.59 -28.77
C GLY L 115 11.69 20.44 -29.27
N GLN L 116 11.98 20.30 -30.57
CA GLN L 116 13.05 21.08 -31.18
C GLN L 116 12.58 22.38 -31.84
N GLY L 117 11.36 22.44 -32.36
CA GLY L 117 10.92 23.69 -32.94
C GLY L 117 10.77 23.71 -34.45
N THR L 118 9.62 24.14 -34.93
CA THR L 118 9.34 24.23 -36.37
C THR L 118 9.07 25.67 -36.77
N LEU L 119 9.82 26.15 -37.77
CA LEU L 119 9.73 27.53 -38.20
C LEU L 119 8.57 27.72 -39.19
N VAL L 120 7.68 28.66 -38.89
CA VAL L 120 6.58 29.02 -39.77
C VAL L 120 6.73 30.50 -40.12
N THR L 121 6.88 30.78 -41.42
CA THR L 121 7.04 32.12 -41.98
C THR L 121 5.86 32.41 -42.89
N VAL L 122 5.29 33.61 -42.78
CA VAL L 122 4.16 34.02 -43.59
C VAL L 122 4.62 35.15 -44.52
N SER L 123 4.70 34.84 -45.81
CA SER L 123 5.23 35.76 -46.80
C SER L 123 5.01 35.21 -48.21
C1 NAG M . -24.82 -25.99 11.26
C2 NAG M . -24.08 -25.61 10.00
C3 NAG M . -24.95 -25.88 8.78
C4 NAG M . -25.44 -27.31 8.78
C5 NAG M . -26.10 -27.64 10.12
C6 NAG M . -26.47 -29.11 10.24
C7 NAG M . -22.54 -23.76 9.45
C8 NAG M . -22.27 -22.30 9.60
N2 NAG M . -23.66 -24.22 10.04
O3 NAG M . -24.19 -25.62 7.59
O4 NAG M . -26.37 -27.51 7.73
O5 NAG M . -25.21 -27.35 11.19
O6 NAG M . -25.35 -29.94 9.95
O7 NAG M . -21.79 -24.51 8.84
C1 NAG M . -26.17 -28.06 6.48
C2 NAG M . -27.02 -29.08 5.74
C3 NAG M . -26.73 -29.01 4.25
C4 NAG M . -26.94 -27.60 3.74
C5 NAG M . -26.16 -26.59 4.58
C6 NAG M . -26.50 -25.15 4.24
C7 NAG M . -27.75 -31.17 6.79
C8 NAG M . -27.34 -32.53 7.27
N2 NAG M . -26.79 -30.41 6.25
O3 NAG M . -27.59 -29.92 3.57
O4 NAG M . -26.52 -27.50 2.38
O5 NAG M . -26.45 -26.76 5.97
O6 NAG M . -25.94 -24.24 5.17
O7 NAG M . -28.91 -30.77 6.88
C1 NAG N . 15.94 -3.23 33.91
C2 NAG N . 16.37 -3.23 32.45
C3 NAG N . 17.52 -4.21 32.24
C4 NAG N . 18.66 -3.88 33.20
C5 NAG N . 18.14 -3.80 34.64
C6 NAG N . 19.18 -3.32 35.62
C7 NAG N . 15.11 -3.11 30.34
C8 NAG N . 13.91 -3.56 29.60
N2 NAG N . 15.25 -3.59 31.58
O3 NAG N . 17.99 -4.11 30.90
O4 NAG N . 19.67 -4.88 33.12
O5 NAG N . 17.05 -2.88 34.72
O6 NAG N . 19.78 -2.11 35.18
O7 NAG N . 15.93 -2.34 29.85
C1 NAG N . 20.85 -4.86 32.42
C2 NAG N . 22.23 -5.27 32.90
C3 NAG N . 23.12 -5.57 31.69
C4 NAG N . 22.47 -6.62 30.81
C5 NAG N . 21.04 -6.22 30.45
C6 NAG N . 20.27 -7.32 29.74
C7 NAG N . 23.19 -4.48 35.00
C8 NAG N . 23.80 -3.31 35.72
N2 NAG N . 22.83 -4.26 33.73
O3 NAG N . 24.38 -6.03 32.15
O4 NAG N . 23.22 -6.78 29.61
O5 NAG N . 20.28 -5.89 31.64
O6 NAG N . 18.89 -7.01 29.62
O7 NAG N . 23.05 -5.56 35.54
C1 NAG O . -22.76 25.73 15.47
C2 NAG O . -21.88 25.59 14.25
C3 NAG O . -21.24 26.93 13.90
C4 NAG O . -22.31 28.01 13.76
C5 NAG O . -23.22 28.03 14.99
C6 NAG O . -24.40 28.96 14.83
C7 NAG O . -20.36 23.82 13.47
C8 NAG O . -19.32 22.83 13.87
N2 NAG O . -20.85 24.59 14.46
O3 NAG O . -20.52 26.82 12.69
O4 NAG O . -21.71 29.28 13.58
O5 NAG O . -23.75 26.72 15.23
O6 NAG O . -25.11 28.68 13.62
O7 NAG O . -20.75 23.93 12.32
C1 NAG O . -21.48 29.99 12.43
C2 NAG O . -21.73 31.47 12.16
C3 NAG O . -20.89 31.92 10.98
C4 NAG O . -19.42 31.62 11.23
C5 NAG O . -19.23 30.16 11.62
C6 NAG O . -17.81 29.86 12.09
C7 NAG O . -23.87 32.54 12.67
C8 NAG O . -25.32 32.68 12.27
N2 NAG O . -23.14 31.71 11.92
O3 NAG O . -21.08 33.31 10.78
O4 NAG O . -18.67 31.90 10.06
O5 NAG O . -20.10 29.78 12.70
O6 NAG O . -17.71 28.55 12.65
O7 NAG O . -23.40 33.14 13.62
#